data_1JC2
#
_entry.id   1JC2
#
_cell.length_a   ?
_cell.length_b   ?
_cell.length_c   ?
_cell.angle_alpha   ?
_cell.angle_beta   ?
_cell.angle_gamma   ?
#
loop_
_entity.id
_entity.type
_entity.pdbx_description
1 polymer 'TROPONIN C, SKELETAL MUSCLE'
2 non-polymer 'CALCIUM ION'
#
_entity_poly.entity_id   1
_entity_poly.type   'polypeptide(L)'
_entity_poly.pdbx_seq_one_letter_code
;MEDAKGKSEEELANCFRIFDKNADGFIDIEELGEILRATGEHVIEEDIEDLMKDSDKNNDGRIDFDEFLKMMEGVQ
;
_entity_poly.pdbx_strand_id   A
#
# COMPACT_ATOMS: atom_id res chain seq x y z
N GLU A 2 -9.78 16.93 -12.18
CA GLU A 2 -10.83 16.04 -11.59
C GLU A 2 -10.89 16.23 -10.07
N ASP A 3 -11.05 17.45 -9.62
CA ASP A 3 -11.12 17.69 -8.15
C ASP A 3 -9.78 17.34 -7.49
N ALA A 4 -9.45 18.00 -6.41
CA ALA A 4 -8.16 17.69 -5.72
C ALA A 4 -8.42 16.83 -4.48
N LYS A 5 -7.48 16.01 -4.10
CA LYS A 5 -7.67 15.15 -2.91
C LYS A 5 -7.26 15.90 -1.63
N GLY A 6 -6.37 16.84 -1.76
CA GLY A 6 -5.93 17.60 -0.56
C GLY A 6 -4.98 16.74 0.27
N LYS A 7 -5.27 16.58 1.54
CA LYS A 7 -4.37 15.75 2.41
C LYS A 7 -2.90 16.05 2.10
N SER A 8 -2.02 15.16 2.43
CA SER A 8 -0.58 15.40 2.16
C SER A 8 0.25 14.17 2.54
N GLU A 9 1.45 14.07 2.02
CA GLU A 9 2.30 12.88 2.35
C GLU A 9 2.38 12.69 3.87
N GLU A 10 2.58 13.77 4.60
CA GLU A 10 2.66 13.65 6.08
C GLU A 10 1.62 12.66 6.61
N GLU A 11 0.36 12.97 6.43
CA GLU A 11 -0.70 12.04 6.93
C GLU A 11 -0.43 10.62 6.46
N LEU A 12 -0.31 10.41 5.17
CA LEU A 12 -0.05 9.04 4.66
C LEU A 12 1.14 8.42 5.41
N ALA A 13 2.20 9.16 5.57
CA ALA A 13 3.40 8.62 6.28
C ALA A 13 2.96 7.86 7.53
N ASN A 14 2.27 8.51 8.43
CA ASN A 14 1.82 7.83 9.67
C ASN A 14 1.05 6.55 9.33
N CYS A 15 0.06 6.65 8.48
CA CYS A 15 -0.74 5.45 8.11
C CYS A 15 0.19 4.26 7.85
N PHE A 16 1.39 4.51 7.41
CA PHE A 16 2.34 3.38 7.13
C PHE A 16 2.28 2.35 8.26
N ARG A 17 2.58 2.77 9.46
CA ARG A 17 2.55 1.80 10.61
C ARG A 17 1.16 1.16 10.74
N ILE A 18 0.13 1.91 10.48
CA ILE A 18 -1.24 1.33 10.59
C ILE A 18 -1.36 0.11 9.67
N PHE A 19 -0.64 0.09 8.59
CA PHE A 19 -0.70 -1.08 7.67
C PHE A 19 0.11 -2.24 8.23
N ASP A 20 1.35 -2.01 8.54
CA ASP A 20 2.20 -3.10 9.09
C ASP A 20 1.70 -3.49 10.49
N LYS A 21 0.75 -4.39 10.56
CA LYS A 21 0.23 -4.81 11.89
C LYS A 21 1.10 -5.90 12.50
N ASN A 22 2.10 -6.34 11.79
CA ASN A 22 2.99 -7.41 12.33
C ASN A 22 4.45 -7.01 12.16
N ALA A 23 5.32 -7.50 13.00
CA ALA A 23 6.76 -7.15 12.88
C ALA A 23 7.25 -7.40 11.46
N ASP A 24 7.15 -6.41 10.62
CA ASP A 24 7.60 -6.58 9.20
C ASP A 24 8.27 -5.30 8.70
N GLY A 25 7.78 -4.16 9.13
CA GLY A 25 8.38 -2.88 8.68
C GLY A 25 8.18 -2.72 7.17
N PHE A 26 7.39 -3.57 6.57
CA PHE A 26 7.15 -3.47 5.10
C PHE A 26 5.78 -4.06 4.75
N ILE A 27 5.13 -3.53 3.75
CA ILE A 27 3.80 -4.07 3.36
C ILE A 27 3.96 -5.16 2.29
N ASP A 28 3.61 -6.38 2.63
CA ASP A 28 3.74 -7.48 1.64
C ASP A 28 2.38 -7.77 1.00
N ILE A 29 2.32 -8.71 0.10
CA ILE A 29 1.03 -9.04 -0.57
C ILE A 29 0.05 -9.63 0.46
N GLU A 30 0.51 -10.52 1.29
CA GLU A 30 -0.39 -11.12 2.32
C GLU A 30 -1.14 -10.01 3.08
N GLU A 31 -0.43 -8.99 3.48
CA GLU A 31 -1.09 -7.87 4.21
C GLU A 31 -2.10 -7.16 3.30
N LEU A 32 -1.75 -7.00 2.05
CA LEU A 32 -2.68 -6.31 1.10
C LEU A 32 -4.02 -7.04 1.06
N GLY A 33 -3.99 -8.35 1.10
CA GLY A 33 -5.26 -9.13 1.05
C GLY A 33 -6.26 -8.55 2.04
N GLU A 34 -6.14 -8.89 3.29
CA GLU A 34 -7.09 -8.36 4.32
C GLU A 34 -7.35 -6.86 4.10
N ILE A 35 -6.32 -6.07 4.04
CA ILE A 35 -6.51 -4.61 3.83
C ILE A 35 -7.58 -4.35 2.77
N LEU A 36 -7.36 -4.81 1.56
CA LEU A 36 -8.36 -4.59 0.49
C LEU A 36 -9.64 -5.39 0.80
N ARG A 37 -9.51 -6.62 1.19
CA ARG A 37 -10.71 -7.44 1.51
C ARG A 37 -11.62 -6.70 2.48
N ALA A 38 -11.06 -6.05 3.46
CA ALA A 38 -11.89 -5.31 4.46
C ALA A 38 -12.93 -4.44 3.73
N THR A 39 -12.56 -3.85 2.64
CA THR A 39 -13.52 -2.98 1.90
C THR A 39 -14.54 -3.84 1.15
N GLY A 40 -15.33 -3.24 0.29
CA GLY A 40 -16.34 -4.03 -0.46
C GLY A 40 -15.96 -4.07 -1.94
N GLU A 41 -14.78 -4.55 -2.24
CA GLU A 41 -14.35 -4.61 -3.67
C GLU A 41 -14.12 -6.07 -4.09
N HIS A 42 -14.13 -6.97 -3.15
CA HIS A 42 -13.92 -8.41 -3.50
C HIS A 42 -12.68 -8.55 -4.40
N VAL A 43 -11.52 -8.29 -3.87
CA VAL A 43 -10.28 -8.40 -4.70
C VAL A 43 -9.70 -9.81 -4.63
N ILE A 44 -9.07 -10.25 -5.67
CA ILE A 44 -8.49 -11.62 -5.68
C ILE A 44 -6.97 -11.53 -5.84
N GLU A 45 -6.25 -12.53 -5.38
CA GLU A 45 -4.77 -12.50 -5.51
C GLU A 45 -4.33 -11.94 -6.87
N GLU A 46 -4.89 -12.44 -7.95
CA GLU A 46 -4.50 -11.94 -9.29
C GLU A 46 -4.60 -10.41 -9.35
N ASP A 47 -5.51 -9.82 -8.64
CA ASP A 47 -5.63 -8.33 -8.67
C ASP A 47 -4.67 -7.72 -7.65
N ILE A 48 -4.65 -8.24 -6.46
CA ILE A 48 -3.73 -7.71 -5.42
C ILE A 48 -2.29 -7.80 -5.93
N GLU A 49 -1.96 -8.86 -6.63
CA GLU A 49 -0.58 -9.02 -7.14
C GLU A 49 -0.21 -7.82 -8.03
N ASP A 50 -1.07 -7.45 -8.93
CA ASP A 50 -0.77 -6.29 -9.82
C ASP A 50 -0.42 -5.05 -8.97
N LEU A 51 -1.18 -4.81 -7.93
CA LEU A 51 -0.89 -3.63 -7.06
C LEU A 51 0.57 -3.66 -6.59
N MET A 52 1.04 -4.79 -6.18
CA MET A 52 2.46 -4.90 -5.72
C MET A 52 3.43 -4.61 -6.87
N LYS A 53 3.13 -5.14 -8.03
CA LYS A 53 4.03 -4.90 -9.20
C LYS A 53 4.22 -3.41 -9.44
N ASP A 54 3.15 -2.68 -9.63
CA ASP A 54 3.27 -1.21 -9.87
C ASP A 54 4.02 -0.53 -8.71
N SER A 55 4.10 -1.17 -7.58
CA SER A 55 4.82 -0.54 -6.43
C SER A 55 6.22 -1.16 -6.26
N ASP A 56 6.27 -2.44 -5.99
CA ASP A 56 7.59 -3.10 -5.80
C ASP A 56 8.63 -2.56 -6.80
N LYS A 57 9.38 -1.58 -6.40
CA LYS A 57 10.41 -1.01 -7.32
C LYS A 57 11.75 -1.70 -7.09
N ASN A 58 11.84 -2.55 -6.10
CA ASN A 58 13.13 -3.25 -5.84
C ASN A 58 12.90 -4.77 -5.77
N ASN A 59 11.83 -5.24 -6.35
CA ASN A 59 11.55 -6.70 -6.33
C ASN A 59 11.72 -7.25 -4.90
N ASP A 60 11.16 -6.59 -3.93
CA ASP A 60 11.28 -7.08 -2.53
C ASP A 60 9.96 -7.70 -2.07
N GLY A 61 9.07 -7.98 -2.99
CA GLY A 61 7.78 -8.59 -2.60
C GLY A 61 7.19 -7.82 -1.40
N ARG A 62 7.47 -6.54 -1.31
CA ARG A 62 6.94 -5.75 -0.17
C ARG A 62 6.91 -4.26 -0.54
N ILE A 63 5.79 -3.62 -0.35
CA ILE A 63 5.68 -2.17 -0.67
C ILE A 63 6.22 -1.34 0.50
N ASP A 64 7.19 -0.49 0.24
CA ASP A 64 7.75 0.34 1.35
C ASP A 64 7.09 1.73 1.35
N PHE A 65 7.66 2.66 2.08
CA PHE A 65 7.06 4.03 2.12
C PHE A 65 7.16 4.69 0.75
N ASP A 66 8.28 4.57 0.10
CA ASP A 66 8.44 5.18 -1.25
C ASP A 66 7.47 4.55 -2.25
N GLU A 67 7.56 3.26 -2.44
CA GLU A 67 6.64 2.59 -3.40
C GLU A 67 5.18 2.76 -2.95
N PHE A 68 4.92 2.61 -1.68
CA PHE A 68 3.53 2.76 -1.18
C PHE A 68 2.99 4.14 -1.56
N LEU A 69 3.57 5.18 -1.03
CA LEU A 69 3.08 6.55 -1.35
C LEU A 69 2.86 6.68 -2.86
N LYS A 70 3.81 6.26 -3.65
CA LYS A 70 3.64 6.36 -5.13
C LYS A 70 2.26 5.84 -5.54
N MET A 71 1.87 4.70 -5.03
CA MET A 71 0.54 4.14 -5.40
C MET A 71 -0.58 4.98 -4.77
N MET A 72 -0.53 5.18 -3.47
CA MET A 72 -1.58 6.00 -2.81
C MET A 72 -1.85 7.27 -3.62
N GLU A 73 -0.83 7.84 -4.20
CA GLU A 73 -1.03 9.07 -5.01
C GLU A 73 -1.92 8.78 -6.22
N GLY A 74 -1.72 7.65 -6.85
CA GLY A 74 -2.56 7.30 -8.03
C GLY A 74 -3.37 6.03 -7.72
N VAL A 75 -4.23 6.10 -6.74
CA VAL A 75 -5.05 4.91 -6.38
C VAL A 75 -5.68 4.30 -7.63
N GLN A 76 -5.77 3.00 -7.68
CA GLN A 76 -6.37 2.33 -8.87
C GLN A 76 -5.63 2.76 -10.14
N GLU A 2 -0.05 13.45 -15.10
CA GLU A 2 -1.14 14.33 -15.62
C GLU A 2 -1.75 15.15 -14.48
N ASP A 3 -1.26 14.96 -13.29
CA ASP A 3 -1.81 15.73 -12.12
C ASP A 3 -0.81 15.73 -10.97
N ALA A 4 -1.04 16.54 -9.97
CA ALA A 4 -0.10 16.58 -8.82
C ALA A 4 -0.90 16.69 -7.50
N LYS A 5 -2.19 16.59 -7.57
CA LYS A 5 -3.01 16.68 -6.32
C LYS A 5 -2.66 15.54 -5.37
N GLY A 6 -2.01 15.84 -4.28
CA GLY A 6 -1.64 14.77 -3.32
C GLY A 6 -2.00 15.21 -1.90
N LYS A 7 -1.53 14.51 -0.90
CA LYS A 7 -1.84 14.90 0.50
C LYS A 7 -0.57 14.95 1.34
N SER A 8 0.54 15.25 0.72
CA SER A 8 1.83 15.32 1.48
C SER A 8 2.16 13.96 2.10
N GLU A 9 3.42 13.64 2.20
CA GLU A 9 3.81 12.32 2.79
C GLU A 9 3.15 12.13 4.16
N GLU A 10 3.15 13.16 4.97
CA GLU A 10 2.53 13.05 6.33
C GLU A 10 1.26 12.20 6.29
N GLU A 11 0.24 12.67 5.64
CA GLU A 11 -1.03 11.88 5.58
C GLU A 11 -0.75 10.43 5.21
N LEU A 12 -0.27 10.18 4.02
CA LEU A 12 0.02 8.77 3.60
C LEU A 12 0.87 8.06 4.66
N ALA A 13 1.99 8.61 5.00
CA ALA A 13 2.87 7.95 6.02
C ALA A 13 2.04 7.47 7.22
N ASN A 14 1.15 8.29 7.70
CA ASN A 14 0.31 7.87 8.87
C ASN A 14 -0.31 6.49 8.63
N CYS A 15 -0.98 6.32 7.52
CA CYS A 15 -1.63 5.01 7.24
C CYS A 15 -0.58 3.88 7.17
N PHE A 16 0.66 4.22 7.02
CA PHE A 16 1.72 3.17 6.93
C PHE A 16 1.56 2.13 8.06
N ARG A 17 1.24 2.57 9.24
CA ARG A 17 1.08 1.61 10.37
C ARG A 17 -0.22 0.83 10.24
N ILE A 18 -1.28 1.46 9.80
CA ILE A 18 -2.58 0.74 9.66
C ILE A 18 -2.42 -0.48 8.75
N PHE A 19 -1.61 -0.40 7.74
CA PHE A 19 -1.42 -1.56 6.83
C PHE A 19 -0.45 -2.57 7.43
N ASP A 20 0.57 -2.10 8.11
CA ASP A 20 1.54 -3.05 8.73
C ASP A 20 0.98 -3.62 10.03
N LYS A 21 0.11 -4.59 9.94
CA LYS A 21 -0.48 -5.18 11.17
C LYS A 21 0.62 -5.65 12.13
N ASN A 22 1.75 -6.04 11.61
CA ASN A 22 2.86 -6.49 12.51
C ASN A 22 4.00 -5.48 12.51
N ALA A 23 5.20 -5.92 12.74
CA ALA A 23 6.36 -4.98 12.75
C ALA A 23 7.40 -5.40 11.72
N ASP A 24 6.97 -5.68 10.51
CA ASP A 24 7.93 -6.10 9.45
C ASP A 24 8.58 -4.87 8.81
N GLY A 25 7.98 -3.72 8.98
CA GLY A 25 8.56 -2.49 8.37
C GLY A 25 8.18 -2.43 6.88
N PHE A 26 7.55 -3.45 6.38
CA PHE A 26 7.16 -3.45 4.93
C PHE A 26 5.81 -4.17 4.76
N ILE A 27 4.93 -3.61 3.98
CA ILE A 27 3.60 -4.28 3.78
C ILE A 27 3.72 -5.36 2.71
N ASP A 28 3.43 -6.58 3.04
CA ASP A 28 3.53 -7.68 2.02
C ASP A 28 2.22 -7.80 1.25
N ILE A 29 2.18 -8.67 0.29
CA ILE A 29 0.92 -8.85 -0.51
C ILE A 29 -0.16 -9.50 0.35
N GLU A 30 0.20 -10.46 1.14
CA GLU A 30 -0.81 -11.14 2.00
C GLU A 30 -1.56 -10.10 2.85
N GLU A 31 -0.84 -9.22 3.49
CA GLU A 31 -1.51 -8.17 4.33
C GLU A 31 -2.55 -7.42 3.50
N LEU A 32 -2.18 -6.96 2.33
CA LEU A 32 -3.16 -6.21 1.49
C LEU A 32 -4.38 -7.10 1.17
N GLY A 33 -4.16 -8.36 0.92
CA GLY A 33 -5.30 -9.26 0.61
C GLY A 33 -6.36 -9.15 1.71
N GLU A 34 -6.10 -9.71 2.85
CA GLU A 34 -7.11 -9.64 3.96
C GLU A 34 -7.48 -8.19 4.25
N ILE A 35 -6.53 -7.31 4.31
CA ILE A 35 -6.84 -5.88 4.60
C ILE A 35 -7.90 -5.36 3.62
N LEU A 36 -7.64 -5.47 2.34
CA LEU A 36 -8.63 -4.99 1.35
C LEU A 36 -9.92 -5.80 1.44
N ARG A 37 -9.82 -7.10 1.34
CA ARG A 37 -11.05 -7.94 1.44
C ARG A 37 -11.79 -7.66 2.75
N ALA A 38 -11.06 -7.48 3.82
CA ALA A 38 -11.72 -7.19 5.13
C ALA A 38 -12.69 -6.01 4.99
N THR A 39 -12.51 -5.20 3.98
CA THR A 39 -13.42 -4.03 3.79
C THR A 39 -14.66 -4.45 3.01
N GLY A 40 -14.74 -5.69 2.60
CA GLY A 40 -15.92 -6.15 1.83
C GLY A 40 -15.80 -5.69 0.38
N GLU A 41 -14.64 -5.27 -0.03
CA GLU A 41 -14.46 -4.81 -1.44
C GLU A 41 -14.32 -6.01 -2.37
N HIS A 42 -14.38 -7.19 -1.85
CA HIS A 42 -14.26 -8.41 -2.71
C HIS A 42 -13.14 -8.22 -3.75
N VAL A 43 -12.01 -7.72 -3.33
CA VAL A 43 -10.89 -7.51 -4.30
C VAL A 43 -10.20 -8.84 -4.60
N ILE A 44 -9.57 -8.94 -5.73
CA ILE A 44 -8.87 -10.21 -6.08
C ILE A 44 -7.36 -9.99 -6.17
N GLU A 45 -6.59 -10.91 -5.66
CA GLU A 45 -5.11 -10.75 -5.70
C GLU A 45 -4.66 -10.21 -7.06
N GLU A 46 -5.22 -10.72 -8.12
CA GLU A 46 -4.84 -10.24 -9.48
C GLU A 46 -4.66 -8.72 -9.49
N ASP A 47 -5.50 -8.01 -8.78
CA ASP A 47 -5.37 -6.52 -8.74
C ASP A 47 -4.37 -6.12 -7.66
N ILE A 48 -4.52 -6.66 -6.48
CA ILE A 48 -3.58 -6.32 -5.38
C ILE A 48 -2.16 -6.67 -5.80
N GLU A 49 -2.00 -7.78 -6.48
CA GLU A 49 -0.65 -8.20 -6.93
C GLU A 49 -0.12 -7.21 -7.99
N ASP A 50 -0.96 -6.79 -8.89
CA ASP A 50 -0.50 -5.84 -9.94
C ASP A 50 0.10 -4.59 -9.29
N LEU A 51 -0.51 -4.09 -8.25
CA LEU A 51 0.03 -2.88 -7.57
C LEU A 51 1.43 -3.15 -7.03
N MET A 52 1.67 -4.35 -6.56
CA MET A 52 3.02 -4.68 -6.02
C MET A 52 4.07 -4.55 -7.12
N LYS A 53 3.75 -4.98 -8.31
CA LYS A 53 4.73 -4.87 -9.42
C LYS A 53 5.11 -3.40 -9.65
N ASP A 54 4.15 -2.54 -9.75
CA ASP A 54 4.46 -1.10 -9.97
C ASP A 54 5.13 -0.51 -8.72
N SER A 55 4.64 -0.86 -7.55
CA SER A 55 5.26 -0.32 -6.30
C SER A 55 6.61 -1.00 -6.04
N ASP A 56 6.60 -2.28 -5.81
CA ASP A 56 7.88 -3.00 -5.54
C ASP A 56 8.95 -2.58 -6.55
N LYS A 57 9.80 -1.66 -6.17
CA LYS A 57 10.87 -1.22 -7.11
C LYS A 57 12.04 -2.20 -7.06
N ASN A 58 12.18 -2.90 -5.96
CA ASN A 58 13.30 -3.89 -5.83
C ASN A 58 12.75 -5.32 -5.92
N ASN A 59 11.54 -5.47 -6.37
CA ASN A 59 10.95 -6.84 -6.48
C ASN A 59 11.17 -7.62 -5.17
N ASP A 60 10.88 -7.01 -4.06
CA ASP A 60 11.08 -7.71 -2.75
C ASP A 60 9.73 -8.13 -2.18
N GLY A 61 8.74 -8.31 -3.02
CA GLY A 61 7.40 -8.73 -2.53
C GLY A 61 7.03 -7.90 -1.30
N ARG A 62 7.42 -6.65 -1.27
CA ARG A 62 7.09 -5.79 -0.09
C ARG A 62 7.14 -4.32 -0.48
N ILE A 63 6.05 -3.60 -0.31
CA ILE A 63 6.04 -2.16 -0.66
C ILE A 63 6.61 -1.35 0.50
N ASP A 64 7.69 -0.65 0.29
CA ASP A 64 8.28 0.15 1.40
C ASP A 64 7.84 1.61 1.31
N PHE A 65 8.29 2.44 2.21
CA PHE A 65 7.88 3.87 2.18
C PHE A 65 8.05 4.45 0.78
N ASP A 66 9.24 4.42 0.25
CA ASP A 66 9.48 4.97 -1.12
C ASP A 66 8.45 4.40 -2.10
N GLU A 67 8.44 3.10 -2.28
CA GLU A 67 7.47 2.49 -3.23
C GLU A 67 6.02 2.79 -2.79
N PHE A 68 5.77 2.74 -1.51
CA PHE A 68 4.39 3.00 -1.01
C PHE A 68 3.93 4.42 -1.40
N LEU A 69 4.83 5.36 -1.46
CA LEU A 69 4.44 6.75 -1.82
C LEU A 69 4.14 6.87 -3.32
N LYS A 70 4.98 6.32 -4.15
CA LYS A 70 4.75 6.43 -5.62
C LYS A 70 3.50 5.62 -6.02
N MET A 71 3.40 4.40 -5.60
CA MET A 71 2.20 3.59 -5.97
C MET A 71 0.93 4.42 -5.82
N MET A 72 0.74 5.06 -4.70
CA MET A 72 -0.49 5.89 -4.52
C MET A 72 -0.15 7.37 -4.72
N GLU A 73 0.25 7.74 -5.90
CA GLU A 73 0.59 9.17 -6.16
C GLU A 73 -0.68 9.99 -6.42
N GLY A 74 -1.42 10.29 -5.39
CA GLY A 74 -2.66 11.09 -5.58
C GLY A 74 -3.85 10.15 -5.78
N VAL A 75 -3.71 9.17 -6.64
CA VAL A 75 -4.83 8.23 -6.88
C VAL A 75 -5.38 7.70 -5.55
N GLN A 76 -6.65 7.89 -5.31
CA GLN A 76 -7.24 7.40 -4.04
C GLN A 76 -6.49 7.98 -2.84
N GLU A 2 10.89 12.95 -3.90
CA GLU A 2 9.53 13.42 -3.51
C GLU A 2 9.57 14.90 -3.15
N ASP A 3 8.69 15.69 -3.70
CA ASP A 3 8.68 17.15 -3.38
C ASP A 3 7.43 17.50 -2.58
N ALA A 4 6.45 16.64 -2.58
CA ALA A 4 5.20 16.93 -1.81
C ALA A 4 4.46 18.12 -2.43
N LYS A 5 3.28 17.88 -2.97
CA LYS A 5 2.52 19.01 -3.58
C LYS A 5 1.22 19.23 -2.81
N GLY A 6 1.29 19.30 -1.51
CA GLY A 6 0.06 19.53 -0.71
C GLY A 6 0.02 18.52 0.44
N LYS A 7 0.26 17.27 0.16
CA LYS A 7 0.24 16.23 1.24
C LYS A 7 1.64 16.03 1.80
N SER A 8 1.88 16.50 2.99
CA SER A 8 3.24 16.34 3.60
C SER A 8 3.61 14.86 3.72
N GLU A 9 4.83 14.52 3.44
CA GLU A 9 5.25 13.09 3.54
C GLU A 9 4.69 12.47 4.82
N GLU A 10 4.82 13.15 5.92
CA GLU A 10 4.29 12.61 7.21
C GLU A 10 2.83 12.16 7.02
N GLU A 11 2.08 12.90 6.28
CA GLU A 11 0.65 12.53 6.06
C GLU A 11 0.56 11.07 5.62
N LEU A 12 1.06 10.75 4.46
CA LEU A 12 1.01 9.34 3.98
C LEU A 12 1.53 8.39 5.05
N ALA A 13 2.64 8.73 5.66
CA ALA A 13 3.20 7.86 6.73
C ALA A 13 2.10 7.45 7.72
N ASN A 14 1.26 8.38 8.10
CA ASN A 14 0.17 8.06 9.06
C ASN A 14 -0.56 6.78 8.63
N CYS A 15 -0.90 6.68 7.37
CA CYS A 15 -1.63 5.47 6.89
C CYS A 15 -0.67 4.29 6.71
N PHE A 16 0.58 4.55 6.47
CA PHE A 16 1.55 3.44 6.28
C PHE A 16 1.49 2.44 7.45
N ARG A 17 1.79 2.89 8.64
CA ARG A 17 1.76 1.97 9.81
C ARG A 17 0.38 1.34 9.97
N ILE A 18 -0.66 2.01 9.54
CA ILE A 18 -2.02 1.44 9.68
C ILE A 18 -2.14 0.13 8.91
N PHE A 19 -1.34 -0.04 7.88
CA PHE A 19 -1.41 -1.30 7.10
C PHE A 19 -0.55 -2.38 7.74
N ASP A 20 0.50 -1.99 8.41
CA ASP A 20 1.39 -3.00 9.08
C ASP A 20 0.77 -3.47 10.39
N LYS A 21 0.43 -4.73 10.49
CA LYS A 21 -0.17 -5.25 11.74
C LYS A 21 0.83 -6.09 12.52
N ASN A 22 1.93 -6.44 11.91
CA ASN A 22 2.95 -7.27 12.62
C ASN A 22 4.26 -6.48 12.78
N ALA A 23 4.21 -5.19 12.61
CA ALA A 23 5.44 -4.37 12.76
C ALA A 23 6.62 -5.06 12.05
N ASP A 24 6.70 -4.93 10.76
CA ASP A 24 7.82 -5.56 10.01
C ASP A 24 8.70 -4.50 9.36
N GLY A 25 8.11 -3.41 8.94
CA GLY A 25 8.91 -2.34 8.28
C GLY A 25 8.52 -2.25 6.82
N PHE A 26 7.84 -3.25 6.32
CA PHE A 26 7.43 -3.23 4.88
C PHE A 26 6.11 -3.99 4.71
N ILE A 27 5.23 -3.51 3.88
CA ILE A 27 3.93 -4.22 3.67
C ILE A 27 4.09 -5.36 2.67
N ASP A 28 3.62 -6.54 3.01
CA ASP A 28 3.75 -7.70 2.08
C ASP A 28 2.47 -7.84 1.26
N ILE A 29 2.39 -8.86 0.43
CA ILE A 29 1.17 -9.06 -0.40
C ILE A 29 0.06 -9.69 0.43
N GLU A 30 0.37 -10.70 1.20
CA GLU A 30 -0.68 -11.36 2.03
C GLU A 30 -1.48 -10.31 2.80
N GLU A 31 -0.84 -9.25 3.22
CA GLU A 31 -1.57 -8.19 3.98
C GLU A 31 -2.53 -7.45 3.04
N LEU A 32 -2.10 -7.15 1.85
CA LEU A 32 -2.97 -6.44 0.88
C LEU A 32 -4.27 -7.23 0.65
N GLY A 33 -4.17 -8.53 0.60
CA GLY A 33 -5.39 -9.36 0.38
C GLY A 33 -6.43 -9.06 1.46
N GLU A 34 -6.21 -9.52 2.66
CA GLU A 34 -7.18 -9.27 3.76
C GLU A 34 -7.46 -7.77 3.90
N ILE A 35 -6.45 -6.95 3.85
CA ILE A 35 -6.67 -5.48 3.98
C ILE A 35 -7.85 -5.03 3.11
N LEU A 36 -7.80 -5.30 1.83
CA LEU A 36 -8.91 -4.88 0.93
C LEU A 36 -10.19 -5.65 1.27
N ARG A 37 -10.12 -6.95 1.32
CA ARG A 37 -11.35 -7.76 1.63
C ARG A 37 -12.05 -7.20 2.86
N ALA A 38 -11.32 -6.63 3.78
CA ALA A 38 -11.97 -6.07 5.00
C ALA A 38 -13.04 -5.04 4.63
N THR A 39 -12.69 -4.02 3.89
CA THR A 39 -13.69 -2.99 3.52
C THR A 39 -14.80 -3.61 2.65
N GLY A 40 -14.61 -4.82 2.21
CA GLY A 40 -15.65 -5.48 1.37
C GLY A 40 -15.14 -5.65 -0.06
N GLU A 41 -14.26 -4.78 -0.49
CA GLU A 41 -13.72 -4.89 -1.87
C GLU A 41 -13.18 -6.30 -2.12
N HIS A 42 -13.99 -7.18 -2.65
CA HIS A 42 -13.52 -8.57 -2.92
C HIS A 42 -12.46 -8.55 -4.03
N VAL A 43 -11.26 -8.17 -3.70
CA VAL A 43 -10.18 -8.12 -4.74
C VAL A 43 -9.54 -9.51 -4.89
N ILE A 44 -9.29 -9.92 -6.10
CA ILE A 44 -8.67 -11.26 -6.32
C ILE A 44 -7.14 -11.12 -6.38
N GLU A 45 -6.42 -12.07 -5.85
CA GLU A 45 -4.94 -11.99 -5.86
C GLU A 45 -4.45 -11.50 -7.23
N GLU A 46 -4.96 -12.06 -8.29
CA GLU A 46 -4.51 -11.62 -9.65
C GLU A 46 -4.53 -10.09 -9.76
N ASP A 47 -5.37 -9.45 -9.00
CA ASP A 47 -5.43 -7.96 -9.05
C ASP A 47 -4.44 -7.37 -8.04
N ILE A 48 -4.38 -7.94 -6.87
CA ILE A 48 -3.43 -7.44 -5.84
C ILE A 48 -1.99 -7.65 -6.30
N GLU A 49 -1.73 -8.75 -6.94
CA GLU A 49 -0.34 -9.02 -7.42
C GLU A 49 0.14 -7.86 -8.30
N ASP A 50 -0.66 -7.45 -9.24
CA ASP A 50 -0.26 -6.31 -10.12
C ASP A 50 0.10 -5.08 -9.28
N LEU A 51 -0.72 -4.77 -8.31
CA LEU A 51 -0.42 -3.58 -7.45
C LEU A 51 1.01 -3.68 -6.89
N MET A 52 1.30 -4.75 -6.19
CA MET A 52 2.67 -4.91 -5.63
C MET A 52 3.71 -4.83 -6.75
N LYS A 53 3.30 -5.06 -7.96
CA LYS A 53 4.26 -4.99 -9.10
C LYS A 53 4.64 -3.55 -9.40
N ASP A 54 3.68 -2.67 -9.43
CA ASP A 54 3.98 -1.23 -9.73
C ASP A 54 4.66 -0.56 -8.53
N SER A 55 4.29 -0.93 -7.34
CA SER A 55 4.91 -0.31 -6.13
C SER A 55 6.34 -0.82 -5.94
N ASP A 56 6.50 -2.09 -5.69
CA ASP A 56 7.87 -2.65 -5.49
C ASP A 56 8.84 -2.05 -6.50
N LYS A 57 9.57 -1.03 -6.11
CA LYS A 57 10.54 -0.40 -7.04
C LYS A 57 11.75 -1.31 -7.24
N ASN A 58 11.79 -2.42 -6.54
CA ASN A 58 12.94 -3.35 -6.69
C ASN A 58 12.45 -4.81 -6.66
N ASN A 59 11.20 -5.02 -6.97
CA ASN A 59 10.66 -6.41 -6.97
C ASN A 59 11.04 -7.12 -5.66
N ASP A 60 10.25 -6.95 -4.64
CA ASP A 60 10.56 -7.62 -3.34
C ASP A 60 9.27 -8.15 -2.69
N GLY A 61 8.23 -8.28 -3.46
CA GLY A 61 6.95 -8.79 -2.89
C GLY A 61 6.61 -8.04 -1.60
N ARG A 62 6.99 -6.80 -1.51
CA ARG A 62 6.70 -6.02 -0.27
C ARG A 62 6.72 -4.51 -0.57
N ILE A 63 5.64 -3.83 -0.32
CA ILE A 63 5.60 -2.36 -0.58
C ILE A 63 6.20 -1.61 0.61
N ASP A 64 7.20 -0.81 0.38
CA ASP A 64 7.85 -0.06 1.49
C ASP A 64 7.40 1.41 1.47
N PHE A 65 7.93 2.20 2.38
CA PHE A 65 7.54 3.64 2.43
C PHE A 65 7.65 4.28 1.04
N ASP A 66 8.83 4.32 0.48
CA ASP A 66 9.00 4.93 -0.86
C ASP A 66 7.95 4.39 -1.84
N GLU A 67 7.91 3.10 -2.02
CA GLU A 67 6.90 2.52 -2.95
C GLU A 67 5.49 2.87 -2.48
N PHE A 68 5.26 2.83 -1.20
CA PHE A 68 3.90 3.16 -0.68
C PHE A 68 3.56 4.61 -1.00
N LEU A 69 4.42 5.53 -0.66
CA LEU A 69 4.14 6.96 -0.94
C LEU A 69 3.65 7.15 -2.38
N LYS A 70 4.40 6.67 -3.33
CA LYS A 70 3.98 6.82 -4.76
C LYS A 70 2.64 6.13 -5.00
N MET A 71 2.51 4.89 -4.61
CA MET A 71 1.22 4.17 -4.83
C MET A 71 0.05 5.04 -4.35
N MET A 72 0.17 5.60 -3.17
CA MET A 72 -0.94 6.45 -2.64
C MET A 72 -0.63 7.93 -2.94
N GLU A 73 0.01 8.20 -4.03
CA GLU A 73 0.34 9.61 -4.37
C GLU A 73 -0.90 10.34 -4.90
N GLY A 74 -1.25 11.45 -4.31
CA GLY A 74 -2.46 12.19 -4.78
C GLY A 74 -3.72 11.50 -4.27
N VAL A 75 -3.79 11.24 -2.99
CA VAL A 75 -4.98 10.57 -2.42
C VAL A 75 -6.23 11.43 -2.66
N GLN A 76 -7.32 10.82 -3.04
CA GLN A 76 -8.57 11.60 -3.28
C GLN A 76 -8.33 12.61 -4.41
N GLU A 2 5.56 12.89 -10.37
CA GLU A 2 6.01 14.18 -9.76
C GLU A 2 5.18 15.34 -10.32
N ASP A 3 4.17 15.74 -9.61
CA ASP A 3 3.32 16.88 -10.09
C ASP A 3 3.09 17.88 -8.96
N ALA A 4 2.22 17.57 -8.04
CA ALA A 4 1.96 18.52 -6.91
C ALA A 4 0.94 17.93 -5.94
N LYS A 5 0.91 18.40 -4.72
CA LYS A 5 -0.06 17.87 -3.73
C LYS A 5 0.08 18.63 -2.40
N GLY A 6 -1.01 18.87 -1.74
CA GLY A 6 -0.93 19.61 -0.44
C GLY A 6 -0.61 18.64 0.70
N LYS A 7 -0.89 17.37 0.50
CA LYS A 7 -0.59 16.39 1.57
C LYS A 7 0.92 16.17 1.71
N SER A 8 1.43 16.24 2.90
CA SER A 8 2.90 16.05 3.09
C SER A 8 3.20 14.59 3.44
N GLU A 9 4.36 14.11 3.08
CA GLU A 9 4.71 12.70 3.40
C GLU A 9 4.28 12.35 4.82
N GLU A 10 4.43 13.27 5.74
CA GLU A 10 4.04 12.98 7.15
C GLU A 10 2.70 12.22 7.18
N GLU A 11 1.66 12.81 6.68
CA GLU A 11 0.33 12.12 6.68
C GLU A 11 0.47 10.72 6.07
N LEU A 12 0.85 10.64 4.83
CA LEU A 12 1.01 9.30 4.17
C LEU A 12 1.82 8.38 5.08
N ALA A 13 3.05 8.73 5.36
CA ALA A 13 3.89 7.87 6.23
C ALA A 13 3.09 7.42 7.45
N ASN A 14 2.42 8.34 8.10
CA ASN A 14 1.61 7.96 9.30
C ASN A 14 0.71 6.77 8.99
N CYS A 15 -0.07 6.87 7.93
CA CYS A 15 -0.97 5.74 7.57
C CYS A 15 -0.16 4.47 7.32
N PHE A 16 1.12 4.61 7.07
CA PHE A 16 1.96 3.41 6.81
C PHE A 16 1.83 2.41 7.97
N ARG A 17 2.10 2.85 9.16
CA ARG A 17 1.99 1.91 10.34
C ARG A 17 0.59 1.32 10.43
N ILE A 18 -0.42 2.11 10.23
CA ILE A 18 -1.81 1.59 10.31
C ILE A 18 -2.01 0.43 9.33
N PHE A 19 -1.49 0.56 8.13
CA PHE A 19 -1.65 -0.54 7.14
C PHE A 19 -0.79 -1.74 7.52
N ASP A 20 0.43 -1.51 7.91
CA ASP A 20 1.31 -2.66 8.30
C ASP A 20 0.88 -3.22 9.66
N LYS A 21 0.19 -4.33 9.65
CA LYS A 21 -0.27 -4.93 10.93
C LYS A 21 0.84 -5.79 11.55
N ASN A 22 1.50 -6.59 10.76
CA ASN A 22 2.59 -7.45 11.30
C ASN A 22 3.78 -6.59 11.74
N ALA A 23 3.74 -5.32 11.44
CA ALA A 23 4.87 -4.42 11.84
C ALA A 23 6.20 -5.02 11.42
N ASP A 24 6.20 -5.85 10.41
CA ASP A 24 7.47 -6.48 9.95
C ASP A 24 8.39 -5.42 9.33
N GLY A 25 7.83 -4.31 8.90
CA GLY A 25 8.67 -3.24 8.30
C GLY A 25 8.36 -3.12 6.80
N PHE A 26 7.70 -4.10 6.24
CA PHE A 26 7.37 -4.03 4.79
C PHE A 26 6.04 -4.74 4.51
N ILE A 27 5.18 -4.13 3.75
CA ILE A 27 3.86 -4.76 3.44
C ILE A 27 4.01 -5.76 2.29
N ASP A 28 3.46 -6.94 2.44
CA ASP A 28 3.57 -7.95 1.35
C ASP A 28 2.22 -8.11 0.64
N ILE A 29 2.10 -9.09 -0.22
CA ILE A 29 0.81 -9.29 -0.94
C ILE A 29 -0.24 -9.86 0.01
N GLU A 30 0.13 -10.81 0.84
CA GLU A 30 -0.85 -11.40 1.78
C GLU A 30 -1.47 -10.31 2.65
N GLU A 31 -0.69 -9.31 3.00
CA GLU A 31 -1.24 -8.21 3.86
C GLU A 31 -2.14 -7.29 3.02
N LEU A 32 -1.64 -6.81 1.92
CA LEU A 32 -2.46 -5.90 1.05
C LEU A 32 -3.92 -6.35 1.01
N GLY A 33 -4.18 -7.62 1.14
CA GLY A 33 -5.58 -8.11 1.09
C GLY A 33 -6.44 -7.41 2.15
N GLU A 34 -5.92 -7.25 3.33
CA GLU A 34 -6.71 -6.58 4.41
C GLU A 34 -7.31 -5.25 3.91
N ILE A 35 -6.52 -4.45 3.24
CA ILE A 35 -7.05 -3.14 2.74
C ILE A 35 -8.20 -3.39 1.77
N LEU A 36 -8.02 -4.24 0.80
CA LEU A 36 -9.12 -4.51 -0.16
C LEU A 36 -10.27 -5.26 0.53
N ARG A 37 -9.96 -6.34 1.19
CA ARG A 37 -11.03 -7.10 1.89
C ARG A 37 -11.88 -6.16 2.75
N ALA A 38 -11.26 -5.18 3.35
CA ALA A 38 -12.01 -4.21 4.19
C ALA A 38 -13.25 -3.71 3.45
N THR A 39 -13.13 -3.47 2.17
CA THR A 39 -14.30 -2.97 1.39
C THR A 39 -15.43 -4.00 1.42
N GLY A 40 -15.12 -5.26 1.32
CA GLY A 40 -16.18 -6.30 1.34
C GLY A 40 -16.10 -7.15 0.08
N GLU A 41 -15.22 -6.82 -0.82
CA GLU A 41 -15.10 -7.61 -2.08
C GLU A 41 -14.02 -8.70 -1.91
N HIS A 42 -14.32 -9.90 -2.32
CA HIS A 42 -13.33 -11.00 -2.18
C HIS A 42 -12.31 -10.92 -3.32
N VAL A 43 -11.60 -9.84 -3.42
CA VAL A 43 -10.59 -9.70 -4.52
C VAL A 43 -9.76 -10.98 -4.63
N ILE A 44 -9.03 -11.13 -5.71
CA ILE A 44 -8.20 -12.36 -5.87
C ILE A 44 -6.71 -11.98 -5.96
N GLU A 45 -5.85 -12.85 -5.56
CA GLU A 45 -4.39 -12.55 -5.61
C GLU A 45 -4.03 -11.82 -6.92
N GLU A 46 -4.48 -12.31 -8.03
CA GLU A 46 -4.17 -11.66 -9.33
C GLU A 46 -4.45 -10.15 -9.25
N ASP A 47 -5.42 -9.75 -8.48
CA ASP A 47 -5.74 -8.30 -8.37
C ASP A 47 -4.80 -7.65 -7.36
N ILE A 48 -4.59 -8.30 -6.25
CA ILE A 48 -3.69 -7.74 -5.21
C ILE A 48 -2.25 -7.71 -5.73
N GLU A 49 -1.87 -8.71 -6.47
CA GLU A 49 -0.49 -8.76 -7.02
C GLU A 49 -0.16 -7.46 -7.76
N ASP A 50 -0.98 -7.07 -8.69
CA ASP A 50 -0.72 -5.82 -9.45
C ASP A 50 -0.32 -4.68 -8.50
N LEU A 51 -1.10 -4.46 -7.48
CA LEU A 51 -0.77 -3.37 -6.51
C LEU A 51 0.68 -3.50 -6.04
N MET A 52 1.13 -4.69 -5.78
CA MET A 52 2.53 -4.87 -5.31
C MET A 52 3.51 -4.53 -6.43
N LYS A 53 3.30 -5.07 -7.60
CA LYS A 53 4.21 -4.77 -8.74
C LYS A 53 4.28 -3.27 -8.98
N ASP A 54 3.15 -2.61 -9.05
CA ASP A 54 3.16 -1.14 -9.29
C ASP A 54 3.94 -0.42 -8.19
N SER A 55 3.93 -0.94 -6.99
CA SER A 55 4.67 -0.28 -5.88
C SER A 55 6.08 -0.87 -5.76
N ASP A 56 6.21 -2.15 -5.94
CA ASP A 56 7.56 -2.78 -5.83
C ASP A 56 8.57 -2.04 -6.71
N LYS A 57 9.20 -1.04 -6.17
CA LYS A 57 10.21 -0.28 -6.97
C LYS A 57 11.49 -1.10 -7.11
N ASN A 58 11.67 -2.08 -6.26
CA ASN A 58 12.89 -2.92 -6.34
C ASN A 58 12.51 -4.38 -6.65
N ASN A 59 11.28 -4.61 -6.99
CA ASN A 59 10.84 -5.99 -7.31
C ASN A 59 11.15 -6.93 -6.12
N ASP A 60 10.83 -6.51 -4.94
CA ASP A 60 11.11 -7.38 -3.74
C ASP A 60 9.79 -7.96 -3.21
N GLY A 61 8.74 -7.91 -4.00
CA GLY A 61 7.44 -8.46 -3.54
C GLY A 61 7.07 -7.88 -2.17
N ARG A 62 7.42 -6.65 -1.93
CA ARG A 62 7.08 -6.04 -0.61
C ARG A 62 7.06 -4.51 -0.72
N ILE A 63 5.96 -3.89 -0.35
CA ILE A 63 5.88 -2.41 -0.43
C ILE A 63 6.51 -1.77 0.81
N ASP A 64 7.41 -0.85 0.63
CA ASP A 64 8.05 -0.18 1.80
C ASP A 64 7.56 1.26 1.93
N PHE A 65 8.16 2.03 2.78
CA PHE A 65 7.72 3.45 2.96
C PHE A 65 7.93 4.24 1.66
N ASP A 66 9.01 3.97 0.97
CA ASP A 66 9.27 4.70 -0.31
C ASP A 66 8.25 4.30 -1.38
N GLU A 67 8.10 3.02 -1.61
CA GLU A 67 7.13 2.57 -2.64
C GLU A 67 5.71 3.05 -2.30
N PHE A 68 5.30 2.90 -1.07
CA PHE A 68 3.93 3.34 -0.68
C PHE A 68 3.67 4.78 -1.15
N LEU A 69 4.48 5.71 -0.72
CA LEU A 69 4.27 7.13 -1.14
C LEU A 69 3.85 7.21 -2.61
N LYS A 70 4.71 6.80 -3.51
CA LYS A 70 4.33 6.87 -4.95
C LYS A 70 3.07 6.03 -5.21
N MET A 71 2.88 4.99 -4.43
CA MET A 71 1.66 4.15 -4.62
C MET A 71 0.41 4.97 -4.27
N MET A 72 0.48 5.75 -3.24
CA MET A 72 -0.70 6.58 -2.84
C MET A 72 -0.44 8.05 -3.15
N GLU A 73 0.00 8.36 -4.33
CA GLU A 73 0.28 9.78 -4.69
C GLU A 73 -0.99 10.44 -5.23
N GLY A 74 -2.11 9.78 -5.14
CA GLY A 74 -3.37 10.37 -5.65
C GLY A 74 -4.57 9.65 -5.04
N VAL A 75 -4.49 9.29 -3.78
CA VAL A 75 -5.62 8.59 -3.14
C VAL A 75 -6.13 9.39 -1.93
N GLN A 76 -7.35 9.16 -1.52
CA GLN A 76 -7.89 9.92 -0.36
C GLN A 76 -7.80 11.42 -0.61
N GLU A 2 -3.11 25.34 -2.11
CA GLU A 2 -2.38 25.35 -0.82
C GLU A 2 -3.25 24.74 0.29
N ASP A 3 -3.66 23.51 0.12
CA ASP A 3 -4.51 22.86 1.17
C ASP A 3 -3.67 21.92 2.02
N ALA A 4 -4.02 21.77 3.28
CA ALA A 4 -3.24 20.85 4.16
C ALA A 4 -4.17 20.13 5.14
N LYS A 5 -5.34 19.78 4.70
CA LYS A 5 -6.29 19.07 5.61
C LYS A 5 -6.88 17.84 4.92
N GLY A 6 -6.05 16.92 4.51
CA GLY A 6 -6.55 15.69 3.83
C GLY A 6 -5.59 14.53 4.08
N LYS A 7 -4.54 14.45 3.31
CA LYS A 7 -3.56 13.34 3.51
C LYS A 7 -2.28 13.61 2.71
N SER A 8 -1.30 14.22 3.32
CA SER A 8 -0.03 14.51 2.59
C SER A 8 1.01 13.43 2.89
N GLU A 9 2.19 13.58 2.35
CA GLU A 9 3.25 12.56 2.60
C GLU A 9 3.28 12.18 4.08
N GLU A 10 3.36 13.15 4.95
CA GLU A 10 3.40 12.84 6.40
C GLU A 10 2.26 11.88 6.77
N GLU A 11 1.04 12.25 6.47
CA GLU A 11 -0.11 11.36 6.80
C GLU A 11 0.06 10.00 6.10
N LEU A 12 0.24 10.01 4.81
CA LEU A 12 0.40 8.72 4.07
C LEU A 12 1.47 7.86 4.76
N ALA A 13 2.69 8.32 4.77
CA ALA A 13 3.78 7.53 5.41
C ALA A 13 3.30 7.00 6.77
N ASN A 14 2.69 7.84 7.56
CA ASN A 14 2.19 7.39 8.89
C ASN A 14 1.26 6.18 8.73
N CYS A 15 0.32 6.25 7.83
CA CYS A 15 -0.61 5.11 7.62
C CYS A 15 0.17 3.80 7.57
N PHE A 16 1.40 3.84 7.11
CA PHE A 16 2.20 2.59 7.05
C PHE A 16 2.05 1.81 8.35
N ARG A 17 2.47 2.36 9.46
CA ARG A 17 2.33 1.65 10.75
C ARG A 17 0.89 1.18 10.93
N ILE A 18 -0.06 2.00 10.59
CA ILE A 18 -1.48 1.60 10.73
C ILE A 18 -1.76 0.37 9.85
N PHE A 19 -1.20 0.34 8.67
CA PHE A 19 -1.41 -0.82 7.77
C PHE A 19 -0.76 -2.07 8.36
N ASP A 20 0.49 -1.98 8.72
CA ASP A 20 1.20 -3.14 9.30
C ASP A 20 0.42 -3.71 10.50
N LYS A 21 0.18 -4.98 10.51
CA LYS A 21 -0.57 -5.59 11.65
C LYS A 21 0.39 -6.21 12.66
N ASN A 22 1.62 -6.39 12.27
CA ASN A 22 2.62 -6.99 13.21
C ASN A 22 3.93 -6.18 13.19
N ALA A 23 3.90 -5.03 12.59
CA ALA A 23 5.13 -4.18 12.55
C ALA A 23 6.29 -4.97 11.92
N ASP A 24 6.10 -5.45 10.71
CA ASP A 24 7.19 -6.21 10.05
C ASP A 24 8.17 -5.26 9.36
N GLY A 25 7.79 -4.02 9.20
CA GLY A 25 8.69 -3.04 8.53
C GLY A 25 8.38 -2.98 7.03
N PHE A 26 7.59 -3.89 6.54
CA PHE A 26 7.25 -3.86 5.09
C PHE A 26 5.86 -4.46 4.84
N ILE A 27 5.07 -3.84 4.01
CA ILE A 27 3.71 -4.37 3.71
C ILE A 27 3.78 -5.37 2.56
N ASP A 28 3.36 -6.58 2.78
CA ASP A 28 3.40 -7.60 1.69
C ASP A 28 2.03 -7.73 1.02
N ILE A 29 1.96 -8.44 -0.07
CA ILE A 29 0.65 -8.61 -0.76
C ILE A 29 -0.37 -9.24 0.19
N GLU A 30 0.08 -10.15 1.03
CA GLU A 30 -0.86 -10.80 1.98
C GLU A 30 -1.66 -9.73 2.74
N GLU A 31 -0.97 -8.81 3.36
CA GLU A 31 -1.68 -7.73 4.11
C GLU A 31 -2.66 -7.01 3.18
N LEU A 32 -2.24 -6.74 1.97
CA LEU A 32 -3.13 -6.02 1.01
C LEU A 32 -4.46 -6.77 0.87
N GLY A 33 -4.40 -8.08 0.77
CA GLY A 33 -5.66 -8.87 0.63
C GLY A 33 -6.59 -8.58 1.80
N GLU A 34 -6.30 -9.12 2.96
CA GLU A 34 -7.17 -8.88 4.14
C GLU A 34 -7.60 -7.40 4.20
N ILE A 35 -6.68 -6.51 4.00
CA ILE A 35 -7.03 -5.05 4.06
C ILE A 35 -8.17 -4.75 3.08
N LEU A 36 -8.01 -5.09 1.83
CA LEU A 36 -9.09 -4.81 0.84
C LEU A 36 -10.36 -5.60 1.19
N ARG A 37 -10.24 -6.88 1.35
CA ARG A 37 -11.44 -7.70 1.69
C ARG A 37 -12.20 -7.06 2.85
N ALA A 38 -11.49 -6.56 3.83
CA ALA A 38 -12.17 -5.92 4.99
C ALA A 38 -13.21 -4.90 4.50
N THR A 39 -12.95 -4.23 3.41
CA THR A 39 -13.91 -3.23 2.89
C THR A 39 -15.16 -3.93 2.34
N GLY A 40 -15.04 -5.18 1.97
CA GLY A 40 -16.22 -5.90 1.43
C GLY A 40 -16.01 -6.19 -0.06
N GLU A 41 -14.86 -5.85 -0.58
CA GLU A 41 -14.60 -6.12 -2.03
C GLU A 41 -13.98 -7.50 -2.22
N HIS A 42 -14.49 -8.27 -3.15
CA HIS A 42 -13.92 -9.63 -3.38
C HIS A 42 -12.71 -9.55 -4.33
N VAL A 43 -11.76 -8.71 -4.01
CA VAL A 43 -10.55 -8.57 -4.88
C VAL A 43 -9.76 -9.87 -4.91
N ILE A 44 -9.10 -10.15 -5.99
CA ILE A 44 -8.29 -11.40 -6.08
C ILE A 44 -6.81 -11.06 -6.18
N GLU A 45 -5.96 -11.96 -5.74
CA GLU A 45 -4.49 -11.68 -5.81
C GLU A 45 -4.12 -11.03 -7.13
N GLU A 46 -4.50 -11.61 -8.24
CA GLU A 46 -4.17 -11.02 -9.56
C GLU A 46 -4.42 -9.51 -9.54
N ASP A 47 -5.45 -9.07 -8.86
CA ASP A 47 -5.73 -7.61 -8.80
C ASP A 47 -4.83 -6.98 -7.75
N ILE A 48 -4.66 -7.62 -6.64
CA ILE A 48 -3.78 -7.07 -5.58
C ILE A 48 -2.33 -7.09 -6.06
N GLU A 49 -1.95 -8.09 -6.79
CA GLU A 49 -0.55 -8.16 -7.31
C GLU A 49 -0.24 -6.89 -8.11
N ASP A 50 -1.21 -6.34 -8.77
CA ASP A 50 -0.98 -5.11 -9.57
C ASP A 50 -0.23 -4.05 -8.75
N LEU A 51 -0.82 -3.59 -7.69
CA LEU A 51 -0.15 -2.55 -6.85
C LEU A 51 1.23 -3.04 -6.38
N MET A 52 1.39 -4.34 -6.23
CA MET A 52 2.71 -4.86 -5.77
C MET A 52 3.77 -4.61 -6.83
N LYS A 53 3.47 -4.92 -8.06
CA LYS A 53 4.47 -4.70 -9.14
C LYS A 53 4.72 -3.20 -9.35
N ASP A 54 3.68 -2.42 -9.43
CA ASP A 54 3.84 -0.96 -9.62
C ASP A 54 4.65 -0.36 -8.48
N SER A 55 4.46 -0.85 -7.28
CA SER A 55 5.22 -0.31 -6.12
C SER A 55 6.58 -1.01 -5.99
N ASP A 56 6.56 -2.30 -5.83
CA ASP A 56 7.85 -3.05 -5.69
C ASP A 56 8.87 -2.56 -6.70
N LYS A 57 9.68 -1.60 -6.33
CA LYS A 57 10.70 -1.08 -7.28
C LYS A 57 12.02 -1.85 -7.09
N ASN A 58 12.19 -2.48 -5.97
CA ASN A 58 13.44 -3.25 -5.71
C ASN A 58 13.17 -4.75 -5.85
N ASN A 59 11.99 -5.11 -6.26
CA ASN A 59 11.65 -6.55 -6.41
C ASN A 59 11.69 -7.25 -5.04
N ASP A 60 11.42 -6.53 -3.99
CA ASP A 60 11.45 -7.15 -2.64
C ASP A 60 10.07 -7.75 -2.31
N GLY A 61 9.18 -7.79 -3.27
CA GLY A 61 7.84 -8.36 -3.01
C GLY A 61 7.20 -7.64 -1.81
N ARG A 62 7.61 -6.43 -1.54
CA ARG A 62 7.03 -5.68 -0.39
C ARG A 62 7.00 -4.18 -0.70
N ILE A 63 5.97 -3.51 -0.27
CA ILE A 63 5.88 -2.04 -0.53
C ILE A 63 6.52 -1.25 0.61
N ASP A 64 7.51 -0.45 0.31
CA ASP A 64 8.17 0.35 1.38
C ASP A 64 7.59 1.76 1.40
N PHE A 65 8.33 2.72 1.91
CA PHE A 65 7.82 4.12 1.95
C PHE A 65 7.78 4.71 0.54
N ASP A 66 8.89 4.71 -0.15
CA ASP A 66 8.93 5.28 -1.52
C ASP A 66 7.95 4.54 -2.43
N GLU A 67 8.13 3.25 -2.61
CA GLU A 67 7.21 2.48 -3.49
C GLU A 67 5.74 2.80 -3.14
N PHE A 68 5.45 2.98 -1.88
CA PHE A 68 4.05 3.29 -1.49
C PHE A 68 3.58 4.59 -2.13
N LEU A 69 4.23 5.68 -1.84
CA LEU A 69 3.83 6.99 -2.44
C LEU A 69 3.48 6.81 -3.93
N LYS A 70 4.22 6.00 -4.63
CA LYS A 70 3.92 5.78 -6.07
C LYS A 70 2.49 5.27 -6.25
N MET A 71 2.09 4.30 -5.47
CA MET A 71 0.71 3.76 -5.60
C MET A 71 -0.31 4.86 -5.27
N MET A 72 -0.16 5.49 -4.15
CA MET A 72 -1.12 6.56 -3.75
C MET A 72 -0.57 7.94 -4.13
N GLU A 73 -0.15 8.12 -5.36
CA GLU A 73 0.39 9.45 -5.77
C GLU A 73 -0.69 10.26 -6.48
N GLY A 74 -1.70 9.61 -6.98
CA GLY A 74 -2.78 10.34 -7.70
C GLY A 74 -3.84 10.80 -6.69
N VAL A 75 -4.05 10.05 -5.64
CA VAL A 75 -5.07 10.44 -4.63
C VAL A 75 -4.87 11.89 -4.21
N GLN A 76 -5.92 12.66 -4.18
CA GLN A 76 -5.80 14.10 -3.77
C GLN A 76 -5.50 14.20 -2.28
N GLU A 2 -0.07 23.01 -7.33
CA GLU A 2 0.73 21.98 -8.07
C GLU A 2 1.37 20.99 -7.10
N ASP A 3 1.23 21.23 -5.81
CA ASP A 3 1.83 20.30 -4.81
C ASP A 3 1.00 20.29 -3.53
N ALA A 4 -0.20 19.77 -3.59
CA ALA A 4 -1.06 19.73 -2.37
C ALA A 4 -2.31 18.91 -2.65
N LYS A 5 -2.22 17.61 -2.57
CA LYS A 5 -3.42 16.75 -2.81
C LYS A 5 -3.85 16.05 -1.52
N GLY A 6 -4.45 14.90 -1.64
CA GLY A 6 -4.90 14.17 -0.42
C GLY A 6 -3.75 13.32 0.13
N LYS A 7 -3.63 13.20 1.42
CA LYS A 7 -2.55 12.38 2.00
C LYS A 7 -1.18 12.85 1.48
N SER A 8 -0.41 13.50 2.31
CA SER A 8 0.92 13.99 1.85
C SER A 8 2.03 13.05 2.37
N GLU A 9 3.26 13.36 2.09
CA GLU A 9 4.37 12.49 2.56
C GLU A 9 4.26 12.28 4.07
N GLU A 10 3.93 13.30 4.81
CA GLU A 10 3.81 13.17 6.29
C GLU A 10 2.69 12.18 6.64
N GLU A 11 1.54 12.36 6.07
CA GLU A 11 0.41 11.43 6.37
C GLU A 11 0.69 10.04 5.82
N LEU A 12 1.01 9.94 4.56
CA LEU A 12 1.31 8.60 3.95
C LEU A 12 2.36 7.88 4.80
N ALA A 13 3.48 8.50 5.05
CA ALA A 13 4.54 7.84 5.86
C ALA A 13 3.94 7.32 7.16
N ASN A 14 3.02 8.03 7.73
CA ASN A 14 2.40 7.57 9.01
C ASN A 14 1.38 6.45 8.73
N CYS A 15 0.53 6.64 7.74
CA CYS A 15 -0.47 5.59 7.42
C CYS A 15 0.21 4.22 7.32
N PHE A 16 1.46 4.20 6.99
CA PHE A 16 2.18 2.90 6.87
C PHE A 16 1.81 1.97 8.03
N ARG A 17 2.00 2.43 9.25
CA ARG A 17 1.66 1.57 10.42
C ARG A 17 0.19 1.14 10.39
N ILE A 18 -0.68 1.97 9.89
CA ILE A 18 -2.12 1.59 9.84
C ILE A 18 -2.34 0.47 8.84
N PHE A 19 -2.01 0.70 7.60
CA PHE A 19 -2.21 -0.37 6.57
C PHE A 19 -1.35 -1.58 6.90
N ASP A 20 -0.16 -1.37 7.39
CA ASP A 20 0.72 -2.52 7.73
C ASP A 20 0.43 -3.00 9.15
N LYS A 21 -0.77 -3.47 9.39
CA LYS A 21 -1.12 -3.96 10.76
C LYS A 21 -0.02 -4.90 11.27
N ASN A 22 0.56 -5.67 10.40
CA ASN A 22 1.63 -6.61 10.84
C ASN A 22 2.74 -5.85 11.57
N ALA A 23 2.84 -4.57 11.34
CA ALA A 23 3.90 -3.77 12.02
C ALA A 23 5.27 -4.40 11.79
N ASP A 24 5.57 -4.77 10.58
CA ASP A 24 6.89 -5.39 10.29
C ASP A 24 7.80 -4.40 9.55
N GLY A 25 7.24 -3.34 9.05
CA GLY A 25 8.09 -2.33 8.32
C GLY A 25 7.97 -2.58 6.81
N PHE A 26 7.27 -3.60 6.41
CA PHE A 26 7.12 -3.88 4.95
C PHE A 26 5.78 -4.55 4.66
N ILE A 27 4.96 -3.92 3.87
CA ILE A 27 3.64 -4.52 3.54
C ILE A 27 3.78 -5.53 2.40
N ASP A 28 3.50 -6.78 2.66
CA ASP A 28 3.62 -7.80 1.59
C ASP A 28 2.28 -7.99 0.89
N ILE A 29 2.24 -8.79 -0.14
CA ILE A 29 0.95 -9.01 -0.86
C ILE A 29 -0.12 -9.52 0.11
N GLU A 30 0.25 -10.43 0.97
CA GLU A 30 -0.75 -10.97 1.94
C GLU A 30 -1.45 -9.82 2.67
N GLU A 31 -0.69 -8.85 3.12
CA GLU A 31 -1.31 -7.70 3.83
C GLU A 31 -2.33 -7.01 2.94
N LEU A 32 -1.95 -6.68 1.73
CA LEU A 32 -2.90 -6.01 0.81
C LEU A 32 -4.20 -6.80 0.72
N GLY A 33 -4.11 -8.10 0.79
CA GLY A 33 -5.34 -8.95 0.71
C GLY A 33 -6.16 -8.76 2.00
N GLU A 34 -5.68 -9.25 3.11
CA GLU A 34 -6.44 -9.11 4.38
C GLU A 34 -6.91 -7.66 4.55
N ILE A 35 -6.04 -6.72 4.32
CA ILE A 35 -6.43 -5.29 4.47
C ILE A 35 -7.63 -4.98 3.58
N LEU A 36 -7.55 -5.33 2.33
CA LEU A 36 -8.69 -5.07 1.40
C LEU A 36 -9.81 -6.09 1.64
N ARG A 37 -9.49 -7.36 1.59
CA ARG A 37 -10.53 -8.40 1.82
C ARG A 37 -11.32 -8.08 3.10
N ALA A 38 -10.68 -7.48 4.06
CA ALA A 38 -11.39 -7.14 5.33
C ALA A 38 -12.61 -6.27 5.04
N THR A 39 -12.46 -5.29 4.19
CA THR A 39 -13.61 -4.40 3.87
C THR A 39 -14.81 -5.22 3.39
N GLY A 40 -14.57 -6.19 2.54
CA GLY A 40 -15.71 -7.02 2.04
C GLY A 40 -15.58 -7.21 0.53
N GLU A 41 -15.18 -6.18 -0.18
CA GLU A 41 -15.03 -6.30 -1.65
C GLU A 41 -14.29 -7.59 -2.01
N HIS A 42 -14.87 -8.41 -2.84
CA HIS A 42 -14.20 -9.69 -3.24
C HIS A 42 -13.01 -9.41 -4.15
N VAL A 43 -12.00 -8.74 -3.65
CA VAL A 43 -10.81 -8.43 -4.48
C VAL A 43 -10.11 -9.73 -4.89
N ILE A 44 -9.49 -9.75 -6.05
CA ILE A 44 -8.79 -10.98 -6.50
C ILE A 44 -7.29 -10.72 -6.64
N GLU A 45 -6.48 -11.70 -6.34
CA GLU A 45 -5.00 -11.51 -6.45
C GLU A 45 -4.65 -10.78 -7.75
N GLU A 46 -5.17 -11.25 -8.86
CA GLU A 46 -4.87 -10.58 -10.16
C GLU A 46 -4.94 -9.06 -9.99
N ASP A 47 -5.79 -8.59 -9.13
CA ASP A 47 -5.89 -7.12 -8.91
C ASP A 47 -4.89 -6.67 -7.85
N ILE A 48 -4.82 -7.38 -6.75
CA ILE A 48 -3.86 -7.02 -5.68
C ILE A 48 -2.44 -7.07 -6.23
N GLU A 49 -2.15 -8.04 -7.06
CA GLU A 49 -0.78 -8.14 -7.64
C GLU A 49 -0.33 -6.79 -8.19
N ASP A 50 -1.16 -6.15 -8.97
CA ASP A 50 -0.77 -4.82 -9.55
C ASP A 50 -0.28 -3.88 -8.46
N LEU A 51 -0.99 -3.79 -7.36
CA LEU A 51 -0.57 -2.88 -6.26
C LEU A 51 0.88 -3.16 -5.85
N MET A 52 1.20 -4.38 -5.54
CA MET A 52 2.59 -4.71 -5.12
C MET A 52 3.54 -4.51 -6.29
N LYS A 53 3.25 -5.11 -7.41
CA LYS A 53 4.15 -4.97 -8.60
C LYS A 53 4.47 -3.49 -8.85
N ASP A 54 3.47 -2.69 -9.11
CA ASP A 54 3.72 -1.25 -9.37
C ASP A 54 4.50 -0.61 -8.21
N SER A 55 4.21 -1.00 -7.00
CA SER A 55 4.93 -0.41 -5.84
C SER A 55 6.34 -1.02 -5.71
N ASP A 56 6.43 -2.31 -5.64
CA ASP A 56 7.77 -2.96 -5.51
C ASP A 56 8.75 -2.36 -6.52
N LYS A 57 9.47 -1.35 -6.14
CA LYS A 57 10.45 -0.73 -7.09
C LYS A 57 11.74 -1.55 -7.12
N ASN A 58 12.17 -2.03 -5.99
CA ASN A 58 13.42 -2.84 -5.94
C ASN A 58 13.08 -4.33 -6.02
N ASN A 59 11.86 -4.67 -6.34
CA ASN A 59 11.47 -6.09 -6.42
C ASN A 59 11.82 -6.83 -5.13
N ASP A 60 10.92 -6.81 -4.17
CA ASP A 60 11.18 -7.52 -2.89
C ASP A 60 9.89 -8.12 -2.35
N GLY A 61 8.89 -8.20 -3.18
CA GLY A 61 7.59 -8.79 -2.75
C GLY A 61 7.06 -8.04 -1.52
N ARG A 62 7.51 -6.84 -1.29
CA ARG A 62 7.02 -6.08 -0.10
C ARG A 62 7.03 -4.57 -0.40
N ILE A 63 5.96 -3.88 -0.05
CA ILE A 63 5.92 -2.41 -0.31
C ILE A 63 6.60 -1.68 0.86
N ASP A 64 7.45 -0.74 0.56
CA ASP A 64 8.14 0.01 1.65
C ASP A 64 7.69 1.47 1.67
N PHE A 65 8.35 2.29 2.44
CA PHE A 65 7.95 3.74 2.50
C PHE A 65 8.04 4.38 1.11
N ASP A 66 9.20 4.31 0.49
CA ASP A 66 9.35 4.91 -0.86
C ASP A 66 8.25 4.40 -1.80
N GLU A 67 8.17 3.11 -2.00
CA GLU A 67 7.13 2.55 -2.90
C GLU A 67 5.74 2.97 -2.41
N PHE A 68 5.49 2.83 -1.13
CA PHE A 68 4.16 3.21 -0.58
C PHE A 68 3.75 4.60 -1.08
N LEU A 69 4.71 5.46 -1.29
CA LEU A 69 4.38 6.83 -1.78
C LEU A 69 4.02 6.80 -3.27
N LYS A 70 4.85 6.20 -4.08
CA LYS A 70 4.55 6.15 -5.55
C LYS A 70 3.26 5.37 -5.82
N MET A 71 3.12 4.20 -5.26
CA MET A 71 1.89 3.40 -5.50
C MET A 71 0.63 4.26 -5.42
N MET A 72 0.51 5.08 -4.40
CA MET A 72 -0.70 5.93 -4.27
C MET A 72 -1.14 6.47 -5.64
N GLU A 73 -0.22 6.65 -6.53
CA GLU A 73 -0.58 7.16 -7.88
C GLU A 73 -1.73 6.33 -8.47
N GLY A 74 -2.60 6.94 -9.23
CA GLY A 74 -3.73 6.18 -9.81
C GLY A 74 -4.94 6.25 -8.89
N VAL A 75 -4.91 7.15 -7.94
CA VAL A 75 -6.07 7.27 -6.99
C VAL A 75 -6.76 8.62 -7.19
N GLN A 76 -7.99 8.60 -7.62
CA GLN A 76 -8.73 9.88 -7.83
C GLN A 76 -10.21 9.59 -8.12
N GLU A 2 -4.60 16.27 12.61
CA GLU A 2 -4.14 17.60 12.13
C GLU A 2 -5.34 18.48 11.77
N ASP A 3 -5.11 19.60 11.14
CA ASP A 3 -6.23 20.50 10.76
C ASP A 3 -6.88 20.01 9.46
N ALA A 4 -7.64 20.85 8.82
CA ALA A 4 -8.30 20.43 7.55
C ALA A 4 -7.49 20.94 6.35
N LYS A 5 -6.20 20.75 6.37
CA LYS A 5 -5.35 21.22 5.24
C LYS A 5 -5.58 20.34 4.00
N GLY A 6 -5.51 19.05 4.16
CA GLY A 6 -5.72 18.14 3.01
C GLY A 6 -4.76 16.95 3.09
N LYS A 7 -3.93 16.76 2.11
CA LYS A 7 -2.96 15.63 2.14
C LYS A 7 -1.63 16.05 1.52
N SER A 8 -0.60 15.27 1.73
CA SER A 8 0.73 15.62 1.15
C SER A 8 1.70 14.45 1.30
N GLU A 9 2.83 14.51 0.66
CA GLU A 9 3.81 13.39 0.77
C GLU A 9 3.90 12.90 2.21
N GLU A 10 3.96 13.81 3.16
CA GLU A 10 4.05 13.39 4.58
C GLU A 10 2.83 12.55 4.98
N GLU A 11 1.66 13.04 4.71
CA GLU A 11 0.43 12.28 5.07
C GLU A 11 0.57 10.82 4.62
N LEU A 12 1.00 10.60 3.41
CA LEU A 12 1.16 9.20 2.93
C LEU A 12 2.11 8.43 3.85
N ALA A 13 3.24 9.00 4.17
CA ALA A 13 4.20 8.30 5.07
C ALA A 13 3.48 7.79 6.31
N ASN A 14 2.77 8.64 7.00
CA ASN A 14 2.04 8.20 8.22
C ASN A 14 1.10 7.05 7.88
N CYS A 15 0.34 7.17 6.83
CA CYS A 15 -0.60 6.08 6.45
C CYS A 15 0.16 4.75 6.33
N PHE A 16 1.45 4.81 6.18
CA PHE A 16 2.24 3.55 6.06
C PHE A 16 1.88 2.59 7.19
N ARG A 17 1.89 3.05 8.41
CA ARG A 17 1.55 2.16 9.55
C ARG A 17 0.06 1.78 9.51
N ILE A 18 -0.76 2.66 8.99
CA ILE A 18 -2.22 2.34 8.93
C ILE A 18 -2.46 1.05 8.16
N PHE A 19 -1.72 0.81 7.12
CA PHE A 19 -1.92 -0.44 6.32
C PHE A 19 -1.11 -1.59 6.95
N ASP A 20 -0.23 -1.28 7.86
CA ASP A 20 0.59 -2.37 8.50
C ASP A 20 -0.11 -2.87 9.76
N LYS A 21 -0.68 -4.04 9.70
CA LYS A 21 -1.38 -4.59 10.90
C LYS A 21 -0.45 -5.51 11.69
N ASN A 22 0.69 -5.82 11.15
CA ASN A 22 1.65 -6.71 11.88
C ASN A 22 2.95 -5.96 12.18
N ALA A 23 2.97 -4.68 11.96
CA ALA A 23 4.21 -3.89 12.24
C ALA A 23 5.44 -4.64 11.72
N ASP A 24 5.35 -5.19 10.54
CA ASP A 24 6.53 -5.94 9.98
C ASP A 24 7.54 -4.96 9.41
N GLY A 25 7.11 -3.78 9.04
CA GLY A 25 8.05 -2.78 8.47
C GLY A 25 7.93 -2.79 6.94
N PHE A 26 7.20 -3.73 6.40
CA PHE A 26 7.05 -3.80 4.92
C PHE A 26 5.71 -4.43 4.56
N ILE A 27 4.91 -3.76 3.76
CA ILE A 27 3.60 -4.33 3.37
C ILE A 27 3.78 -5.27 2.18
N ASP A 28 3.56 -6.55 2.39
CA ASP A 28 3.73 -7.53 1.27
C ASP A 28 2.39 -7.75 0.57
N ILE A 29 2.34 -8.68 -0.35
CA ILE A 29 1.07 -8.96 -1.08
C ILE A 29 0.03 -9.60 -0.14
N GLU A 30 0.45 -10.53 0.68
CA GLU A 30 -0.51 -11.18 1.61
C GLU A 30 -1.26 -10.12 2.42
N GLU A 31 -0.55 -9.27 3.11
CA GLU A 31 -1.23 -8.21 3.93
C GLU A 31 -2.35 -7.56 3.11
N LEU A 32 -2.04 -7.04 1.96
CA LEU A 32 -3.09 -6.39 1.12
C LEU A 32 -4.33 -7.28 1.03
N GLY A 33 -4.15 -8.51 0.60
CA GLY A 33 -5.31 -9.43 0.48
C GLY A 33 -6.16 -9.36 1.75
N GLU A 34 -5.72 -10.00 2.80
CA GLU A 34 -6.51 -9.98 4.07
C GLU A 34 -7.05 -8.57 4.35
N ILE A 35 -6.21 -7.58 4.25
CA ILE A 35 -6.68 -6.19 4.50
C ILE A 35 -8.00 -5.94 3.76
N LEU A 36 -8.01 -6.14 2.47
CA LEU A 36 -9.27 -5.91 1.70
C LEU A 36 -10.24 -7.07 1.91
N ARG A 37 -9.82 -8.28 1.66
CA ARG A 37 -10.72 -9.44 1.85
C ARG A 37 -11.39 -9.36 3.23
N ALA A 38 -10.67 -8.89 4.22
CA ALA A 38 -11.26 -8.78 5.58
C ALA A 38 -12.62 -8.09 5.51
N THR A 39 -12.75 -7.08 4.68
CA THR A 39 -14.05 -6.37 4.56
C THR A 39 -15.10 -7.31 3.95
N GLY A 40 -14.72 -8.10 2.99
CA GLY A 40 -15.69 -9.03 2.36
C GLY A 40 -16.09 -8.49 0.98
N GLU A 41 -15.18 -7.85 0.31
CA GLU A 41 -15.50 -7.30 -1.04
C GLU A 41 -15.01 -8.26 -2.13
N HIS A 42 -14.55 -9.42 -1.75
CA HIS A 42 -14.05 -10.40 -2.76
C HIS A 42 -13.20 -9.68 -3.81
N VAL A 43 -12.02 -9.27 -3.44
CA VAL A 43 -11.14 -8.56 -4.42
C VAL A 43 -10.29 -9.57 -5.21
N ILE A 44 -9.87 -9.20 -6.38
CA ILE A 44 -9.04 -10.13 -7.21
C ILE A 44 -7.57 -9.71 -7.15
N GLU A 45 -6.67 -10.66 -7.18
CA GLU A 45 -5.22 -10.31 -7.13
C GLU A 45 -4.90 -9.23 -8.18
N GLU A 46 -5.46 -9.35 -9.35
CA GLU A 46 -5.18 -8.34 -10.41
C GLU A 46 -5.16 -6.92 -9.82
N ASP A 47 -5.97 -6.68 -8.82
CA ASP A 47 -6.00 -5.33 -8.20
C ASP A 47 -4.91 -5.24 -7.14
N ILE A 48 -4.78 -6.26 -6.32
CA ILE A 48 -3.72 -6.26 -5.27
C ILE A 48 -2.34 -6.29 -5.93
N GLU A 49 -2.20 -7.04 -6.99
CA GLU A 49 -0.89 -7.13 -7.68
C GLU A 49 -0.42 -5.72 -8.10
N ASP A 50 -1.27 -4.97 -8.76
CA ASP A 50 -0.88 -3.61 -9.21
C ASP A 50 -0.23 -2.85 -8.04
N LEU A 51 -0.91 -2.75 -6.93
CA LEU A 51 -0.33 -2.01 -5.77
C LEU A 51 1.10 -2.47 -5.50
N MET A 52 1.30 -3.75 -5.35
CA MET A 52 2.67 -4.27 -5.07
C MET A 52 3.55 -4.14 -6.32
N LYS A 53 3.08 -4.60 -7.44
CA LYS A 53 3.89 -4.51 -8.68
C LYS A 53 4.29 -3.05 -8.95
N ASP A 54 3.40 -2.13 -8.72
CA ASP A 54 3.72 -0.70 -8.98
C ASP A 54 4.65 -0.15 -7.89
N SER A 55 4.41 -0.52 -6.66
CA SER A 55 5.29 -0.02 -5.55
C SER A 55 6.54 -0.87 -5.43
N ASP A 56 6.37 -2.17 -5.32
CA ASP A 56 7.56 -3.06 -5.17
C ASP A 56 8.65 -2.71 -6.19
N LYS A 57 9.54 -1.82 -5.83
CA LYS A 57 10.63 -1.45 -6.76
C LYS A 57 11.70 -2.54 -6.76
N ASN A 58 11.77 -3.30 -5.69
CA ASN A 58 12.77 -4.39 -5.61
C ASN A 58 12.09 -5.73 -5.94
N ASN A 59 10.80 -5.72 -6.12
CA ASN A 59 10.08 -6.98 -6.44
C ASN A 59 10.28 -8.01 -5.33
N ASP A 60 10.55 -7.56 -4.13
CA ASP A 60 10.74 -8.53 -3.02
C ASP A 60 9.39 -8.89 -2.39
N GLY A 61 8.32 -8.39 -2.94
CA GLY A 61 6.96 -8.70 -2.38
C GLY A 61 6.74 -7.90 -1.10
N ARG A 62 7.19 -6.67 -1.06
CA ARG A 62 6.99 -5.85 0.17
C ARG A 62 7.10 -4.36 -0.16
N ILE A 63 6.19 -3.57 0.33
CA ILE A 63 6.23 -2.10 0.05
C ILE A 63 6.88 -1.36 1.22
N ASP A 64 7.92 -0.62 0.97
CA ASP A 64 8.59 0.14 2.07
C ASP A 64 8.25 1.63 1.99
N PHE A 65 8.86 2.44 2.80
CA PHE A 65 8.55 3.90 2.76
C PHE A 65 8.83 4.45 1.35
N ASP A 66 9.92 4.06 0.76
CA ASP A 66 10.24 4.55 -0.61
C ASP A 66 9.18 4.08 -1.60
N GLU A 67 8.91 2.81 -1.62
CA GLU A 67 7.88 2.28 -2.56
C GLU A 67 6.50 2.83 -2.20
N PHE A 68 6.09 2.70 -0.97
CA PHE A 68 4.76 3.23 -0.56
C PHE A 68 4.58 4.65 -1.09
N LEU A 69 5.46 5.55 -0.75
CA LEU A 69 5.34 6.94 -1.25
C LEU A 69 5.02 6.94 -2.74
N LYS A 70 5.91 6.42 -3.55
CA LYS A 70 5.65 6.38 -5.02
C LYS A 70 4.40 5.55 -5.30
N MET A 71 4.06 4.64 -4.43
CA MET A 71 2.86 3.80 -4.65
C MET A 71 1.62 4.72 -4.72
N MET A 72 1.59 5.73 -3.91
CA MET A 72 0.43 6.67 -3.92
C MET A 72 0.81 7.96 -4.66
N GLU A 73 1.99 8.02 -5.21
CA GLU A 73 2.42 9.25 -5.94
C GLU A 73 2.02 9.15 -7.41
N GLY A 74 2.03 7.97 -7.97
CA GLY A 74 1.64 7.82 -9.40
C GLY A 74 0.70 6.62 -9.54
N VAL A 75 -0.31 6.55 -8.72
CA VAL A 75 -1.27 5.41 -8.81
C VAL A 75 -1.78 5.26 -10.24
N GLN A 76 -1.73 4.06 -10.78
CA GLN A 76 -2.21 3.85 -12.17
C GLN A 76 -3.75 3.80 -12.20
N GLU A 2 -10.41 16.65 10.84
CA GLU A 2 -11.17 15.48 10.32
C GLU A 2 -12.45 15.94 9.60
N ASP A 3 -12.32 16.48 8.42
CA ASP A 3 -13.53 16.95 7.68
C ASP A 3 -13.45 16.54 6.21
N ALA A 4 -13.35 15.26 5.94
CA ALA A 4 -13.26 14.79 4.54
C ALA A 4 -12.05 15.42 3.84
N LYS A 5 -10.96 14.72 3.79
CA LYS A 5 -9.74 15.28 3.13
C LYS A 5 -9.32 14.39 1.96
N GLY A 6 -8.14 14.61 1.42
CA GLY A 6 -7.67 13.77 0.29
C GLY A 6 -6.47 12.94 0.73
N LYS A 7 -6.33 12.72 2.01
CA LYS A 7 -5.17 11.92 2.50
C LYS A 7 -3.89 12.34 1.78
N SER A 8 -3.42 13.53 2.04
CA SER A 8 -2.18 14.00 1.35
C SER A 8 -1.07 12.96 1.51
N GLU A 9 -0.04 13.07 0.72
CA GLU A 9 1.08 12.09 0.81
C GLU A 9 1.42 11.82 2.29
N GLU A 10 1.57 12.85 3.08
CA GLU A 10 1.91 12.65 4.52
C GLU A 10 0.89 11.73 5.19
N GLU A 11 -0.37 11.90 4.90
CA GLU A 11 -1.41 11.04 5.53
C GLU A 11 -1.05 9.55 5.36
N LEU A 12 -0.74 9.14 4.16
CA LEU A 12 -0.39 7.71 3.94
C LEU A 12 0.71 7.28 4.90
N ALA A 13 1.71 8.10 5.08
CA ALA A 13 2.83 7.73 6.00
C ALA A 13 2.28 7.33 7.37
N ASN A 14 1.59 8.22 8.04
CA ASN A 14 1.03 7.88 9.38
C ASN A 14 0.15 6.63 9.28
N CYS A 15 -0.76 6.60 8.34
CA CYS A 15 -1.65 5.42 8.20
C CYS A 15 -0.83 4.15 7.93
N PHE A 16 0.39 4.30 7.47
CA PHE A 16 1.23 3.11 7.20
C PHE A 16 1.31 2.23 8.44
N ARG A 17 1.78 2.76 9.54
CA ARG A 17 1.88 1.94 10.79
C ARG A 17 0.60 1.12 10.99
N ILE A 18 -0.53 1.68 10.67
CA ILE A 18 -1.81 0.92 10.84
C ILE A 18 -1.86 -0.25 9.87
N PHE A 19 -1.67 0.00 8.60
CA PHE A 19 -1.71 -1.11 7.61
C PHE A 19 -0.73 -2.22 8.02
N ASP A 20 0.34 -1.86 8.67
CA ASP A 20 1.32 -2.90 9.11
C ASP A 20 0.92 -3.45 10.47
N LYS A 21 0.16 -4.50 10.50
CA LYS A 21 -0.27 -5.09 11.79
C LYS A 21 0.89 -5.79 12.49
N ASN A 22 1.68 -6.52 11.74
CA ASN A 22 2.84 -7.24 12.36
C ASN A 22 4.07 -6.33 12.40
N ALA A 23 3.92 -5.08 12.04
CA ALA A 23 5.07 -4.14 12.07
C ALA A 23 6.32 -4.84 11.50
N ASP A 24 6.28 -5.20 10.25
CA ASP A 24 7.46 -5.87 9.64
C ASP A 24 8.32 -4.85 8.87
N GLY A 25 7.82 -3.67 8.67
CA GLY A 25 8.60 -2.64 7.94
C GLY A 25 8.30 -2.73 6.45
N PHE A 26 7.70 -3.80 6.02
CA PHE A 26 7.38 -3.96 4.57
C PHE A 26 6.08 -4.75 4.40
N ILE A 27 5.12 -4.21 3.70
CA ILE A 27 3.84 -4.94 3.50
C ILE A 27 3.97 -5.93 2.34
N ASP A 28 3.57 -7.16 2.55
CA ASP A 28 3.68 -8.17 1.46
C ASP A 28 2.33 -8.29 0.73
N ILE A 29 2.18 -9.30 -0.08
CA ILE A 29 0.90 -9.48 -0.82
C ILE A 29 -0.20 -9.93 0.13
N GLU A 30 0.11 -10.82 1.03
CA GLU A 30 -0.92 -11.30 2.00
C GLU A 30 -1.52 -10.14 2.77
N GLU A 31 -0.69 -9.34 3.39
CA GLU A 31 -1.21 -8.18 4.17
C GLU A 31 -2.13 -7.32 3.30
N LEU A 32 -1.79 -7.16 2.04
CA LEU A 32 -2.65 -6.33 1.15
C LEU A 32 -4.06 -6.92 1.05
N GLY A 33 -4.16 -8.19 0.76
CA GLY A 33 -5.50 -8.83 0.64
C GLY A 33 -6.33 -8.49 1.88
N GLU A 34 -6.03 -9.11 3.00
CA GLU A 34 -6.82 -8.82 4.23
C GLU A 34 -7.08 -7.33 4.37
N ILE A 35 -6.06 -6.52 4.34
CA ILE A 35 -6.26 -5.04 4.47
C ILE A 35 -7.37 -4.57 3.53
N LEU A 36 -7.24 -4.88 2.26
CA LEU A 36 -8.28 -4.45 1.28
C LEU A 36 -9.59 -5.20 1.52
N ARG A 37 -9.51 -6.50 1.69
CA ARG A 37 -10.75 -7.30 1.92
C ARG A 37 -11.40 -6.90 3.25
N ALA A 38 -10.62 -6.66 4.26
CA ALA A 38 -11.19 -6.28 5.58
C ALA A 38 -12.24 -5.17 5.40
N THR A 39 -11.94 -4.18 4.60
CA THR A 39 -12.93 -3.09 4.38
C THR A 39 -14.26 -3.65 3.91
N GLY A 40 -14.29 -4.25 2.75
CA GLY A 40 -15.56 -4.83 2.24
C GLY A 40 -15.65 -4.63 0.73
N GLU A 41 -14.55 -4.75 0.03
CA GLU A 41 -14.57 -4.56 -1.45
C GLU A 41 -14.30 -5.89 -2.14
N HIS A 42 -14.76 -6.04 -3.35
CA HIS A 42 -14.53 -7.33 -4.08
C HIS A 42 -13.22 -7.27 -4.87
N VAL A 43 -12.12 -7.15 -4.20
CA VAL A 43 -10.81 -7.10 -4.92
C VAL A 43 -10.34 -8.53 -5.23
N ILE A 44 -9.87 -8.77 -6.43
CA ILE A 44 -9.40 -10.14 -6.78
C ILE A 44 -7.88 -10.21 -6.76
N GLU A 45 -7.33 -11.33 -6.35
CA GLU A 45 -5.85 -11.47 -6.31
C GLU A 45 -5.22 -10.87 -7.56
N GLU A 46 -5.65 -11.30 -8.72
CA GLU A 46 -5.08 -10.77 -9.99
C GLU A 46 -4.84 -9.26 -9.89
N ASP A 47 -5.59 -8.57 -9.07
CA ASP A 47 -5.40 -7.10 -8.93
C ASP A 47 -4.31 -6.81 -7.90
N ILE A 48 -4.42 -7.40 -6.74
CA ILE A 48 -3.40 -7.16 -5.69
C ILE A 48 -2.04 -7.65 -6.18
N GLU A 49 -2.00 -8.77 -6.84
CA GLU A 49 -0.71 -9.29 -7.36
C GLU A 49 0.03 -8.20 -8.13
N ASP A 50 -0.64 -7.56 -9.06
CA ASP A 50 0.02 -6.48 -9.85
C ASP A 50 0.35 -5.29 -8.94
N LEU A 51 -0.49 -5.00 -8.00
CA LEU A 51 -0.21 -3.86 -7.07
C LEU A 51 1.20 -3.96 -6.50
N MET A 52 1.60 -5.12 -6.07
CA MET A 52 2.97 -5.27 -5.49
C MET A 52 4.04 -5.05 -6.57
N LYS A 53 3.83 -5.60 -7.74
CA LYS A 53 4.83 -5.43 -8.83
C LYS A 53 4.96 -3.95 -9.22
N ASP A 54 3.85 -3.27 -9.37
CA ASP A 54 3.91 -1.83 -9.76
C ASP A 54 4.51 -0.99 -8.62
N SER A 55 4.19 -1.33 -7.40
CA SER A 55 4.73 -0.55 -6.25
C SER A 55 6.16 -0.99 -5.93
N ASP A 56 6.39 -2.26 -5.81
CA ASP A 56 7.77 -2.75 -5.49
C ASP A 56 8.75 -2.34 -6.60
N LYS A 57 9.36 -1.19 -6.46
CA LYS A 57 10.34 -0.74 -7.49
C LYS A 57 11.76 -1.00 -7.00
N ASN A 58 12.03 -2.19 -6.54
CA ASN A 58 13.40 -2.51 -6.04
C ASN A 58 13.74 -3.98 -6.30
N ASN A 59 13.17 -4.87 -5.53
CA ASN A 59 13.47 -6.32 -5.74
C ASN A 59 12.86 -7.17 -4.62
N ASP A 60 13.03 -6.74 -3.40
CA ASP A 60 12.47 -7.53 -2.26
C ASP A 60 11.06 -8.03 -2.58
N GLY A 61 10.36 -7.36 -3.45
CA GLY A 61 8.98 -7.80 -3.80
C GLY A 61 8.03 -7.40 -2.67
N ARG A 62 8.05 -6.16 -2.28
CA ARG A 62 7.15 -5.70 -1.18
C ARG A 62 6.94 -4.19 -1.26
N ILE A 63 5.84 -3.71 -0.75
CA ILE A 63 5.57 -2.24 -0.78
C ILE A 63 6.15 -1.58 0.47
N ASP A 64 7.14 -0.75 0.32
CA ASP A 64 7.74 -0.08 1.51
C ASP A 64 7.31 1.40 1.56
N PHE A 65 7.88 2.15 2.46
CA PHE A 65 7.50 3.58 2.59
C PHE A 65 7.74 4.33 1.27
N ASP A 66 8.78 3.99 0.55
CA ASP A 66 9.06 4.67 -0.74
C ASP A 66 8.01 4.28 -1.79
N GLU A 67 7.83 3.00 -2.00
CA GLU A 67 6.83 2.55 -3.01
C GLU A 67 5.41 2.88 -2.54
N PHE A 68 5.12 2.63 -1.30
CA PHE A 68 3.75 2.93 -0.78
C PHE A 68 3.33 4.35 -1.17
N LEU A 69 4.27 5.26 -1.22
CA LEU A 69 3.92 6.66 -1.59
C LEU A 69 3.70 6.77 -3.11
N LYS A 70 4.52 6.14 -3.89
CA LYS A 70 4.35 6.21 -5.38
C LYS A 70 3.08 5.46 -5.81
N MET A 71 2.90 4.26 -5.35
CA MET A 71 1.69 3.48 -5.75
C MET A 71 0.43 4.34 -5.69
N MET A 72 0.23 5.05 -4.60
CA MET A 72 -1.00 5.90 -4.50
C MET A 72 -1.27 6.61 -5.83
N GLU A 73 -0.26 6.86 -6.60
CA GLU A 73 -0.46 7.55 -7.90
C GLU A 73 -0.39 6.54 -9.06
N GLY A 74 -1.49 5.93 -9.39
CA GLY A 74 -1.49 4.93 -10.51
C GLY A 74 -2.06 3.59 -10.00
N VAL A 75 -2.63 3.58 -8.83
CA VAL A 75 -3.20 2.31 -8.30
C VAL A 75 -4.73 2.41 -8.24
N GLN A 76 -5.41 1.47 -8.84
CA GLN A 76 -6.90 1.49 -8.81
C GLN A 76 -7.42 2.81 -9.40
N GLU A 2 -12.01 16.24 -1.33
CA GLU A 2 -11.75 15.45 -2.57
C GLU A 2 -12.74 14.29 -2.67
N ASP A 3 -12.97 13.59 -1.58
CA ASP A 3 -13.91 12.45 -1.60
C ASP A 3 -13.36 11.32 -2.50
N ALA A 4 -13.65 10.09 -2.18
CA ALA A 4 -13.15 8.97 -3.00
C ALA A 4 -11.62 8.90 -2.93
N LYS A 5 -11.09 8.32 -1.88
CA LYS A 5 -9.61 8.22 -1.75
C LYS A 5 -8.99 9.62 -1.67
N GLY A 6 -7.71 9.73 -1.93
CA GLY A 6 -7.06 11.06 -1.86
C GLY A 6 -6.11 11.11 -0.66
N LYS A 7 -4.89 11.51 -0.87
CA LYS A 7 -3.91 11.58 0.25
C LYS A 7 -2.53 12.00 -0.26
N SER A 8 -1.90 12.94 0.41
CA SER A 8 -0.56 13.39 -0.05
C SER A 8 0.54 12.57 0.64
N GLU A 9 1.73 12.59 0.10
CA GLU A 9 2.84 11.81 0.72
C GLU A 9 2.82 11.98 2.24
N GLU A 10 2.79 13.20 2.72
CA GLU A 10 2.78 13.42 4.20
C GLU A 10 1.68 12.56 4.84
N GLU A 11 0.46 12.73 4.42
CA GLU A 11 -0.65 11.93 5.01
C GLU A 11 -0.34 10.44 4.90
N LEU A 12 -0.08 9.96 3.71
CA LEU A 12 0.23 8.51 3.54
C LEU A 12 1.34 8.09 4.52
N ALA A 13 2.40 8.86 4.60
CA ALA A 13 3.50 8.50 5.53
C ALA A 13 2.94 8.01 6.87
N ASN A 14 2.17 8.83 7.53
CA ASN A 14 1.59 8.41 8.84
C ASN A 14 0.61 7.25 8.65
N CYS A 15 0.01 7.16 7.48
CA CYS A 15 -0.96 6.06 7.23
C CYS A 15 -0.23 4.72 7.02
N PHE A 16 1.07 4.75 6.91
CA PHE A 16 1.82 3.48 6.71
C PHE A 16 1.49 2.49 7.82
N ARG A 17 1.52 2.92 9.05
CA ARG A 17 1.20 2.00 10.18
C ARG A 17 -0.23 1.48 10.04
N ILE A 18 -1.13 2.29 9.54
CA ILE A 18 -2.54 1.83 9.38
C ILE A 18 -2.59 0.62 8.44
N PHE A 19 -1.70 0.58 7.48
CA PHE A 19 -1.69 -0.58 6.53
C PHE A 19 -0.99 -1.78 7.17
N ASP A 20 0.24 -1.63 7.56
CA ASP A 20 0.97 -2.76 8.19
C ASP A 20 0.23 -3.22 9.45
N LYS A 21 -0.71 -4.11 9.29
CA LYS A 21 -1.48 -4.60 10.48
C LYS A 21 -0.54 -5.11 11.57
N ASN A 22 0.48 -5.85 11.19
CA ASN A 22 1.43 -6.37 12.22
C ASN A 22 2.62 -5.42 12.35
N ALA A 23 3.72 -5.90 12.86
CA ALA A 23 4.93 -5.04 13.01
C ALA A 23 6.12 -5.64 12.27
N ASP A 24 6.00 -5.80 10.97
CA ASP A 24 7.12 -6.37 10.19
C ASP A 24 7.96 -5.25 9.56
N GLY A 25 7.34 -4.15 9.22
CA GLY A 25 8.11 -3.04 8.60
C GLY A 25 7.92 -3.06 7.08
N PHE A 26 7.24 -4.04 6.57
CA PHE A 26 7.03 -4.12 5.10
C PHE A 26 5.73 -4.88 4.78
N ILE A 27 4.84 -4.27 4.05
CA ILE A 27 3.56 -4.97 3.72
C ILE A 27 3.75 -5.87 2.50
N ASP A 28 3.47 -7.14 2.66
CA ASP A 28 3.63 -8.07 1.51
C ASP A 28 2.29 -8.27 0.79
N ILE A 29 2.27 -9.04 -0.26
CA ILE A 29 0.99 -9.26 -0.99
C ILE A 29 -0.07 -9.83 -0.04
N GLU A 30 0.31 -10.76 0.79
CA GLU A 30 -0.67 -11.36 1.74
C GLU A 30 -1.38 -10.24 2.51
N GLU A 31 -0.63 -9.37 3.13
CA GLU A 31 -1.27 -8.26 3.90
C GLU A 31 -2.27 -7.52 3.01
N LEU A 32 -1.87 -7.18 1.81
CA LEU A 32 -2.81 -6.47 0.90
C LEU A 32 -4.10 -7.26 0.76
N GLY A 33 -4.05 -8.55 0.92
CA GLY A 33 -5.27 -9.38 0.79
C GLY A 33 -6.16 -9.19 2.03
N GLU A 34 -5.71 -9.68 3.16
CA GLU A 34 -6.54 -9.52 4.40
C GLU A 34 -6.98 -8.07 4.56
N ILE A 35 -6.08 -7.14 4.36
CA ILE A 35 -6.45 -5.71 4.50
C ILE A 35 -7.74 -5.42 3.71
N LEU A 36 -7.72 -5.61 2.42
CA LEU A 36 -8.93 -5.35 1.61
C LEU A 36 -10.01 -6.40 1.93
N ARG A 37 -9.63 -7.64 2.04
CA ARG A 37 -10.63 -8.69 2.36
C ARG A 37 -11.46 -8.29 3.59
N ALA A 38 -10.83 -7.71 4.56
CA ALA A 38 -11.58 -7.30 5.78
C ALA A 38 -12.76 -6.39 5.42
N THR A 39 -12.55 -5.46 4.53
CA THR A 39 -13.67 -4.55 4.14
C THR A 39 -14.81 -5.36 3.50
N GLY A 40 -14.48 -6.44 2.85
CA GLY A 40 -15.54 -7.27 2.20
C GLY A 40 -15.71 -6.85 0.74
N GLU A 41 -14.72 -6.21 0.19
CA GLU A 41 -14.82 -5.79 -1.25
C GLU A 41 -14.32 -6.89 -2.17
N HIS A 42 -14.33 -8.12 -1.71
CA HIS A 42 -13.84 -9.25 -2.56
C HIS A 42 -12.41 -9.00 -3.01
N VAL A 43 -12.24 -8.29 -4.09
CA VAL A 43 -10.87 -8.01 -4.62
C VAL A 43 -10.26 -9.29 -5.19
N ILE A 44 -9.52 -9.18 -6.26
CA ILE A 44 -8.89 -10.39 -6.86
C ILE A 44 -7.38 -10.23 -6.95
N GLU A 45 -6.65 -11.31 -6.80
CA GLU A 45 -5.16 -11.21 -6.88
C GLU A 45 -4.75 -10.36 -8.09
N GLU A 46 -5.35 -10.61 -9.22
CA GLU A 46 -4.98 -9.82 -10.44
C GLU A 46 -4.95 -8.32 -10.11
N ASP A 47 -5.73 -7.89 -9.15
CA ASP A 47 -5.74 -6.46 -8.78
C ASP A 47 -4.75 -6.19 -7.65
N ILE A 48 -4.80 -6.98 -6.61
CA ILE A 48 -3.85 -6.78 -5.47
C ILE A 48 -2.41 -6.81 -5.98
N GLU A 49 -2.12 -7.69 -6.91
CA GLU A 49 -0.73 -7.77 -7.44
C GLU A 49 -0.32 -6.42 -8.03
N ASP A 50 -1.16 -5.81 -8.81
CA ASP A 50 -0.82 -4.49 -9.41
C ASP A 50 -0.32 -3.53 -8.34
N LEU A 51 -1.06 -3.37 -7.29
CA LEU A 51 -0.63 -2.44 -6.19
C LEU A 51 0.77 -2.81 -5.72
N MET A 52 1.04 -4.07 -5.55
CA MET A 52 2.38 -4.50 -5.09
C MET A 52 3.41 -4.30 -6.21
N LYS A 53 3.14 -4.84 -7.37
CA LYS A 53 4.09 -4.67 -8.50
C LYS A 53 4.38 -3.19 -8.74
N ASP A 54 3.37 -2.42 -9.03
CA ASP A 54 3.59 -0.97 -9.26
C ASP A 54 4.42 -0.37 -8.13
N SER A 55 4.16 -0.76 -6.92
CA SER A 55 4.94 -0.21 -5.77
C SER A 55 6.32 -0.87 -5.69
N ASP A 56 6.36 -2.17 -5.59
CA ASP A 56 7.67 -2.87 -5.51
C ASP A 56 8.50 -2.62 -6.77
N LYS A 57 9.07 -1.45 -6.89
CA LYS A 57 9.90 -1.16 -8.09
C LYS A 57 11.28 -1.79 -7.93
N ASN A 58 11.48 -2.51 -6.87
CA ASN A 58 12.81 -3.16 -6.64
C ASN A 58 12.62 -4.69 -6.52
N ASN A 59 11.45 -5.17 -6.84
CA ASN A 59 11.21 -6.64 -6.75
C ASN A 59 11.46 -7.13 -5.33
N ASP A 60 11.32 -6.25 -4.36
CA ASP A 60 11.55 -6.66 -2.95
C ASP A 60 10.40 -7.54 -2.44
N GLY A 61 9.42 -7.77 -3.27
CA GLY A 61 8.28 -8.62 -2.84
C GLY A 61 7.58 -7.97 -1.65
N ARG A 62 7.83 -6.71 -1.42
CA ARG A 62 7.19 -6.02 -0.26
C ARG A 62 7.18 -4.50 -0.49
N ILE A 63 6.15 -3.83 -0.08
CA ILE A 63 6.09 -2.35 -0.26
C ILE A 63 6.76 -1.65 0.93
N ASP A 64 7.83 -0.94 0.69
CA ASP A 64 8.52 -0.24 1.81
C ASP A 64 8.15 1.25 1.80
N PHE A 65 8.76 2.01 2.67
CA PHE A 65 8.45 3.47 2.72
C PHE A 65 8.64 4.09 1.35
N ASP A 66 9.79 3.92 0.76
CA ASP A 66 10.04 4.51 -0.59
C ASP A 66 8.95 4.09 -1.56
N GLU A 67 8.83 2.82 -1.83
CA GLU A 67 7.78 2.33 -2.77
C GLU A 67 6.40 2.77 -2.30
N PHE A 68 6.07 2.52 -1.05
CA PHE A 68 4.75 2.93 -0.53
C PHE A 68 4.42 4.35 -1.01
N LEU A 69 5.27 5.30 -0.72
CA LEU A 69 5.00 6.69 -1.17
C LEU A 69 4.94 6.75 -2.69
N LYS A 70 5.94 6.23 -3.35
CA LYS A 70 5.93 6.25 -4.85
C LYS A 70 4.62 5.65 -5.38
N MET A 71 4.27 4.48 -4.92
CA MET A 71 3.00 3.85 -5.39
C MET A 71 1.85 4.87 -5.26
N MET A 72 1.78 5.52 -4.14
CA MET A 72 0.69 6.52 -3.94
C MET A 72 1.26 7.95 -4.03
N GLU A 73 2.11 8.19 -4.99
CA GLU A 73 2.71 9.55 -5.13
C GLU A 73 2.20 10.23 -6.41
N GLY A 74 2.29 11.53 -6.48
CA GLY A 74 1.82 12.24 -7.70
C GLY A 74 0.29 12.22 -7.75
N VAL A 75 -0.36 12.70 -6.74
CA VAL A 75 -1.85 12.71 -6.74
C VAL A 75 -2.37 14.14 -6.68
N GLN A 76 -3.40 14.44 -7.43
CA GLN A 76 -3.95 15.83 -7.42
C GLN A 76 -4.23 16.27 -5.98
N GLU A 2 -7.17 29.04 -0.49
CA GLU A 2 -6.33 28.42 -1.56
C GLU A 2 -4.97 28.00 -1.01
N ASP A 3 -4.82 26.75 -0.65
CA ASP A 3 -3.51 26.29 -0.10
C ASP A 3 -2.68 25.65 -1.20
N ALA A 4 -1.37 25.71 -1.09
CA ALA A 4 -0.51 25.11 -2.14
C ALA A 4 -0.68 23.59 -2.16
N LYS A 5 0.37 22.86 -2.41
CA LYS A 5 0.25 21.38 -2.44
C LYS A 5 -0.60 20.90 -1.25
N GLY A 6 -1.71 20.27 -1.51
CA GLY A 6 -2.58 19.79 -0.41
C GLY A 6 -1.84 18.74 0.44
N LYS A 7 -2.19 18.63 1.69
CA LYS A 7 -1.52 17.63 2.57
C LYS A 7 -0.03 17.54 2.26
N SER A 8 0.57 16.43 2.60
CA SER A 8 2.03 16.26 2.32
C SER A 8 2.49 14.86 2.74
N GLU A 9 3.73 14.53 2.50
CA GLU A 9 4.23 13.18 2.89
C GLU A 9 3.96 12.93 4.38
N GLU A 10 4.06 13.95 5.20
CA GLU A 10 3.80 13.77 6.66
C GLU A 10 2.59 12.87 6.88
N GLU A 11 1.41 13.36 6.60
CA GLU A 11 0.19 12.53 6.80
C GLU A 11 0.39 11.16 6.15
N LEU A 12 0.84 11.13 4.92
CA LEU A 12 1.06 9.84 4.22
C LEU A 12 1.92 8.91 5.10
N ALA A 13 3.12 9.32 5.41
CA ALA A 13 4.00 8.47 6.26
C ALA A 13 3.23 7.97 7.48
N ASN A 14 2.61 8.85 8.20
CA ASN A 14 1.84 8.43 9.41
C ASN A 14 0.88 7.30 9.04
N CYS A 15 0.34 7.32 7.86
CA CYS A 15 -0.60 6.23 7.44
C CYS A 15 0.14 4.90 7.31
N PHE A 16 1.44 4.94 7.26
CA PHE A 16 2.23 3.68 7.13
C PHE A 16 1.88 2.72 8.27
N ARG A 17 2.17 3.10 9.48
CA ARG A 17 1.85 2.20 10.64
C ARG A 17 0.38 1.77 10.58
N ILE A 18 -0.49 2.66 10.20
CA ILE A 18 -1.93 2.31 10.13
C ILE A 18 -2.15 1.11 9.19
N PHE A 19 -1.52 1.12 8.05
CA PHE A 19 -1.69 -0.02 7.10
C PHE A 19 -1.08 -1.29 7.70
N ASP A 20 0.17 -1.23 8.10
CA ASP A 20 0.82 -2.43 8.69
C ASP A 20 0.14 -2.82 10.00
N LYS A 21 0.09 -4.09 10.28
CA LYS A 21 -0.56 -4.56 11.55
C LYS A 21 0.42 -5.43 12.35
N ASN A 22 1.05 -6.37 11.71
CA ASN A 22 2.02 -7.24 12.43
C ASN A 22 3.35 -6.51 12.62
N ALA A 23 3.43 -5.28 12.21
CA ALA A 23 4.69 -4.51 12.38
C ALA A 23 5.85 -5.25 11.71
N ASP A 24 5.76 -5.49 10.42
CA ASP A 24 6.85 -6.20 9.72
C ASP A 24 7.85 -5.19 9.15
N GLY A 25 7.45 -3.97 8.96
CA GLY A 25 8.38 -2.95 8.42
C GLY A 25 8.14 -2.80 6.91
N PHE A 26 7.45 -3.74 6.31
CA PHE A 26 7.18 -3.65 4.86
C PHE A 26 5.89 -4.41 4.52
N ILE A 27 5.00 -3.78 3.79
CA ILE A 27 3.72 -4.47 3.45
C ILE A 27 3.90 -5.38 2.23
N ASP A 28 3.56 -6.63 2.35
CA ASP A 28 3.71 -7.56 1.20
C ASP A 28 2.34 -7.85 0.58
N ILE A 29 2.21 -8.93 -0.12
CA ILE A 29 0.89 -9.26 -0.75
C ILE A 29 -0.09 -9.76 0.32
N GLU A 30 0.40 -10.51 1.27
CA GLU A 30 -0.50 -11.03 2.34
C GLU A 30 -1.22 -9.87 3.04
N GLU A 31 -0.52 -8.82 3.34
CA GLU A 31 -1.16 -7.66 4.02
C GLU A 31 -2.23 -7.03 3.10
N LEU A 32 -1.90 -6.85 1.84
CA LEU A 32 -2.88 -6.24 0.91
C LEU A 32 -4.19 -7.06 0.89
N GLY A 33 -4.09 -8.35 1.05
CA GLY A 33 -5.32 -9.20 1.03
C GLY A 33 -6.19 -8.87 2.25
N GLU A 34 -5.79 -9.30 3.41
CA GLU A 34 -6.61 -9.03 4.63
C GLU A 34 -7.14 -7.58 4.62
N ILE A 35 -6.26 -6.61 4.59
CA ILE A 35 -6.73 -5.19 4.58
C ILE A 35 -7.91 -5.04 3.60
N LEU A 36 -7.75 -5.49 2.39
CA LEU A 36 -8.87 -5.36 1.41
C LEU A 36 -9.95 -6.41 1.67
N ARG A 37 -9.56 -7.63 1.96
CA ARG A 37 -10.56 -8.68 2.23
C ARG A 37 -11.50 -8.25 3.36
N ALA A 38 -11.01 -7.49 4.31
CA ALA A 38 -11.87 -7.04 5.43
C ALA A 38 -13.13 -6.36 4.89
N THR A 39 -13.02 -5.71 3.76
CA THR A 39 -14.20 -5.03 3.18
C THR A 39 -15.13 -6.05 2.51
N GLY A 40 -15.95 -5.61 1.59
CA GLY A 40 -16.87 -6.54 0.90
C GLY A 40 -16.71 -6.40 -0.61
N GLU A 41 -15.51 -6.60 -1.10
CA GLU A 41 -15.28 -6.47 -2.57
C GLU A 41 -14.50 -7.68 -3.10
N HIS A 42 -14.49 -7.87 -4.39
CA HIS A 42 -13.74 -9.02 -4.97
C HIS A 42 -12.34 -8.58 -5.39
N VAL A 43 -11.37 -8.74 -4.54
CA VAL A 43 -9.98 -8.32 -4.90
C VAL A 43 -9.09 -9.55 -5.10
N ILE A 44 -9.27 -10.25 -6.19
CA ILE A 44 -8.42 -11.46 -6.45
C ILE A 44 -6.96 -11.05 -6.58
N GLU A 45 -6.06 -11.98 -6.40
CA GLU A 45 -4.61 -11.64 -6.52
C GLU A 45 -4.35 -10.80 -7.78
N GLU A 46 -4.85 -11.24 -8.91
CA GLU A 46 -4.64 -10.47 -10.16
C GLU A 46 -4.77 -8.96 -9.90
N ASP A 47 -5.67 -8.58 -9.03
CA ASP A 47 -5.84 -7.13 -8.73
C ASP A 47 -4.87 -6.72 -7.62
N ILE A 48 -4.81 -7.50 -6.57
CA ILE A 48 -3.88 -7.17 -5.46
C ILE A 48 -2.44 -7.15 -5.98
N GLU A 49 -2.11 -8.09 -6.82
CA GLU A 49 -0.73 -8.13 -7.37
C GLU A 49 -0.39 -6.81 -8.08
N ASP A 50 -1.36 -6.24 -8.74
CA ASP A 50 -1.10 -4.95 -9.45
C ASP A 50 -0.46 -3.95 -8.50
N LEU A 51 -1.04 -3.77 -7.34
CA LEU A 51 -0.45 -2.81 -6.36
C LEU A 51 1.00 -3.20 -6.05
N MET A 52 1.26 -4.46 -5.86
CA MET A 52 2.65 -4.90 -5.56
C MET A 52 3.54 -4.71 -6.79
N LYS A 53 3.05 -5.08 -7.94
CA LYS A 53 3.85 -4.93 -9.18
C LYS A 53 4.10 -3.45 -9.47
N ASP A 54 3.11 -2.62 -9.32
CA ASP A 54 3.28 -1.16 -9.59
C ASP A 54 4.13 -0.53 -8.49
N SER A 55 4.01 -1.01 -7.28
CA SER A 55 4.82 -0.42 -6.16
C SER A 55 6.20 -1.07 -6.11
N ASP A 56 6.24 -2.36 -5.86
CA ASP A 56 7.56 -3.07 -5.78
C ASP A 56 8.50 -2.56 -6.87
N LYS A 57 9.41 -1.67 -6.52
CA LYS A 57 10.37 -1.14 -7.53
C LYS A 57 11.70 -1.86 -7.40
N ASN A 58 11.78 -2.82 -6.52
CA ASN A 58 13.06 -3.57 -6.34
C ASN A 58 12.77 -5.07 -6.28
N ASN A 59 11.59 -5.48 -6.69
CA ASN A 59 11.24 -6.92 -6.65
C ASN A 59 11.58 -7.51 -5.28
N ASP A 60 11.11 -6.89 -4.23
CA ASP A 60 11.41 -7.41 -2.86
C ASP A 60 10.15 -8.09 -2.29
N GLY A 61 9.12 -8.19 -3.06
CA GLY A 61 7.87 -8.85 -2.57
C GLY A 61 7.23 -7.99 -1.48
N ARG A 62 7.70 -6.78 -1.30
CA ARG A 62 7.11 -5.90 -0.25
C ARG A 62 7.16 -4.43 -0.68
N ILE A 63 6.18 -3.66 -0.28
CA ILE A 63 6.17 -2.22 -0.67
C ILE A 63 6.91 -1.39 0.40
N ASP A 64 8.02 -0.81 0.04
CA ASP A 64 8.79 0.01 1.04
C ASP A 64 8.32 1.47 1.01
N PHE A 65 8.89 2.30 1.83
CA PHE A 65 8.50 3.73 1.86
C PHE A 65 8.34 4.26 0.43
N ASP A 66 9.37 4.20 -0.35
CA ASP A 66 9.29 4.70 -1.75
C ASP A 66 8.14 4.00 -2.50
N GLU A 67 8.18 2.69 -2.55
CA GLU A 67 7.10 1.95 -3.26
C GLU A 67 5.74 2.29 -2.65
N PHE A 68 5.65 2.27 -1.35
CA PHE A 68 4.36 2.61 -0.69
C PHE A 68 3.94 4.03 -1.08
N LEU A 69 4.78 4.99 -0.83
CA LEU A 69 4.44 6.39 -1.21
C LEU A 69 3.87 6.43 -2.63
N LYS A 70 4.54 5.79 -3.56
CA LYS A 70 4.05 5.78 -4.95
C LYS A 70 2.57 5.38 -4.98
N MET A 71 2.24 4.23 -4.47
CA MET A 71 0.81 3.79 -4.47
C MET A 71 -0.08 4.94 -3.97
N MET A 72 0.26 5.50 -2.85
CA MET A 72 -0.56 6.63 -2.30
C MET A 72 -0.45 7.85 -3.22
N GLU A 73 0.67 8.05 -3.86
CA GLU A 73 0.82 9.22 -4.75
C GLU A 73 0.31 8.88 -6.15
N GLY A 74 -0.05 9.88 -6.92
CA GLY A 74 -0.55 9.61 -8.30
C GLY A 74 -1.56 8.46 -8.26
N VAL A 75 -2.59 8.58 -7.47
CA VAL A 75 -3.60 7.48 -7.39
C VAL A 75 -4.63 7.62 -8.52
N GLN A 76 -5.07 6.52 -9.06
CA GLN A 76 -6.07 6.59 -10.16
C GLN A 76 -5.59 7.55 -11.26
N GLU A 2 5.59 25.80 -0.86
CA GLU A 2 4.22 25.23 -0.69
C GLU A 2 3.38 25.49 -1.94
N ASP A 3 2.92 24.46 -2.60
CA ASP A 3 2.10 24.66 -3.82
C ASP A 3 0.61 24.63 -3.46
N ALA A 4 0.19 23.64 -2.73
CA ALA A 4 -1.26 23.56 -2.34
C ALA A 4 -1.39 22.86 -0.99
N LYS A 5 -2.61 22.51 -0.62
CA LYS A 5 -2.81 21.81 0.68
C LYS A 5 -3.54 20.49 0.46
N GLY A 6 -3.04 19.66 -0.42
CA GLY A 6 -3.70 18.35 -0.68
C GLY A 6 -2.99 17.26 0.12
N LYS A 7 -3.59 16.81 1.20
CA LYS A 7 -2.94 15.74 2.01
C LYS A 7 -1.45 16.05 2.20
N SER A 8 -0.66 15.05 2.47
CA SER A 8 0.80 15.29 2.66
C SER A 8 1.52 13.98 2.98
N GLU A 9 2.80 13.92 2.74
CA GLU A 9 3.55 12.67 3.03
C GLU A 9 3.26 12.19 4.45
N GLU A 10 3.36 13.07 5.41
CA GLU A 10 3.07 12.68 6.83
C GLU A 10 1.75 11.91 6.91
N GLU A 11 0.70 12.45 6.35
CA GLU A 11 -0.61 11.76 6.40
C GLU A 11 -0.45 10.30 5.97
N LEU A 12 0.00 10.07 4.77
CA LEU A 12 0.18 8.66 4.30
C LEU A 12 1.13 7.91 5.22
N ALA A 13 2.35 8.40 5.35
CA ALA A 13 3.33 7.70 6.23
C ALA A 13 2.66 7.26 7.54
N ASN A 14 1.80 8.08 8.08
CA ASN A 14 1.10 7.70 9.34
C ASN A 14 0.24 6.47 9.12
N CYS A 15 -0.35 6.34 7.96
CA CYS A 15 -1.20 5.15 7.68
C CYS A 15 -0.34 3.88 7.63
N PHE A 16 0.84 3.99 7.09
CA PHE A 16 1.74 2.79 7.00
C PHE A 16 1.67 1.99 8.30
N ARG A 17 1.96 2.61 9.41
CA ARG A 17 1.91 1.89 10.71
C ARG A 17 0.58 1.16 10.86
N ILE A 18 -0.51 1.81 10.54
CA ILE A 18 -1.84 1.15 10.66
C ILE A 18 -1.91 -0.04 9.71
N PHE A 19 -1.65 0.16 8.45
CA PHE A 19 -1.70 -0.98 7.48
C PHE A 19 -0.73 -2.07 7.91
N ASP A 20 0.46 -1.69 8.31
CA ASP A 20 1.46 -2.71 8.73
C ASP A 20 1.25 -3.07 10.21
N LYS A 21 0.76 -4.24 10.49
CA LYS A 21 0.53 -4.65 11.90
C LYS A 21 1.31 -5.91 12.24
N ASN A 22 1.55 -6.76 11.28
CA ASN A 22 2.32 -8.01 11.56
C ASN A 22 3.79 -7.83 11.20
N ALA A 23 4.08 -7.23 10.07
CA ALA A 23 5.50 -7.03 9.68
C ALA A 23 6.01 -5.71 10.25
N ASP A 24 5.20 -4.69 10.20
CA ASP A 24 5.63 -3.37 10.74
C ASP A 24 7.03 -3.02 10.23
N GLY A 25 7.41 -3.59 9.12
CA GLY A 25 8.77 -3.30 8.56
C GLY A 25 8.67 -3.24 7.03
N PHE A 26 7.84 -4.07 6.45
CA PHE A 26 7.69 -4.07 4.96
C PHE A 26 6.27 -4.47 4.58
N ILE A 27 5.67 -3.80 3.63
CA ILE A 27 4.29 -4.16 3.23
C ILE A 27 4.31 -5.32 2.23
N ASP A 28 3.51 -6.32 2.45
CA ASP A 28 3.49 -7.48 1.52
C ASP A 28 2.11 -7.63 0.89
N ILE A 29 1.83 -8.78 0.33
CA ILE A 29 0.49 -8.99 -0.30
C ILE A 29 -0.53 -9.39 0.76
N GLU A 30 -0.16 -10.25 1.67
CA GLU A 30 -1.12 -10.68 2.74
C GLU A 30 -1.73 -9.46 3.43
N GLU A 31 -0.93 -8.46 3.71
CA GLU A 31 -1.46 -7.24 4.39
C GLU A 31 -2.46 -6.53 3.48
N LEU A 32 -2.21 -6.49 2.20
CA LEU A 32 -3.15 -5.80 1.27
C LEU A 32 -4.50 -6.54 1.23
N GLY A 33 -4.47 -7.83 1.11
CA GLY A 33 -5.73 -8.61 1.07
C GLY A 33 -6.68 -8.13 2.18
N GLU A 34 -6.41 -8.50 3.39
CA GLU A 34 -7.29 -8.07 4.52
C GLU A 34 -7.65 -6.59 4.38
N ILE A 35 -6.70 -5.75 4.12
CA ILE A 35 -6.99 -4.30 3.98
C ILE A 35 -8.11 -4.09 2.96
N LEU A 36 -7.96 -4.59 1.78
CA LEU A 36 -9.02 -4.43 0.74
C LEU A 36 -10.31 -5.14 1.20
N ARG A 37 -10.18 -6.32 1.74
CA ARG A 37 -11.39 -7.06 2.20
C ARG A 37 -12.20 -6.19 3.17
N ALA A 38 -11.54 -5.45 4.01
CA ALA A 38 -12.27 -4.58 4.99
C ALA A 38 -13.34 -3.77 4.26
N THR A 39 -13.11 -3.43 3.03
CA THR A 39 -14.12 -2.63 2.26
C THR A 39 -15.31 -3.52 1.88
N GLY A 40 -15.08 -4.79 1.70
CA GLY A 40 -16.20 -5.70 1.32
C GLY A 40 -16.29 -5.80 -0.20
N GLU A 41 -15.21 -6.15 -0.84
CA GLU A 41 -15.23 -6.28 -2.33
C GLU A 41 -14.63 -7.63 -2.75
N HIS A 42 -15.11 -8.18 -3.83
CA HIS A 42 -14.57 -9.49 -4.31
C HIS A 42 -13.15 -9.31 -4.85
N VAL A 43 -12.25 -8.82 -4.04
CA VAL A 43 -10.86 -8.62 -4.51
C VAL A 43 -10.12 -9.97 -4.56
N ILE A 44 -9.15 -10.08 -5.44
CA ILE A 44 -8.40 -11.36 -5.55
C ILE A 44 -6.91 -11.08 -5.75
N GLU A 45 -6.06 -12.01 -5.39
CA GLU A 45 -4.59 -11.79 -5.56
C GLU A 45 -4.30 -11.26 -6.97
N GLU A 46 -4.85 -11.90 -7.97
CA GLU A 46 -4.60 -11.44 -9.37
C GLU A 46 -4.65 -9.91 -9.44
N ASP A 47 -5.54 -9.29 -8.71
CA ASP A 47 -5.64 -7.81 -8.75
C ASP A 47 -4.72 -7.21 -7.67
N ILE A 48 -4.81 -7.71 -6.48
CA ILE A 48 -3.94 -7.18 -5.39
C ILE A 48 -2.47 -7.40 -5.74
N GLU A 49 -2.16 -8.57 -6.24
CA GLU A 49 -0.73 -8.86 -6.62
C GLU A 49 -0.21 -7.76 -7.55
N ASP A 50 -0.95 -7.43 -8.56
CA ASP A 50 -0.50 -6.37 -9.50
C ASP A 50 0.06 -5.18 -8.71
N LEU A 51 -0.70 -4.66 -7.79
CA LEU A 51 -0.21 -3.51 -6.98
C LEU A 51 1.17 -3.83 -6.41
N MET A 52 1.28 -4.90 -5.66
CA MET A 52 2.60 -5.26 -5.08
C MET A 52 3.63 -5.45 -6.20
N LYS A 53 3.18 -5.96 -7.31
CA LYS A 53 4.12 -6.17 -8.46
C LYS A 53 4.53 -4.83 -9.06
N ASP A 54 3.57 -4.00 -9.38
CA ASP A 54 3.91 -2.67 -9.98
C ASP A 54 4.60 -1.78 -8.94
N SER A 55 4.15 -1.82 -7.71
CA SER A 55 4.79 -0.97 -6.66
C SER A 55 6.28 -1.30 -6.55
N ASP A 56 6.61 -2.56 -6.50
CA ASP A 56 8.06 -2.95 -6.40
C ASP A 56 8.89 -2.11 -7.36
N LYS A 57 9.43 -1.02 -6.89
CA LYS A 57 10.27 -0.16 -7.78
C LYS A 57 11.75 -0.53 -7.63
N ASN A 58 12.04 -1.53 -6.85
CA ASN A 58 13.46 -1.94 -6.66
C ASN A 58 13.55 -3.47 -6.59
N ASN A 59 12.57 -4.16 -7.10
CA ASN A 59 12.61 -5.65 -7.06
C ASN A 59 12.72 -6.14 -5.61
N ASP A 60 12.30 -5.34 -4.66
CA ASP A 60 12.39 -5.77 -3.24
C ASP A 60 11.40 -6.91 -2.96
N GLY A 61 10.49 -7.15 -3.88
CA GLY A 61 9.50 -8.24 -3.67
C GLY A 61 8.38 -7.74 -2.74
N ARG A 62 8.52 -6.56 -2.21
CA ARG A 62 7.47 -6.03 -1.30
C ARG A 62 7.42 -4.49 -1.39
N ILE A 63 6.35 -3.89 -0.94
CA ILE A 63 6.26 -2.41 -1.01
C ILE A 63 6.92 -1.80 0.23
N ASP A 64 7.84 -0.88 0.03
CA ASP A 64 8.52 -0.25 1.19
C ASP A 64 8.07 1.20 1.34
N PHE A 65 8.81 1.98 2.10
CA PHE A 65 8.42 3.41 2.29
C PHE A 65 8.35 4.13 0.95
N ASP A 66 9.43 4.13 0.21
CA ASP A 66 9.42 4.83 -1.11
C ASP A 66 8.22 4.36 -1.96
N GLU A 67 8.19 3.10 -2.30
CA GLU A 67 7.07 2.59 -3.14
C GLU A 67 5.72 2.86 -2.46
N PHE A 68 5.63 2.62 -1.18
CA PHE A 68 4.35 2.86 -0.47
C PHE A 68 3.81 4.25 -0.83
N LEU A 69 4.62 5.26 -0.72
CA LEU A 69 4.15 6.64 -1.05
C LEU A 69 3.64 6.68 -2.50
N LYS A 70 4.45 6.27 -3.43
CA LYS A 70 4.02 6.29 -4.87
C LYS A 70 2.78 5.42 -5.07
N MET A 71 2.71 4.28 -4.43
CA MET A 71 1.52 3.40 -4.61
C MET A 71 0.24 4.21 -4.40
N MET A 72 0.25 5.08 -3.43
CA MET A 72 -0.96 5.92 -3.16
C MET A 72 -1.25 6.84 -4.36
N GLU A 73 -0.37 6.88 -5.32
CA GLU A 73 -0.60 7.76 -6.51
C GLU A 73 -0.72 9.22 -6.08
N GLY A 74 -0.14 10.12 -6.84
CA GLY A 74 -0.22 11.56 -6.46
C GLY A 74 0.52 11.77 -5.14
N VAL A 75 1.45 10.93 -4.83
CA VAL A 75 2.19 11.08 -3.54
C VAL A 75 3.61 11.58 -3.82
N GLN A 76 4.21 12.22 -2.86
CA GLN A 76 5.61 12.74 -3.06
C GLN A 76 5.66 13.66 -4.29
N GLU A 2 -12.24 8.64 6.84
CA GLU A 2 -11.42 8.25 5.66
C GLU A 2 -12.25 7.40 4.70
N ASP A 3 -12.31 6.11 4.92
CA ASP A 3 -13.10 5.23 4.02
C ASP A 3 -12.68 5.43 2.57
N ALA A 4 -13.45 4.96 1.64
CA ALA A 4 -13.08 5.13 0.20
C ALA A 4 -11.59 4.83 -0.01
N LYS A 5 -11.26 3.61 -0.38
CA LYS A 5 -9.83 3.26 -0.59
C LYS A 5 -9.12 4.38 -1.35
N GLY A 6 -8.06 4.91 -0.80
CA GLY A 6 -7.32 6.00 -1.50
C GLY A 6 -6.83 7.02 -0.48
N LYS A 7 -5.68 7.61 -0.72
CA LYS A 7 -5.14 8.62 0.24
C LYS A 7 -3.99 9.38 -0.40
N SER A 8 -3.70 10.56 0.10
CA SER A 8 -2.58 11.36 -0.49
C SER A 8 -1.28 11.07 0.26
N GLU A 9 -0.19 11.63 -0.20
CA GLU A 9 1.11 11.40 0.49
C GLU A 9 0.96 11.57 2.00
N GLU A 10 0.46 12.70 2.42
CA GLU A 10 0.28 12.94 3.89
C GLU A 10 -0.30 11.69 4.55
N GLU A 11 -1.51 11.34 4.23
CA GLU A 11 -2.13 10.14 4.85
C GLU A 11 -1.21 8.93 4.70
N LEU A 12 -0.65 8.73 3.53
CA LEU A 12 0.26 7.57 3.33
C LEU A 12 1.27 7.47 4.48
N ALA A 13 2.08 8.47 4.65
CA ALA A 13 3.09 8.45 5.74
C ALA A 13 2.47 7.87 7.03
N ASN A 14 1.42 8.49 7.51
CA ASN A 14 0.77 7.98 8.75
C ASN A 14 0.06 6.65 8.48
N CYS A 15 -0.80 6.61 7.51
CA CYS A 15 -1.52 5.35 7.20
C CYS A 15 -0.54 4.17 7.14
N PHE A 16 0.71 4.43 6.90
CA PHE A 16 1.71 3.32 6.83
C PHE A 16 1.60 2.43 8.08
N ARG A 17 1.65 3.02 9.24
CA ARG A 17 1.57 2.19 10.49
C ARG A 17 0.25 1.39 10.52
N ILE A 18 -0.76 1.87 9.86
CA ILE A 18 -2.05 1.12 9.86
C ILE A 18 -1.92 -0.20 9.09
N PHE A 19 -1.55 -0.12 7.84
CA PHE A 19 -1.41 -1.37 7.04
C PHE A 19 -0.51 -2.38 7.78
N ASP A 20 0.46 -1.89 8.51
CA ASP A 20 1.36 -2.80 9.25
C ASP A 20 0.63 -3.39 10.47
N LYS A 21 -0.01 -4.50 10.30
CA LYS A 21 -0.75 -5.12 11.45
C LYS A 21 0.21 -5.95 12.30
N ASN A 22 1.33 -6.35 11.75
CA ASN A 22 2.30 -7.16 12.53
C ASN A 22 3.60 -6.38 12.74
N ALA A 23 3.68 -5.18 12.21
CA ALA A 23 4.91 -4.37 12.38
C ALA A 23 6.08 -5.01 11.64
N ASP A 24 6.04 -4.99 10.33
CA ASP A 24 7.16 -5.60 9.55
C ASP A 24 7.99 -4.52 8.88
N GLY A 25 7.43 -3.36 8.69
CA GLY A 25 8.19 -2.26 8.04
C GLY A 25 7.97 -2.29 6.53
N PHE A 26 7.25 -3.26 6.05
CA PHE A 26 6.99 -3.33 4.57
C PHE A 26 5.67 -4.06 4.30
N ILE A 27 4.81 -3.48 3.51
CA ILE A 27 3.51 -4.14 3.21
C ILE A 27 3.70 -5.16 2.09
N ASP A 28 3.52 -6.42 2.37
CA ASP A 28 3.71 -7.46 1.32
C ASP A 28 2.40 -7.69 0.56
N ILE A 29 2.39 -8.64 -0.34
CA ILE A 29 1.16 -8.91 -1.13
C ILE A 29 0.05 -9.44 -0.20
N GLU A 30 0.41 -10.30 0.72
CA GLU A 30 -0.62 -10.84 1.65
C GLU A 30 -1.37 -9.71 2.35
N GLU A 31 -0.66 -8.80 2.95
CA GLU A 31 -1.33 -7.67 3.65
C GLU A 31 -2.33 -6.99 2.71
N LEU A 32 -1.96 -6.75 1.49
CA LEU A 32 -2.89 -6.09 0.52
C LEU A 32 -4.22 -6.85 0.47
N GLY A 33 -4.16 -8.13 0.25
CA GLY A 33 -5.41 -8.94 0.17
C GLY A 33 -6.19 -8.82 1.49
N GLU A 34 -5.66 -9.35 2.56
CA GLU A 34 -6.39 -9.27 3.85
C GLU A 34 -6.88 -7.84 4.11
N ILE A 35 -6.05 -6.86 3.90
CA ILE A 35 -6.49 -5.45 4.13
C ILE A 35 -7.79 -5.18 3.37
N LEU A 36 -7.76 -5.31 2.07
CA LEU A 36 -8.99 -5.05 1.26
C LEU A 36 -10.06 -6.09 1.63
N ARG A 37 -9.67 -7.31 1.85
CA ARG A 37 -10.68 -8.36 2.20
C ARG A 37 -11.32 -8.04 3.56
N ALA A 38 -10.55 -7.60 4.51
CA ALA A 38 -11.13 -7.27 5.85
C ALA A 38 -12.28 -6.26 5.69
N THR A 39 -12.12 -5.31 4.82
CA THR A 39 -13.20 -4.29 4.62
C THR A 39 -14.52 -4.97 4.28
N GLY A 40 -14.47 -6.19 3.82
CA GLY A 40 -15.73 -6.92 3.47
C GLY A 40 -15.97 -6.83 1.96
N GLU A 41 -14.92 -6.76 1.19
CA GLU A 41 -15.08 -6.68 -0.29
C GLU A 41 -14.40 -7.86 -0.96
N HIS A 42 -14.66 -8.08 -2.23
CA HIS A 42 -14.03 -9.23 -2.93
C HIS A 42 -13.05 -8.73 -4.00
N VAL A 43 -11.91 -8.26 -3.59
CA VAL A 43 -10.91 -7.76 -4.59
C VAL A 43 -10.11 -8.93 -5.16
N ILE A 44 -9.95 -8.97 -6.46
CA ILE A 44 -9.18 -10.09 -7.08
C ILE A 44 -7.69 -9.77 -7.08
N GLU A 45 -6.85 -10.77 -7.06
CA GLU A 45 -5.39 -10.54 -7.07
C GLU A 45 -5.00 -9.61 -8.21
N GLU A 46 -5.62 -9.77 -9.35
CA GLU A 46 -5.29 -8.90 -10.52
C GLU A 46 -5.07 -7.45 -10.07
N ASP A 47 -5.84 -6.98 -9.12
CA ASP A 47 -5.66 -5.59 -8.65
C ASP A 47 -4.66 -5.55 -7.49
N ILE A 48 -4.81 -6.46 -6.55
CA ILE A 48 -3.86 -6.50 -5.41
C ILE A 48 -2.43 -6.67 -5.92
N GLU A 49 -2.26 -7.46 -6.94
CA GLU A 49 -0.88 -7.67 -7.50
C GLU A 49 -0.38 -6.38 -8.15
N ASP A 50 -1.26 -5.65 -8.79
CA ASP A 50 -0.83 -4.38 -9.46
C ASP A 50 -0.20 -3.44 -8.43
N LEU A 51 -0.87 -3.24 -7.32
CA LEU A 51 -0.31 -2.33 -6.27
C LEU A 51 1.15 -2.67 -5.99
N MET A 52 1.46 -3.94 -5.86
CA MET A 52 2.87 -4.34 -5.58
C MET A 52 3.75 -4.07 -6.81
N LYS A 53 3.31 -4.48 -7.97
CA LYS A 53 4.11 -4.25 -9.20
C LYS A 53 4.41 -2.76 -9.35
N ASP A 54 3.48 -1.91 -8.96
CA ASP A 54 3.71 -0.44 -9.09
C ASP A 54 4.66 0.04 -7.99
N SER A 55 4.70 -0.64 -6.88
CA SER A 55 5.60 -0.22 -5.78
C SER A 55 6.81 -1.16 -5.66
N ASP A 56 6.57 -2.42 -5.40
CA ASP A 56 7.68 -3.40 -5.26
C ASP A 56 8.80 -3.10 -6.28
N LYS A 57 9.78 -2.35 -5.89
CA LYS A 57 10.90 -2.02 -6.83
C LYS A 57 11.96 -3.11 -6.79
N ASN A 58 12.29 -3.61 -5.63
CA ASN A 58 13.34 -4.66 -5.54
C ASN A 58 12.72 -6.07 -5.61
N ASN A 59 11.50 -6.16 -6.09
CA ASN A 59 10.86 -7.50 -6.19
C ASN A 59 10.98 -8.26 -4.86
N ASP A 60 11.13 -7.54 -3.78
CA ASP A 60 11.26 -8.23 -2.45
C ASP A 60 9.88 -8.68 -1.96
N GLY A 61 8.86 -8.48 -2.74
CA GLY A 61 7.50 -8.90 -2.30
C GLY A 61 7.07 -8.08 -1.08
N ARG A 62 7.54 -6.86 -0.97
CA ARG A 62 7.16 -6.02 0.19
C ARG A 62 7.35 -4.54 -0.15
N ILE A 63 6.35 -3.74 0.11
CA ILE A 63 6.45 -2.28 -0.20
C ILE A 63 7.17 -1.56 0.95
N ASP A 64 8.17 -0.78 0.65
CA ASP A 64 8.91 -0.05 1.71
C ASP A 64 8.44 1.41 1.78
N PHE A 65 9.18 2.26 2.43
CA PHE A 65 8.76 3.69 2.52
C PHE A 65 8.86 4.37 1.15
N ASP A 66 9.99 4.25 0.50
CA ASP A 66 10.16 4.88 -0.83
C ASP A 66 9.19 4.27 -1.85
N GLU A 67 9.14 2.97 -1.95
CA GLU A 67 8.23 2.33 -2.93
C GLU A 67 6.78 2.78 -2.68
N PHE A 68 6.35 2.79 -1.45
CA PHE A 68 4.94 3.22 -1.17
C PHE A 68 4.67 4.58 -1.81
N LEU A 69 5.32 5.61 -1.34
CA LEU A 69 5.10 6.96 -1.92
C LEU A 69 5.06 6.86 -3.46
N LYS A 70 5.82 5.95 -4.01
CA LYS A 70 5.83 5.78 -5.48
C LYS A 70 4.56 5.05 -5.94
N MET A 71 4.02 4.21 -5.10
CA MET A 71 2.78 3.47 -5.47
C MET A 71 1.65 4.46 -5.72
N MET A 72 1.59 5.51 -4.95
CA MET A 72 0.53 6.53 -5.14
C MET A 72 1.14 7.82 -5.71
N GLU A 73 2.02 7.69 -6.67
CA GLU A 73 2.65 8.91 -7.27
C GLU A 73 2.04 9.20 -8.63
N GLY A 74 1.75 8.21 -9.41
CA GLY A 74 1.16 8.45 -10.76
C GLY A 74 -0.30 7.99 -10.77
N VAL A 75 -0.90 7.81 -9.62
CA VAL A 75 -2.32 7.37 -9.58
C VAL A 75 -3.22 8.44 -10.23
N GLN A 76 -4.25 8.02 -10.91
CA GLN A 76 -5.16 9.00 -11.55
C GLN A 76 -5.96 9.77 -10.49
N GLU A 2 1.98 18.10 -7.57
CA GLU A 2 0.91 19.14 -7.43
C GLU A 2 1.08 19.90 -6.11
N ASP A 3 0.29 20.92 -5.89
CA ASP A 3 0.41 21.70 -4.63
C ASP A 3 0.26 20.76 -3.42
N ALA A 4 0.04 21.32 -2.26
CA ALA A 4 -0.11 20.46 -1.04
C ALA A 4 -1.47 20.72 -0.39
N LYS A 5 -2.30 19.71 -0.32
CA LYS A 5 -3.64 19.90 0.30
C LYS A 5 -4.38 18.56 0.37
N GLY A 6 -4.20 17.73 -0.61
CA GLY A 6 -4.91 16.41 -0.60
C GLY A 6 -3.97 15.32 -0.10
N LYS A 7 -4.14 14.88 1.12
CA LYS A 7 -3.26 13.80 1.66
C LYS A 7 -1.79 14.10 1.34
N SER A 8 -1.15 14.90 2.14
CA SER A 8 0.28 15.24 1.88
C SER A 8 1.13 13.96 1.98
N GLU A 9 2.32 13.98 1.44
CA GLU A 9 3.19 12.78 1.50
C GLU A 9 3.18 12.20 2.92
N GLU A 10 3.45 13.01 3.91
CA GLU A 10 3.46 12.50 5.31
C GLU A 10 2.04 12.14 5.73
N GLU A 11 1.08 12.96 5.38
CA GLU A 11 -0.33 12.67 5.76
C GLU A 11 -0.75 11.32 5.17
N LEU A 12 -0.27 11.00 4.01
CA LEU A 12 -0.63 9.70 3.39
C LEU A 12 0.31 8.61 3.91
N ALA A 13 1.59 8.89 3.95
CA ALA A 13 2.57 7.88 4.46
C ALA A 13 2.06 7.28 5.78
N ASN A 14 1.40 8.07 6.58
CA ASN A 14 0.89 7.54 7.88
C ASN A 14 0.18 6.21 7.66
N CYS A 15 -0.57 6.11 6.59
CA CYS A 15 -1.30 4.83 6.31
C CYS A 15 -0.31 3.66 6.30
N PHE A 16 0.95 3.94 6.09
CA PHE A 16 1.96 2.85 6.07
C PHE A 16 1.85 2.01 7.35
N ARG A 17 2.13 2.60 8.48
CA ARG A 17 2.04 1.84 9.76
C ARG A 17 0.68 1.15 9.85
N ILE A 18 -0.37 1.81 9.42
CA ILE A 18 -1.72 1.18 9.48
C ILE A 18 -1.69 -0.13 8.68
N PHE A 19 -1.20 -0.09 7.47
CA PHE A 19 -1.14 -1.35 6.66
C PHE A 19 -0.27 -2.38 7.38
N ASP A 20 0.93 -2.00 7.75
CA ASP A 20 1.82 -2.96 8.47
C ASP A 20 1.24 -3.26 9.86
N LYS A 21 0.38 -4.23 9.95
CA LYS A 21 -0.24 -4.56 11.26
C LYS A 21 0.62 -5.58 12.03
N ASN A 22 1.26 -6.48 11.34
CA ASN A 22 2.11 -7.48 12.03
C ASN A 22 3.48 -6.89 12.38
N ALA A 23 3.66 -5.62 12.12
CA ALA A 23 4.97 -4.99 12.43
C ALA A 23 6.12 -5.81 11.85
N ASP A 24 6.44 -5.60 10.59
CA ASP A 24 7.55 -6.37 9.97
C ASP A 24 8.54 -5.41 9.29
N GLY A 25 8.05 -4.33 8.75
CA GLY A 25 8.96 -3.36 8.08
C GLY A 25 8.59 -3.25 6.59
N PHE A 26 7.98 -4.27 6.05
CA PHE A 26 7.59 -4.22 4.61
C PHE A 26 6.32 -5.04 4.37
N ILE A 27 5.32 -4.45 3.77
CA ILE A 27 4.05 -5.18 3.51
C ILE A 27 4.18 -6.01 2.23
N ASP A 28 3.89 -7.28 2.31
CA ASP A 28 3.99 -8.14 1.09
C ASP A 28 2.59 -8.46 0.56
N ILE A 29 2.50 -9.24 -0.49
CA ILE A 29 1.18 -9.60 -1.06
C ILE A 29 0.30 -10.23 0.02
N GLU A 30 0.87 -11.06 0.84
CA GLU A 30 0.07 -11.72 1.92
C GLU A 30 -0.59 -10.65 2.79
N GLU A 31 0.18 -9.78 3.39
CA GLU A 31 -0.40 -8.72 4.26
C GLU A 31 -1.60 -8.07 3.56
N LEU A 32 -1.54 -7.93 2.26
CA LEU A 32 -2.67 -7.29 1.52
C LEU A 32 -3.88 -8.23 1.52
N GLY A 33 -4.75 -8.09 0.55
CA GLY A 33 -5.95 -8.97 0.49
C GLY A 33 -6.88 -8.63 1.66
N GLU A 34 -6.60 -9.13 2.83
CA GLU A 34 -7.47 -8.83 4.00
C GLU A 34 -7.70 -7.33 4.14
N ILE A 35 -6.64 -6.57 4.21
CA ILE A 35 -6.79 -5.09 4.33
C ILE A 35 -7.91 -4.58 3.41
N LEU A 36 -7.93 -5.04 2.18
CA LEU A 36 -8.99 -4.57 1.24
C LEU A 36 -10.34 -5.18 1.63
N ARG A 37 -10.38 -6.48 1.83
CA ARG A 37 -11.67 -7.13 2.19
C ARG A 37 -12.35 -6.37 3.34
N ALA A 38 -11.59 -5.85 4.25
CA ALA A 38 -12.20 -5.10 5.39
C ALA A 38 -13.19 -4.05 4.87
N THR A 39 -12.83 -3.36 3.83
CA THR A 39 -13.75 -2.31 3.28
C THR A 39 -14.98 -2.97 2.66
N GLY A 40 -14.99 -4.26 2.57
CA GLY A 40 -16.18 -4.96 1.98
C GLY A 40 -16.09 -4.92 0.46
N GLU A 41 -14.92 -5.13 -0.08
CA GLU A 41 -14.76 -5.11 -1.56
C GLU A 41 -14.21 -6.45 -2.07
N HIS A 42 -14.70 -6.91 -3.18
CA HIS A 42 -14.20 -8.21 -3.71
C HIS A 42 -12.90 -8.01 -4.48
N VAL A 43 -11.81 -8.50 -3.97
CA VAL A 43 -10.50 -8.34 -4.68
C VAL A 43 -9.84 -9.70 -4.88
N ILE A 44 -8.98 -9.83 -5.85
CA ILE A 44 -8.30 -11.14 -6.08
C ILE A 44 -6.80 -10.94 -6.20
N GLU A 45 -6.03 -11.98 -5.97
CA GLU A 45 -4.55 -11.85 -6.07
C GLU A 45 -4.17 -11.14 -7.37
N GLU A 46 -4.70 -11.59 -8.48
CA GLU A 46 -4.36 -10.93 -9.78
C GLU A 46 -4.35 -9.40 -9.62
N ASP A 47 -5.24 -8.88 -8.83
CA ASP A 47 -5.28 -7.40 -8.62
C ASP A 47 -4.32 -7.03 -7.48
N ILE A 48 -4.41 -7.74 -6.39
CA ILE A 48 -3.51 -7.44 -5.24
C ILE A 48 -2.05 -7.49 -5.70
N GLU A 49 -1.75 -8.37 -6.61
CA GLU A 49 -0.35 -8.46 -7.12
C GLU A 49 0.05 -7.14 -7.79
N ASP A 50 -0.80 -6.62 -8.63
CA ASP A 50 -0.48 -5.33 -9.31
C ASP A 50 -0.06 -4.28 -8.28
N LEU A 51 -0.72 -4.26 -7.15
CA LEU A 51 -0.36 -3.26 -6.10
C LEU A 51 1.09 -3.48 -5.64
N MET A 52 1.45 -4.70 -5.36
CA MET A 52 2.85 -4.97 -4.91
C MET A 52 3.83 -4.64 -6.03
N LYS A 53 3.56 -5.11 -7.22
CA LYS A 53 4.47 -4.82 -8.35
C LYS A 53 4.48 -3.32 -8.65
N ASP A 54 3.36 -2.68 -8.52
CA ASP A 54 3.29 -1.21 -8.79
C ASP A 54 4.06 -0.45 -7.71
N SER A 55 4.06 -0.95 -6.50
CA SER A 55 4.80 -0.25 -5.40
C SER A 55 6.28 -0.64 -5.41
N ASP A 56 6.56 -1.92 -5.33
CA ASP A 56 7.97 -2.37 -5.33
C ASP A 56 8.79 -1.59 -6.37
N LYS A 57 9.58 -0.65 -5.93
CA LYS A 57 10.41 0.14 -6.89
C LYS A 57 11.65 -0.67 -7.29
N ASN A 58 11.96 -1.68 -6.52
CA ASN A 58 13.16 -2.52 -6.84
C ASN A 58 12.74 -3.99 -6.96
N ASN A 59 11.47 -4.25 -7.07
CA ASN A 59 10.99 -5.65 -7.18
C ASN A 59 11.52 -6.49 -6.01
N ASP A 60 10.96 -6.30 -4.84
CA ASP A 60 11.42 -7.09 -3.66
C ASP A 60 10.21 -7.73 -2.97
N GLY A 61 9.13 -7.90 -3.69
CA GLY A 61 7.93 -8.52 -3.08
C GLY A 61 7.69 -7.94 -1.69
N ARG A 62 7.96 -6.66 -1.52
CA ARG A 62 7.76 -6.04 -0.18
C ARG A 62 7.60 -4.52 -0.31
N ILE A 63 6.49 -3.99 0.12
CA ILE A 63 6.29 -2.51 0.03
C ILE A 63 6.96 -1.82 1.22
N ASP A 64 7.88 -0.94 0.96
CA ASP A 64 8.57 -0.23 2.07
C ASP A 64 7.82 1.06 2.42
N PHE A 65 8.52 2.03 2.94
CA PHE A 65 7.85 3.32 3.30
C PHE A 65 7.68 4.20 2.06
N ASP A 66 8.67 4.23 1.20
CA ASP A 66 8.57 5.08 -0.02
C ASP A 66 7.62 4.46 -1.04
N GLU A 67 7.88 3.24 -1.43
CA GLU A 67 7.00 2.56 -2.43
C GLU A 67 5.52 2.75 -2.05
N PHE A 68 5.22 2.74 -0.79
CA PHE A 68 3.80 2.93 -0.37
C PHE A 68 3.24 4.23 -0.94
N LEU A 69 3.88 5.34 -0.65
CA LEU A 69 3.39 6.64 -1.17
C LEU A 69 3.19 6.57 -2.69
N LYS A 70 4.20 6.17 -3.41
CA LYS A 70 4.08 6.08 -4.89
C LYS A 70 2.86 5.25 -5.28
N MET A 71 2.59 4.20 -4.55
CA MET A 71 1.41 3.35 -4.87
C MET A 71 0.10 4.13 -4.66
N MET A 72 -0.03 4.77 -3.53
CA MET A 72 -1.28 5.54 -3.26
C MET A 72 -1.07 7.02 -3.62
N GLU A 73 -0.34 7.29 -4.68
CA GLU A 73 -0.10 8.71 -5.08
C GLU A 73 -1.11 9.11 -6.15
N GLY A 74 -1.48 8.19 -7.00
CA GLY A 74 -2.47 8.50 -8.07
C GLY A 74 -3.63 7.51 -7.99
N VAL A 75 -4.04 7.17 -6.79
CA VAL A 75 -5.16 6.19 -6.63
C VAL A 75 -6.42 6.71 -7.34
N GLN A 76 -7.27 5.81 -7.76
CA GLN A 76 -8.52 6.24 -8.45
C GLN A 76 -9.24 5.03 -9.04
N GLU A 2 -0.35 26.88 4.91
CA GLU A 2 0.99 26.52 5.47
C GLU A 2 0.99 25.06 5.92
N ASP A 3 0.20 24.73 6.90
CA ASP A 3 0.16 23.32 7.38
C ASP A 3 -1.01 22.57 6.75
N ALA A 4 -1.22 22.77 5.47
CA ALA A 4 -2.35 22.07 4.79
C ALA A 4 -2.17 22.12 3.26
N LYS A 5 -1.88 21.01 2.66
CA LYS A 5 -1.69 20.99 1.18
C LYS A 5 -2.34 19.75 0.56
N GLY A 6 -3.22 19.12 1.29
CA GLY A 6 -3.89 17.90 0.75
C GLY A 6 -3.28 16.65 1.38
N LYS A 7 -3.12 15.61 0.62
CA LYS A 7 -2.53 14.36 1.19
C LYS A 7 -1.04 14.54 1.42
N SER A 8 -0.66 15.12 2.53
CA SER A 8 0.79 15.32 2.81
C SER A 8 1.46 13.98 3.09
N GLU A 9 2.77 13.94 3.02
CA GLU A 9 3.48 12.65 3.29
C GLU A 9 3.02 12.05 4.62
N GLU A 10 3.03 12.83 5.67
CA GLU A 10 2.59 12.31 7.00
C GLU A 10 1.26 11.55 6.85
N GLU A 11 0.32 12.13 6.16
CA GLU A 11 -1.00 11.45 5.98
C GLU A 11 -0.81 10.10 5.30
N LEU A 12 -0.18 10.07 4.15
CA LEU A 12 0.03 8.78 3.45
C LEU A 12 0.91 7.86 4.30
N ALA A 13 2.07 8.30 4.67
CA ALA A 13 2.96 7.45 5.51
C ALA A 13 2.15 6.82 6.64
N ASN A 14 1.24 7.58 7.22
CA ASN A 14 0.41 7.02 8.33
C ASN A 14 -0.28 5.74 7.87
N CYS A 15 -0.87 5.74 6.71
CA CYS A 15 -1.54 4.52 6.21
C CYS A 15 -0.59 3.33 6.29
N PHE A 16 0.65 3.52 5.94
CA PHE A 16 1.63 2.40 6.01
C PHE A 16 1.44 1.62 7.32
N ARG A 17 1.43 2.31 8.42
CA ARG A 17 1.24 1.61 9.72
C ARG A 17 -0.11 0.90 9.75
N ILE A 18 -1.11 1.50 9.14
CA ILE A 18 -2.46 0.86 9.12
C ILE A 18 -2.42 -0.41 8.29
N PHE A 19 -1.77 -0.37 7.15
CA PHE A 19 -1.70 -1.59 6.29
C PHE A 19 -0.77 -2.62 6.93
N ASP A 20 0.32 -2.17 7.48
CA ASP A 20 1.27 -3.13 8.12
C ASP A 20 0.76 -3.53 9.51
N LYS A 21 -0.05 -4.55 9.59
CA LYS A 21 -0.58 -4.98 10.91
C LYS A 21 0.52 -5.57 11.78
N ASN A 22 1.34 -6.43 11.22
CA ASN A 22 2.44 -7.03 12.02
C ASN A 22 3.52 -5.99 12.33
N ALA A 23 3.46 -4.85 11.70
CA ALA A 23 4.48 -3.80 11.97
C ALA A 23 5.89 -4.37 11.79
N ASP A 24 6.15 -5.01 10.69
CA ASP A 24 7.50 -5.57 10.45
C ASP A 24 8.42 -4.54 9.81
N GLY A 25 7.85 -3.61 9.07
CA GLY A 25 8.69 -2.56 8.42
C GLY A 25 8.34 -2.48 6.93
N PHE A 26 7.75 -3.52 6.40
CA PHE A 26 7.39 -3.50 4.95
C PHE A 26 6.15 -4.38 4.70
N ILE A 27 5.21 -3.88 3.95
CA ILE A 27 3.98 -4.69 3.67
C ILE A 27 4.24 -5.66 2.51
N ASP A 28 3.58 -6.79 2.51
CA ASP A 28 3.80 -7.78 1.41
C ASP A 28 2.53 -7.90 0.56
N ILE A 29 2.44 -8.93 -0.23
CA ILE A 29 1.22 -9.10 -1.08
C ILE A 29 0.04 -9.61 -0.26
N GLU A 30 0.29 -10.51 0.66
CA GLU A 30 -0.82 -11.05 1.51
C GLU A 30 -1.49 -9.92 2.30
N GLU A 31 -0.75 -9.26 3.15
CA GLU A 31 -1.35 -8.16 3.96
C GLU A 31 -2.27 -7.29 3.08
N LEU A 32 -1.87 -7.05 1.86
CA LEU A 32 -2.73 -6.21 0.96
C LEU A 32 -4.10 -6.86 0.78
N GLY A 33 -4.17 -8.17 0.82
CA GLY A 33 -5.47 -8.86 0.63
C GLY A 33 -6.33 -8.67 1.89
N GLU A 34 -5.98 -9.33 2.96
CA GLU A 34 -6.78 -9.20 4.22
C GLU A 34 -7.16 -7.74 4.45
N ILE A 35 -6.24 -6.83 4.26
CA ILE A 35 -6.54 -5.39 4.47
C ILE A 35 -7.72 -4.95 3.59
N LEU A 36 -7.66 -5.23 2.32
CA LEU A 36 -8.76 -4.81 1.41
C LEU A 36 -10.05 -5.59 1.73
N ARG A 37 -10.08 -6.85 1.44
CA ARG A 37 -11.30 -7.66 1.71
C ARG A 37 -11.78 -7.43 3.16
N ALA A 38 -10.91 -7.04 4.03
CA ALA A 38 -11.33 -6.80 5.45
C ALA A 38 -12.49 -5.81 5.48
N THR A 39 -12.42 -4.76 4.72
CA THR A 39 -13.52 -3.75 4.71
C THR A 39 -14.66 -4.22 3.82
N GLY A 40 -14.61 -5.45 3.37
CA GLY A 40 -15.70 -5.96 2.49
C GLY A 40 -15.40 -5.62 1.03
N GLU A 41 -14.17 -5.30 0.73
CA GLU A 41 -13.82 -4.96 -0.67
C GLU A 41 -13.54 -6.24 -1.48
N HIS A 42 -14.27 -6.46 -2.53
CA HIS A 42 -14.04 -7.69 -3.35
C HIS A 42 -12.76 -7.54 -4.18
N VAL A 43 -11.63 -7.87 -3.64
CA VAL A 43 -10.36 -7.75 -4.40
C VAL A 43 -9.82 -9.13 -4.77
N ILE A 44 -9.18 -9.26 -5.90
CA ILE A 44 -8.63 -10.59 -6.30
C ILE A 44 -7.12 -10.50 -6.47
N GLU A 45 -6.45 -11.60 -6.43
CA GLU A 45 -4.96 -11.60 -6.59
C GLU A 45 -4.55 -10.62 -7.70
N GLU A 46 -5.17 -10.73 -8.85
CA GLU A 46 -4.81 -9.82 -9.98
C GLU A 46 -4.84 -8.36 -9.51
N ASP A 47 -5.66 -8.05 -8.55
CA ASP A 47 -5.72 -6.64 -8.06
C ASP A 47 -4.69 -6.42 -6.95
N ILE A 48 -4.58 -7.37 -6.05
CA ILE A 48 -3.60 -7.23 -4.94
C ILE A 48 -2.17 -7.32 -5.48
N GLU A 49 -1.95 -8.16 -6.45
CA GLU A 49 -0.58 -8.30 -7.03
C GLU A 49 -0.18 -7.03 -7.77
N ASP A 50 -1.10 -6.39 -8.43
CA ASP A 50 -0.77 -5.14 -9.18
C ASP A 50 -0.18 -4.09 -8.23
N LEU A 51 -0.86 -3.81 -7.15
CA LEU A 51 -0.34 -2.77 -6.20
C LEU A 51 1.12 -3.05 -5.84
N MET A 52 1.47 -4.28 -5.57
CA MET A 52 2.88 -4.59 -5.21
C MET A 52 3.81 -4.30 -6.40
N LYS A 53 3.45 -4.77 -7.55
CA LYS A 53 4.30 -4.54 -8.76
C LYS A 53 4.64 -3.05 -8.89
N ASP A 54 3.65 -2.21 -9.02
CA ASP A 54 3.91 -0.75 -9.17
C ASP A 54 4.71 -0.22 -7.98
N SER A 55 4.50 -0.77 -6.82
CA SER A 55 5.25 -0.28 -5.62
C SER A 55 6.61 -0.98 -5.51
N ASP A 56 6.61 -2.27 -5.34
CA ASP A 56 7.89 -3.02 -5.21
C ASP A 56 8.87 -2.59 -6.30
N LYS A 57 9.74 -1.66 -6.02
CA LYS A 57 10.72 -1.22 -7.05
C LYS A 57 11.99 -2.08 -6.95
N ASN A 58 12.04 -2.96 -5.99
CA ASN A 58 13.24 -3.83 -5.84
C ASN A 58 12.83 -5.30 -5.96
N ASN A 59 11.63 -5.56 -6.38
CA ASN A 59 11.16 -6.97 -6.52
C ASN A 59 11.41 -7.74 -5.21
N ASP A 60 11.20 -7.11 -4.09
CA ASP A 60 11.42 -7.81 -2.80
C ASP A 60 10.09 -8.26 -2.20
N GLY A 61 9.09 -8.41 -3.02
CA GLY A 61 7.76 -8.85 -2.51
C GLY A 61 7.40 -8.08 -1.25
N ARG A 62 7.77 -6.82 -1.18
CA ARG A 62 7.45 -6.02 0.03
C ARG A 62 7.48 -4.52 -0.30
N ILE A 63 6.44 -3.81 0.04
CA ILE A 63 6.41 -2.35 -0.25
C ILE A 63 7.13 -1.58 0.85
N ASP A 64 7.40 -0.33 0.63
CA ASP A 64 8.10 0.49 1.67
C ASP A 64 7.67 1.95 1.57
N PHE A 65 8.40 2.85 2.17
CA PHE A 65 8.03 4.29 2.10
C PHE A 65 8.11 4.80 0.67
N ASP A 66 9.26 4.66 0.04
CA ASP A 66 9.41 5.14 -1.36
C ASP A 66 8.37 4.48 -2.27
N GLU A 67 8.36 3.17 -2.31
CA GLU A 67 7.38 2.46 -3.20
C GLU A 67 5.94 2.83 -2.81
N PHE A 68 5.65 2.84 -1.54
CA PHE A 68 4.26 3.19 -1.10
C PHE A 68 3.86 4.55 -1.68
N LEU A 69 4.67 5.55 -1.49
CA LEU A 69 4.32 6.89 -2.04
C LEU A 69 4.13 6.82 -3.55
N LYS A 70 4.97 6.10 -4.23
CA LYS A 70 4.82 5.98 -5.71
C LYS A 70 3.41 5.51 -6.08
N MET A 71 3.01 4.35 -5.62
CA MET A 71 1.65 3.85 -5.96
C MET A 71 0.62 4.96 -5.70
N MET A 72 0.64 5.51 -4.51
CA MET A 72 -0.34 6.60 -4.20
C MET A 72 0.37 7.97 -4.21
N GLU A 73 1.05 8.27 -5.27
CA GLU A 73 1.75 9.59 -5.34
C GLU A 73 0.85 10.64 -5.99
N GLY A 74 0.35 10.36 -7.16
CA GLY A 74 -0.54 11.33 -7.85
C GLY A 74 -1.99 10.90 -7.72
N VAL A 75 -2.33 10.27 -6.62
CA VAL A 75 -3.74 9.81 -6.44
C VAL A 75 -4.69 11.01 -6.37
N GLN A 76 -5.91 10.85 -6.83
CA GLN A 76 -6.87 11.98 -6.79
C GLN A 76 -7.46 12.15 -5.40
N GLU A 2 -1.31 14.50 8.65
CA GLU A 2 -2.75 14.44 9.03
C GLU A 2 -3.22 15.81 9.55
N ASP A 3 -3.79 16.61 8.69
CA ASP A 3 -4.26 17.96 9.15
C ASP A 3 -5.20 18.55 8.09
N ALA A 4 -4.79 18.56 6.85
CA ALA A 4 -5.66 19.12 5.78
C ALA A 4 -6.29 17.99 4.96
N LYS A 5 -7.43 18.22 4.39
CA LYS A 5 -8.09 17.15 3.58
C LYS A 5 -7.28 16.88 2.31
N GLY A 6 -6.68 15.71 2.22
CA GLY A 6 -5.88 15.38 1.01
C GLY A 6 -5.15 14.05 1.24
N LYS A 7 -3.93 13.94 0.81
CA LYS A 7 -3.17 12.66 1.01
C LYS A 7 -1.72 12.82 0.56
N SER A 8 -1.17 14.00 0.72
CA SER A 8 0.25 14.20 0.30
C SER A 8 1.13 13.07 0.84
N GLU A 9 2.34 12.96 0.36
CA GLU A 9 3.24 11.88 0.84
C GLU A 9 3.12 11.73 2.37
N GLU A 10 3.14 12.82 3.08
CA GLU A 10 3.03 12.73 4.57
C GLU A 10 1.86 11.83 4.96
N GLU A 11 0.68 12.12 4.47
CA GLU A 11 -0.50 11.28 4.81
C GLU A 11 -0.22 9.80 4.54
N LEU A 12 0.10 9.46 3.32
CA LEU A 12 0.38 8.03 3.00
C LEU A 12 1.40 7.45 3.99
N ALA A 13 2.58 8.01 4.04
CA ALA A 13 3.61 7.49 4.98
C ALA A 13 3.00 7.26 6.37
N ASN A 14 2.31 8.24 6.89
CA ASN A 14 1.69 8.07 8.24
C ASN A 14 0.79 6.84 8.26
N CYS A 15 -0.09 6.73 7.30
CA CYS A 15 -1.01 5.55 7.27
C CYS A 15 -0.22 4.26 7.01
N PHE A 16 1.04 4.39 6.68
CA PHE A 16 1.86 3.17 6.42
C PHE A 16 1.72 2.17 7.58
N ARG A 17 2.12 2.56 8.75
CA ARG A 17 2.01 1.64 9.93
C ARG A 17 0.56 1.19 10.12
N ILE A 18 -0.39 2.06 9.86
CA ILE A 18 -1.81 1.66 10.02
C ILE A 18 -2.13 0.47 9.13
N PHE A 19 -1.51 0.39 7.97
CA PHE A 19 -1.77 -0.75 7.06
C PHE A 19 -0.89 -1.94 7.46
N ASP A 20 0.30 -1.68 7.91
CA ASP A 20 1.20 -2.80 8.33
C ASP A 20 0.66 -3.48 9.57
N LYS A 21 -0.53 -4.02 9.50
CA LYS A 21 -1.12 -4.71 10.68
C LYS A 21 -0.09 -5.64 11.32
N ASN A 22 0.66 -6.35 10.53
CA ASN A 22 1.68 -7.28 11.09
C ASN A 22 2.82 -6.48 11.75
N ALA A 23 2.88 -5.21 11.48
CA ALA A 23 3.97 -4.37 12.08
C ALA A 23 5.31 -5.09 11.96
N ASP A 24 5.69 -5.47 10.77
CA ASP A 24 6.99 -6.16 10.59
C ASP A 24 8.00 -5.24 9.90
N GLY A 25 7.58 -4.06 9.52
CA GLY A 25 8.51 -3.12 8.84
C GLY A 25 8.25 -3.13 7.33
N PHE A 26 7.61 -4.16 6.83
CA PHE A 26 7.33 -4.22 5.37
C PHE A 26 6.08 -5.06 5.11
N ILE A 27 5.11 -4.51 4.44
CA ILE A 27 3.86 -5.27 4.15
C ILE A 27 4.05 -6.15 2.90
N ASP A 28 3.68 -7.39 2.98
CA ASP A 28 3.84 -8.29 1.79
C ASP A 28 2.49 -8.48 1.10
N ILE A 29 2.47 -9.26 0.05
CA ILE A 29 1.18 -9.48 -0.69
C ILE A 29 0.15 -10.11 0.26
N GLU A 30 0.59 -10.99 1.13
CA GLU A 30 -0.37 -11.65 2.06
C GLU A 30 -1.23 -10.59 2.77
N GLU A 31 -0.61 -9.61 3.36
CA GLU A 31 -1.39 -8.56 4.08
C GLU A 31 -2.36 -7.88 3.11
N LEU A 32 -1.87 -7.36 2.02
CA LEU A 32 -2.75 -6.69 1.04
C LEU A 32 -4.04 -7.50 0.84
N GLY A 33 -3.92 -8.80 0.80
CA GLY A 33 -5.13 -9.66 0.61
C GLY A 33 -6.13 -9.41 1.75
N GLU A 34 -5.90 -10.02 2.89
CA GLU A 34 -6.83 -9.81 4.04
C GLU A 34 -7.10 -8.33 4.24
N ILE A 35 -6.06 -7.53 4.31
CA ILE A 35 -6.27 -6.06 4.51
C ILE A 35 -7.37 -5.56 3.59
N LEU A 36 -7.25 -5.78 2.31
CA LEU A 36 -8.30 -5.30 1.35
C LEU A 36 -9.61 -6.08 1.57
N ARG A 37 -9.59 -7.36 1.36
CA ARG A 37 -10.84 -8.16 1.54
C ARG A 37 -11.50 -7.83 2.88
N ALA A 38 -10.71 -7.65 3.91
CA ALA A 38 -11.30 -7.32 5.24
C ALA A 38 -12.22 -6.11 5.12
N THR A 39 -11.75 -5.03 4.55
CA THR A 39 -12.61 -3.82 4.41
C THR A 39 -13.91 -4.18 3.69
N GLY A 40 -13.85 -5.13 2.79
CA GLY A 40 -15.08 -5.53 2.05
C GLY A 40 -14.91 -5.18 0.57
N GLU A 41 -13.79 -4.59 0.20
CA GLU A 41 -13.57 -4.23 -1.23
C GLU A 41 -13.66 -5.48 -2.10
N HIS A 42 -13.55 -6.64 -1.51
CA HIS A 42 -13.63 -7.89 -2.32
C HIS A 42 -12.74 -7.78 -3.55
N VAL A 43 -11.47 -7.53 -3.37
CA VAL A 43 -10.56 -7.41 -4.54
C VAL A 43 -9.97 -8.78 -4.89
N ILE A 44 -9.60 -8.98 -6.13
CA ILE A 44 -9.02 -10.29 -6.53
C ILE A 44 -7.50 -10.21 -6.55
N GLU A 45 -6.82 -11.32 -6.38
CA GLU A 45 -5.34 -11.31 -6.38
C GLU A 45 -4.81 -10.54 -7.60
N GLU A 46 -5.27 -10.89 -8.77
CA GLU A 46 -4.80 -10.19 -10.00
C GLU A 46 -4.68 -8.68 -9.76
N ASP A 47 -5.56 -8.13 -8.96
CA ASP A 47 -5.49 -6.67 -8.68
C ASP A 47 -4.51 -6.41 -7.53
N ILE A 48 -4.63 -7.15 -6.47
CA ILE A 48 -3.70 -6.97 -5.33
C ILE A 48 -2.26 -7.13 -5.84
N GLU A 49 -2.03 -8.06 -6.71
CA GLU A 49 -0.67 -8.27 -7.26
C GLU A 49 -0.19 -6.97 -7.92
N ASP A 50 -0.96 -6.44 -8.84
CA ASP A 50 -0.56 -5.18 -9.52
C ASP A 50 -0.13 -4.14 -8.48
N LEU A 51 -0.88 -4.00 -7.43
CA LEU A 51 -0.52 -3.01 -6.38
C LEU A 51 0.89 -3.28 -5.87
N MET A 52 1.27 -4.52 -5.76
CA MET A 52 2.64 -4.85 -5.26
C MET A 52 3.69 -4.46 -6.31
N LYS A 53 3.45 -4.78 -7.56
CA LYS A 53 4.44 -4.44 -8.61
C LYS A 53 4.55 -2.92 -8.76
N ASP A 54 3.46 -2.24 -8.91
CA ASP A 54 3.51 -0.75 -9.06
C ASP A 54 4.26 -0.12 -7.87
N SER A 55 4.18 -0.73 -6.72
CA SER A 55 4.89 -0.16 -5.54
C SER A 55 6.32 -0.70 -5.46
N ASP A 56 6.49 -1.99 -5.54
CA ASP A 56 7.86 -2.57 -5.47
C ASP A 56 8.84 -1.75 -6.31
N LYS A 57 9.53 -0.83 -5.70
CA LYS A 57 10.51 0.00 -6.46
C LYS A 57 11.77 -0.81 -6.76
N ASN A 58 11.82 -2.03 -6.30
CA ASN A 58 13.02 -2.88 -6.56
C ASN A 58 12.62 -4.36 -6.53
N ASN A 59 11.38 -4.65 -6.85
CA ASN A 59 10.92 -6.07 -6.84
C ASN A 59 11.43 -6.79 -5.59
N ASP A 60 10.83 -6.54 -4.46
CA ASP A 60 11.27 -7.20 -3.21
C ASP A 60 10.10 -7.98 -2.59
N GLY A 61 8.96 -7.94 -3.22
CA GLY A 61 7.78 -8.68 -2.67
C GLY A 61 7.27 -8.01 -1.40
N ARG A 62 7.54 -6.74 -1.23
CA ARG A 62 7.06 -6.04 0.00
C ARG A 62 7.00 -4.53 -0.23
N ILE A 63 5.94 -3.89 0.18
CA ILE A 63 5.83 -2.42 -0.02
C ILE A 63 6.40 -1.67 1.19
N ASP A 64 7.17 -0.64 0.96
CA ASP A 64 7.74 0.14 2.10
C ASP A 64 7.12 1.53 2.13
N PHE A 65 7.62 2.39 2.99
CA PHE A 65 7.05 3.77 3.07
C PHE A 65 7.36 4.55 1.78
N ASP A 66 8.44 4.23 1.14
CA ASP A 66 8.81 4.96 -0.11
C ASP A 66 7.97 4.46 -1.29
N GLU A 67 7.78 3.18 -1.41
CA GLU A 67 6.98 2.63 -2.54
C GLU A 67 5.50 3.01 -2.38
N PHE A 68 4.99 3.00 -1.17
CA PHE A 68 3.56 3.36 -0.96
C PHE A 68 3.24 4.71 -1.61
N LEU A 69 4.19 5.61 -1.64
CA LEU A 69 3.93 6.95 -2.26
C LEU A 69 3.82 6.81 -3.78
N LYS A 70 4.87 6.39 -4.42
CA LYS A 70 4.84 6.24 -5.91
C LYS A 70 3.65 5.37 -6.34
N MET A 71 3.31 4.39 -5.55
CA MET A 71 2.17 3.50 -5.92
C MET A 71 0.91 4.33 -6.19
N MET A 72 0.57 5.22 -5.31
CA MET A 72 -0.66 6.05 -5.52
C MET A 72 -0.28 7.43 -6.06
N GLU A 73 0.98 7.75 -6.08
CA GLU A 73 1.41 9.09 -6.60
C GLU A 73 0.65 9.41 -7.88
N GLY A 74 0.07 10.58 -7.96
CA GLY A 74 -0.69 10.97 -9.18
C GLY A 74 -1.55 9.79 -9.66
N VAL A 75 -2.49 9.38 -8.86
CA VAL A 75 -3.36 8.24 -9.26
C VAL A 75 -4.49 8.72 -10.18
N GLN A 76 -4.96 7.88 -11.05
CA GLN A 76 -6.06 8.28 -11.97
C GLN A 76 -7.19 7.25 -11.93
N GLU A 2 -1.17 24.52 -6.86
CA GLU A 2 -0.23 23.66 -7.64
C GLU A 2 1.20 24.17 -7.49
N ASP A 3 1.73 24.13 -6.29
CA ASP A 3 3.13 24.62 -6.09
C ASP A 3 3.73 24.00 -4.83
N ALA A 4 4.97 23.59 -4.90
CA ALA A 4 5.62 22.97 -3.70
C ALA A 4 5.02 21.60 -3.39
N LYS A 5 5.71 20.81 -2.61
CA LYS A 5 5.19 19.46 -2.26
C LYS A 5 3.97 19.59 -1.34
N GLY A 6 2.92 18.87 -1.62
CA GLY A 6 1.71 18.94 -0.76
C GLY A 6 1.68 17.75 0.20
N LYS A 7 0.95 17.87 1.28
CA LYS A 7 0.88 16.74 2.25
C LYS A 7 2.29 16.17 2.50
N SER A 8 3.05 16.81 3.34
CA SER A 8 4.42 16.30 3.63
C SER A 8 4.39 14.77 3.80
N GLU A 9 5.43 14.09 3.39
CA GLU A 9 5.47 12.62 3.52
C GLU A 9 4.89 12.18 4.87
N GLU A 10 5.19 12.90 5.92
CA GLU A 10 4.65 12.53 7.26
C GLU A 10 3.18 12.12 7.16
N GLU A 11 2.42 12.81 6.37
CA GLU A 11 0.97 12.45 6.23
C GLU A 11 0.83 11.02 5.69
N LEU A 12 1.42 10.75 4.56
CA LEU A 12 1.31 9.38 3.98
C LEU A 12 1.91 8.35 4.95
N ALA A 13 3.12 8.59 5.41
CA ALA A 13 3.75 7.63 6.36
C ALA A 13 2.74 7.16 7.41
N ASN A 14 1.97 8.07 7.94
CA ASN A 14 0.95 7.67 8.97
C ASN A 14 0.09 6.52 8.44
N CYS A 15 -0.38 6.63 7.24
CA CYS A 15 -1.24 5.55 6.67
C CYS A 15 -0.42 4.25 6.59
N PHE A 16 0.85 4.34 6.36
CA PHE A 16 1.69 3.11 6.28
C PHE A 16 1.44 2.21 7.49
N ARG A 17 1.35 2.79 8.65
CA ARG A 17 1.11 1.97 9.88
C ARG A 17 -0.25 1.26 9.79
N ILE A 18 -1.24 1.95 9.30
CA ILE A 18 -2.59 1.31 9.19
C ILE A 18 -2.51 0.07 8.31
N PHE A 19 -1.91 0.19 7.15
CA PHE A 19 -1.80 -0.99 6.25
C PHE A 19 -1.08 -2.13 6.96
N ASP A 20 -0.12 -1.80 7.80
CA ASP A 20 0.62 -2.87 8.55
C ASP A 20 -0.06 -3.10 9.90
N LYS A 21 -0.64 -4.26 10.09
CA LYS A 21 -1.32 -4.55 11.38
C LYS A 21 -0.53 -5.57 12.19
N ASN A 22 0.63 -5.94 11.75
CA ASN A 22 1.44 -6.94 12.52
C ASN A 22 2.89 -6.45 12.69
N ALA A 23 3.09 -5.16 12.59
CA ALA A 23 4.48 -4.62 12.74
C ALA A 23 5.44 -5.40 11.84
N ASP A 24 5.70 -4.89 10.67
CA ASP A 24 6.63 -5.60 9.73
C ASP A 24 7.61 -4.61 9.11
N GLY A 25 7.17 -3.42 8.81
CA GLY A 25 8.08 -2.41 8.20
C GLY A 25 7.99 -2.50 6.67
N PHE A 26 7.30 -3.48 6.16
CA PHE A 26 7.17 -3.62 4.68
C PHE A 26 5.87 -4.34 4.32
N ILE A 27 5.07 -3.75 3.48
CA ILE A 27 3.78 -4.40 3.10
C ILE A 27 4.02 -5.41 1.97
N ASP A 28 3.60 -6.64 2.16
CA ASP A 28 3.80 -7.66 1.08
C ASP A 28 2.47 -7.95 0.38
N ILE A 29 2.46 -8.88 -0.54
CA ILE A 29 1.18 -9.19 -1.25
C ILE A 29 0.15 -9.73 -0.24
N GLU A 30 0.58 -10.51 0.70
CA GLU A 30 -0.38 -11.05 1.71
C GLU A 30 -1.08 -9.92 2.44
N GLU A 31 -0.33 -9.03 3.05
CA GLU A 31 -0.95 -7.90 3.78
C GLU A 31 -2.05 -7.27 2.91
N LEU A 32 -1.72 -6.90 1.70
CA LEU A 32 -2.76 -6.29 0.81
C LEU A 32 -4.00 -7.18 0.76
N GLY A 33 -3.83 -8.46 0.96
CA GLY A 33 -5.00 -9.38 0.92
C GLY A 33 -5.97 -9.05 2.05
N GLU A 34 -5.64 -9.42 3.26
CA GLU A 34 -6.55 -9.14 4.40
C GLU A 34 -7.05 -7.69 4.34
N ILE A 35 -6.18 -6.76 4.06
CA ILE A 35 -6.61 -5.33 3.99
C ILE A 35 -7.86 -5.19 3.13
N LEU A 36 -7.73 -5.37 1.84
CA LEU A 36 -8.92 -5.24 0.93
C LEU A 36 -10.10 -6.06 1.48
N ARG A 37 -9.87 -7.30 1.82
CA ARG A 37 -10.98 -8.14 2.35
C ARG A 37 -11.67 -7.44 3.52
N ALA A 38 -10.93 -6.78 4.36
CA ALA A 38 -11.54 -6.09 5.52
C ALA A 38 -12.76 -5.26 5.08
N THR A 39 -12.56 -4.32 4.21
CA THR A 39 -13.70 -3.48 3.75
C THR A 39 -14.77 -4.35 3.10
N GLY A 40 -14.40 -5.48 2.57
CA GLY A 40 -15.41 -6.38 1.93
C GLY A 40 -15.51 -6.06 0.44
N GLU A 41 -14.41 -5.76 -0.19
CA GLU A 41 -14.44 -5.44 -1.65
C GLU A 41 -14.32 -6.73 -2.46
N HIS A 42 -14.01 -7.82 -1.82
CA HIS A 42 -13.88 -9.11 -2.56
C HIS A 42 -12.95 -8.93 -3.76
N VAL A 43 -11.66 -9.00 -3.54
CA VAL A 43 -10.70 -8.84 -4.67
C VAL A 43 -9.94 -10.15 -4.91
N ILE A 44 -9.28 -10.26 -6.02
CA ILE A 44 -8.51 -11.50 -6.31
C ILE A 44 -7.01 -11.20 -6.42
N GLU A 45 -6.18 -12.12 -6.00
CA GLU A 45 -4.71 -11.88 -6.07
C GLU A 45 -4.32 -11.16 -7.36
N GLU A 46 -4.90 -11.55 -8.47
CA GLU A 46 -4.56 -10.89 -9.76
C GLU A 46 -4.50 -9.37 -9.57
N ASP A 47 -5.41 -8.82 -8.81
CA ASP A 47 -5.39 -7.34 -8.59
C ASP A 47 -4.43 -7.01 -7.46
N ILE A 48 -4.48 -7.76 -6.39
CA ILE A 48 -3.55 -7.52 -5.26
C ILE A 48 -2.11 -7.59 -5.75
N GLU A 49 -1.85 -8.45 -6.69
CA GLU A 49 -0.47 -8.58 -7.22
C GLU A 49 -0.09 -7.33 -8.02
N ASP A 50 -1.01 -6.79 -8.78
CA ASP A 50 -0.69 -5.57 -9.58
C ASP A 50 -0.32 -4.41 -8.66
N LEU A 51 -1.13 -4.14 -7.67
CA LEU A 51 -0.82 -3.02 -6.74
C LEU A 51 0.66 -3.08 -6.33
N MET A 52 1.11 -4.22 -5.88
CA MET A 52 2.54 -4.34 -5.47
C MET A 52 3.45 -4.20 -6.69
N LYS A 53 3.13 -4.88 -7.75
CA LYS A 53 3.97 -4.79 -8.98
C LYS A 53 4.34 -3.34 -9.26
N ASP A 54 3.37 -2.47 -9.34
CA ASP A 54 3.67 -1.04 -9.62
C ASP A 54 4.51 -0.43 -8.49
N SER A 55 4.12 -0.62 -7.27
CA SER A 55 4.90 -0.05 -6.13
C SER A 55 6.23 -0.79 -5.98
N ASP A 56 6.18 -2.06 -5.66
CA ASP A 56 7.44 -2.84 -5.49
C ASP A 56 8.43 -2.51 -6.60
N LYS A 57 9.32 -1.59 -6.37
CA LYS A 57 10.32 -1.24 -7.42
C LYS A 57 11.63 -1.98 -7.18
N ASN A 58 11.79 -2.57 -6.03
CA ASN A 58 13.05 -3.31 -5.73
C ASN A 58 12.81 -4.82 -5.87
N ASN A 59 11.75 -5.20 -6.52
CA ASN A 59 11.46 -6.64 -6.70
C ASN A 59 11.50 -7.37 -5.34
N ASP A 60 11.38 -6.64 -4.26
CA ASP A 60 11.41 -7.29 -2.93
C ASP A 60 10.04 -7.88 -2.60
N GLY A 61 9.09 -7.72 -3.48
CA GLY A 61 7.72 -8.27 -3.22
C GLY A 61 7.13 -7.59 -1.99
N ARG A 62 7.52 -6.37 -1.72
CA ARG A 62 6.97 -5.66 -0.53
C ARG A 62 7.00 -4.14 -0.75
N ILE A 63 5.92 -3.47 -0.42
CA ILE A 63 5.90 -1.99 -0.62
C ILE A 63 6.56 -1.29 0.58
N ASP A 64 7.65 -0.61 0.35
CA ASP A 64 8.33 0.09 1.49
C ASP A 64 7.93 1.56 1.52
N PHE A 65 8.58 2.35 2.32
CA PHE A 65 8.23 3.80 2.40
C PHE A 65 8.23 4.42 1.00
N ASP A 66 9.35 4.36 0.31
CA ASP A 66 9.41 4.95 -1.05
C ASP A 66 8.30 4.39 -1.94
N GLU A 67 8.34 3.11 -2.21
CA GLU A 67 7.29 2.50 -3.08
C GLU A 67 5.90 2.87 -2.57
N PHE A 68 5.64 2.66 -1.31
CA PHE A 68 4.30 3.01 -0.76
C PHE A 68 3.92 4.44 -1.14
N LEU A 69 4.73 5.39 -0.78
CA LEU A 69 4.42 6.82 -1.13
C LEU A 69 3.90 6.91 -2.56
N LYS A 70 4.60 6.34 -3.50
CA LYS A 70 4.14 6.41 -4.92
C LYS A 70 2.78 5.71 -5.09
N MET A 71 2.64 4.53 -4.54
CA MET A 71 1.35 3.80 -4.68
C MET A 71 0.18 4.77 -4.45
N MET A 72 0.27 5.56 -3.42
CA MET A 72 -0.82 6.53 -3.13
C MET A 72 -0.52 7.88 -3.77
N GLU A 73 -0.14 7.89 -5.02
CA GLU A 73 0.17 9.17 -5.71
C GLU A 73 -1.03 9.64 -6.53
N GLY A 74 -1.57 10.79 -6.22
CA GLY A 74 -2.73 11.30 -6.99
C GLY A 74 -3.99 10.51 -6.62
N VAL A 75 -3.92 9.71 -5.59
CA VAL A 75 -5.12 8.91 -5.19
C VAL A 75 -6.30 9.84 -4.92
N GLN A 76 -7.50 9.34 -5.04
CA GLN A 76 -8.69 10.18 -4.80
C GLN A 76 -9.66 9.47 -3.85
N GLU A 2 -11.62 19.55 -3.64
CA GLU A 2 -10.48 20.38 -4.11
C GLU A 2 -9.80 21.07 -2.91
N ASP A 3 -10.51 21.93 -2.23
CA ASP A 3 -9.91 22.62 -1.07
C ASP A 3 -10.14 21.82 0.21
N ALA A 4 -9.73 20.58 0.23
CA ALA A 4 -9.91 19.74 1.44
C ALA A 4 -8.95 20.18 2.54
N LYS A 5 -8.32 19.24 3.21
CA LYS A 5 -7.37 19.63 4.29
C LYS A 5 -5.96 19.79 3.73
N GLY A 6 -5.71 19.27 2.55
CA GLY A 6 -4.35 19.39 1.96
C GLY A 6 -3.47 18.23 2.42
N LYS A 7 -3.74 17.04 1.96
CA LYS A 7 -2.93 15.87 2.39
C LYS A 7 -1.48 16.03 1.90
N SER A 8 -0.53 15.93 2.80
CA SER A 8 0.89 16.07 2.39
C SER A 8 1.63 14.73 2.54
N GLU A 9 2.84 14.65 2.08
CA GLU A 9 3.60 13.37 2.20
C GLU A 9 3.51 12.84 3.64
N GLU A 10 3.78 13.67 4.60
CA GLU A 10 3.70 13.21 6.02
C GLU A 10 2.45 12.35 6.23
N GLU A 11 1.31 12.83 5.79
CA GLU A 11 0.06 12.05 5.95
C GLU A 11 0.23 10.66 5.34
N LEU A 12 0.62 10.59 4.09
CA LEU A 12 0.81 9.27 3.45
C LEU A 12 1.70 8.38 4.32
N ALA A 13 2.81 8.90 4.76
CA ALA A 13 3.73 8.09 5.62
C ALA A 13 2.96 7.53 6.82
N ASN A 14 2.35 8.38 7.60
CA ASN A 14 1.59 7.89 8.78
C ASN A 14 0.66 6.74 8.38
N CYS A 15 -0.10 6.93 7.35
CA CYS A 15 -1.02 5.85 6.90
C CYS A 15 -0.26 4.54 6.72
N PHE A 16 1.04 4.62 6.58
CA PHE A 16 1.86 3.39 6.40
C PHE A 16 1.57 2.39 7.53
N ARG A 17 1.65 2.83 8.76
CA ARG A 17 1.40 1.91 9.90
C ARG A 17 -0.09 1.54 9.98
N ILE A 18 -0.95 2.42 9.54
CA ILE A 18 -2.41 2.12 9.59
C ILE A 18 -2.71 0.87 8.74
N PHE A 19 -1.92 0.61 7.74
CA PHE A 19 -2.16 -0.59 6.88
C PHE A 19 -1.52 -1.83 7.50
N ASP A 20 -0.24 -1.77 7.77
CA ASP A 20 0.45 -2.94 8.38
C ASP A 20 -0.32 -3.43 9.61
N LYS A 21 -0.56 -4.71 9.69
CA LYS A 21 -1.30 -5.26 10.88
C LYS A 21 -0.47 -6.33 11.58
N ASN A 22 0.72 -6.57 11.09
CA ASN A 22 1.59 -7.61 11.72
C ASN A 22 2.94 -7.01 12.12
N ALA A 23 2.98 -5.73 12.37
CA ALA A 23 4.27 -5.09 12.77
C ALA A 23 5.41 -5.62 11.89
N ASP A 24 5.22 -5.62 10.59
CA ASP A 24 6.30 -6.13 9.69
C ASP A 24 7.18 -4.97 9.22
N GLY A 25 6.63 -3.80 9.08
CA GLY A 25 7.45 -2.64 8.62
C GLY A 25 7.27 -2.48 7.11
N PHE A 26 6.73 -3.46 6.46
CA PHE A 26 6.53 -3.36 4.98
C PHE A 26 5.27 -4.14 4.57
N ILE A 27 4.41 -3.54 3.79
CA ILE A 27 3.16 -4.25 3.38
C ILE A 27 3.45 -5.17 2.19
N ASP A 28 3.30 -6.45 2.36
CA ASP A 28 3.54 -7.39 1.23
C ASP A 28 2.21 -7.82 0.62
N ILE A 29 2.25 -8.58 -0.44
CA ILE A 29 0.98 -9.04 -1.08
C ILE A 29 0.08 -9.71 -0.04
N GLU A 30 0.63 -10.51 0.82
CA GLU A 30 -0.20 -11.19 1.85
C GLU A 30 -1.06 -10.16 2.58
N GLU A 31 -0.45 -9.16 3.14
CA GLU A 31 -1.24 -8.12 3.86
C GLU A 31 -2.29 -7.51 2.92
N LEU A 32 -1.86 -6.99 1.80
CA LEU A 32 -2.84 -6.40 0.84
C LEU A 32 -4.05 -7.32 0.69
N GLY A 33 -3.83 -8.61 0.68
CA GLY A 33 -4.97 -9.57 0.54
C GLY A 33 -5.95 -9.36 1.69
N GLU A 34 -5.63 -9.89 2.85
CA GLU A 34 -6.54 -9.73 4.02
C GLU A 34 -6.92 -8.26 4.21
N ILE A 35 -5.95 -7.38 4.14
CA ILE A 35 -6.25 -5.93 4.32
C ILE A 35 -7.52 -5.55 3.56
N LEU A 36 -7.52 -5.72 2.26
CA LEU A 36 -8.71 -5.35 1.45
C LEU A 36 -9.93 -6.16 1.91
N ARG A 37 -9.83 -7.46 1.90
CA ARG A 37 -10.98 -8.29 2.33
C ARG A 37 -11.53 -7.79 3.67
N ALA A 38 -10.66 -7.31 4.53
CA ALA A 38 -11.13 -6.81 5.85
C ALA A 38 -12.26 -5.79 5.64
N THR A 39 -12.14 -4.95 4.65
CA THR A 39 -13.21 -3.94 4.40
C THR A 39 -14.49 -4.64 3.94
N GLY A 40 -14.39 -5.87 3.52
CA GLY A 40 -15.60 -6.60 3.05
C GLY A 40 -15.63 -6.61 1.52
N GLU A 41 -14.50 -6.39 0.89
CA GLU A 41 -14.48 -6.38 -0.60
C GLU A 41 -13.87 -7.69 -1.13
N HIS A 42 -14.22 -8.08 -2.32
CA HIS A 42 -13.66 -9.33 -2.90
C HIS A 42 -12.65 -8.98 -4.00
N VAL A 43 -11.52 -8.45 -3.62
CA VAL A 43 -10.49 -8.07 -4.62
C VAL A 43 -9.70 -9.31 -5.09
N ILE A 44 -9.68 -9.57 -6.36
CA ILE A 44 -8.92 -10.75 -6.87
C ILE A 44 -7.42 -10.45 -6.84
N GLU A 45 -6.60 -11.47 -6.86
CA GLU A 45 -5.12 -11.24 -6.83
C GLU A 45 -4.69 -10.38 -8.02
N GLU A 46 -5.36 -10.50 -9.13
CA GLU A 46 -4.98 -9.68 -10.32
C GLU A 46 -4.82 -8.21 -9.94
N ASP A 47 -5.62 -7.74 -9.03
CA ASP A 47 -5.51 -6.31 -8.60
C ASP A 47 -4.48 -6.19 -7.49
N ILE A 48 -4.62 -6.98 -6.46
CA ILE A 48 -3.65 -6.93 -5.34
C ILE A 48 -2.24 -7.14 -5.88
N GLU A 49 -2.08 -8.08 -6.77
CA GLU A 49 -0.73 -8.35 -7.35
C GLU A 49 -0.24 -7.11 -8.11
N ASP A 50 -1.12 -6.44 -8.80
CA ASP A 50 -0.70 -5.22 -9.55
C ASP A 50 -0.18 -4.15 -8.59
N LEU A 51 -0.93 -3.83 -7.57
CA LEU A 51 -0.46 -2.80 -6.60
C LEU A 51 0.95 -3.12 -6.13
N MET A 52 1.23 -4.37 -5.84
CA MET A 52 2.59 -4.74 -5.38
C MET A 52 3.61 -4.53 -6.50
N LYS A 53 3.32 -5.02 -7.67
CA LYS A 53 4.27 -4.84 -8.80
C LYS A 53 4.49 -3.35 -9.06
N ASP A 54 3.45 -2.57 -9.02
CA ASP A 54 3.60 -1.11 -9.25
C ASP A 54 4.44 -0.49 -8.15
N SER A 55 4.46 -1.09 -6.98
CA SER A 55 5.25 -0.53 -5.86
C SER A 55 6.60 -1.25 -5.77
N ASP A 56 6.64 -2.51 -6.08
CA ASP A 56 7.93 -3.27 -6.01
C ASP A 56 8.96 -2.62 -6.93
N LYS A 57 9.57 -1.55 -6.50
CA LYS A 57 10.58 -0.86 -7.36
C LYS A 57 11.90 -1.63 -7.37
N ASN A 58 11.98 -2.75 -6.68
CA ASN A 58 13.25 -3.52 -6.68
C ASN A 58 12.97 -5.01 -6.45
N ASN A 59 11.76 -5.44 -6.71
CA ASN A 59 11.42 -6.88 -6.53
C ASN A 59 11.75 -7.33 -5.11
N ASP A 60 10.98 -6.88 -4.15
CA ASP A 60 11.24 -7.29 -2.74
C ASP A 60 9.96 -7.85 -2.12
N GLY A 61 8.97 -8.12 -2.93
CA GLY A 61 7.69 -8.67 -2.41
C GLY A 61 7.26 -7.90 -1.16
N ARG A 62 7.61 -6.64 -1.07
CA ARG A 62 7.21 -5.84 0.12
C ARG A 62 7.23 -4.35 -0.20
N ILE A 63 6.18 -3.65 0.15
CA ILE A 63 6.13 -2.19 -0.12
C ILE A 63 6.74 -1.42 1.06
N ASP A 64 7.60 -0.47 0.78
CA ASP A 64 8.23 0.30 1.89
C ASP A 64 7.76 1.77 1.84
N PHE A 65 8.44 2.64 2.54
CA PHE A 65 8.05 4.07 2.54
C PHE A 65 8.18 4.67 1.13
N ASP A 66 9.35 4.61 0.56
CA ASP A 66 9.54 5.19 -0.80
C ASP A 66 8.60 4.52 -1.81
N GLU A 67 8.68 3.22 -1.94
CA GLU A 67 7.79 2.52 -2.91
C GLU A 67 6.33 2.86 -2.64
N PHE A 68 5.89 2.74 -1.42
CA PHE A 68 4.47 3.05 -1.11
C PHE A 68 4.09 4.42 -1.69
N LEU A 69 4.78 5.45 -1.29
CA LEU A 69 4.46 6.81 -1.82
C LEU A 69 4.17 6.74 -3.32
N LYS A 70 5.17 6.41 -4.10
CA LYS A 70 4.96 6.32 -5.58
C LYS A 70 3.72 5.48 -5.88
N MET A 71 3.47 4.47 -5.07
CA MET A 71 2.27 3.61 -5.30
C MET A 71 1.00 4.39 -4.99
N MET A 72 1.03 5.21 -3.96
CA MET A 72 -0.18 5.99 -3.59
C MET A 72 0.05 7.48 -3.85
N GLU A 73 0.90 7.82 -4.78
CA GLU A 73 1.15 9.26 -5.07
C GLU A 73 0.19 9.75 -6.15
N GLY A 74 0.38 10.95 -6.63
CA GLY A 74 -0.53 11.49 -7.69
C GLY A 74 -1.99 11.42 -7.20
N VAL A 75 -2.22 11.74 -5.96
CA VAL A 75 -3.61 11.69 -5.43
C VAL A 75 -3.96 13.00 -4.71
N GLN A 76 -5.22 13.30 -4.59
CA GLN A 76 -5.62 14.55 -3.89
C GLN A 76 -6.05 14.24 -2.45
N GLU A 2 -18.74 10.76 1.19
CA GLU A 2 -18.22 9.37 1.36
C GLU A 2 -16.84 9.25 0.72
N ASP A 3 -16.77 9.28 -0.58
CA ASP A 3 -15.45 9.18 -1.27
C ASP A 3 -14.80 10.56 -1.37
N ALA A 4 -13.97 10.91 -0.43
CA ALA A 4 -13.30 12.24 -0.48
C ALA A 4 -12.26 12.36 0.63
N LYS A 5 -11.01 12.27 0.30
CA LYS A 5 -9.94 12.36 1.34
C LYS A 5 -8.57 12.56 0.68
N GLY A 6 -7.82 13.51 1.15
CA GLY A 6 -6.47 13.76 0.55
C GLY A 6 -5.43 12.91 1.29
N LYS A 7 -4.35 12.57 0.63
CA LYS A 7 -3.31 11.74 1.30
C LYS A 7 -1.94 12.38 1.11
N SER A 8 -1.77 13.60 1.55
CA SER A 8 -0.45 14.28 1.40
C SER A 8 0.68 13.33 1.81
N GLU A 9 1.85 13.51 1.26
CA GLU A 9 2.99 12.62 1.63
C GLU A 9 3.00 12.38 3.14
N GLU A 10 2.84 13.43 3.90
CA GLU A 10 2.83 13.27 5.39
C GLU A 10 1.63 12.41 5.81
N GLU A 11 0.47 12.72 5.32
CA GLU A 11 -0.73 11.92 5.69
C GLU A 11 -0.53 10.45 5.30
N LEU A 12 0.03 10.21 4.15
CA LEU A 12 0.26 8.81 3.71
C LEU A 12 1.19 8.09 4.70
N ALA A 13 2.39 8.60 4.87
CA ALA A 13 3.34 7.95 5.81
C ALA A 13 2.62 7.60 7.12
N ASN A 14 1.81 8.50 7.62
CA ASN A 14 1.08 8.21 8.89
C ASN A 14 0.35 6.87 8.78
N CYS A 15 -0.32 6.63 7.69
CA CYS A 15 -1.05 5.34 7.52
C CYS A 15 -0.05 4.20 7.39
N PHE A 16 1.16 4.49 7.00
CA PHE A 16 2.19 3.43 6.86
C PHE A 16 2.12 2.45 8.04
N ARG A 17 2.38 2.94 9.23
CA ARG A 17 2.33 2.04 10.42
C ARG A 17 0.90 1.50 10.61
N ILE A 18 -0.09 2.29 10.31
CA ILE A 18 -1.50 1.82 10.48
C ILE A 18 -1.74 0.59 9.60
N PHE A 19 -1.13 0.53 8.45
CA PHE A 19 -1.33 -0.63 7.56
C PHE A 19 -0.49 -1.82 8.03
N ASP A 20 0.81 -1.71 7.96
CA ASP A 20 1.68 -2.84 8.40
C ASP A 20 1.14 -3.45 9.70
N LYS A 21 0.41 -4.52 9.60
CA LYS A 21 -0.14 -5.16 10.83
C LYS A 21 0.96 -5.93 11.56
N ASN A 22 2.10 -6.10 10.95
CA ASN A 22 3.21 -6.84 11.61
C ASN A 22 4.25 -5.86 12.17
N ALA A 23 5.41 -6.36 12.52
CA ALA A 23 6.46 -5.45 13.06
C ALA A 23 7.66 -5.43 12.11
N ASP A 24 7.57 -6.08 10.99
CA ASP A 24 8.70 -6.09 10.03
C ASP A 24 8.92 -4.68 9.46
N GLY A 25 7.88 -3.89 9.42
CA GLY A 25 8.03 -2.51 8.88
C GLY A 25 7.78 -2.50 7.37
N PHE A 26 7.20 -3.54 6.84
CA PHE A 26 6.93 -3.58 5.37
C PHE A 26 5.63 -4.34 5.08
N ILE A 27 4.78 -3.77 4.26
CA ILE A 27 3.49 -4.47 3.93
C ILE A 27 3.72 -5.48 2.80
N ASP A 28 3.25 -6.68 2.96
CA ASP A 28 3.44 -7.70 1.89
C ASP A 28 2.17 -7.85 1.04
N ILE A 29 2.17 -8.75 0.10
CA ILE A 29 0.98 -8.94 -0.77
C ILE A 29 -0.21 -9.45 0.06
N GLU A 30 0.03 -10.34 0.98
CA GLU A 30 -1.10 -10.86 1.81
C GLU A 30 -1.77 -9.72 2.58
N GLU A 31 -0.99 -8.94 3.29
CA GLU A 31 -1.58 -7.81 4.06
C GLU A 31 -2.52 -7.00 3.16
N LEU A 32 -2.12 -6.75 1.95
CA LEU A 32 -2.98 -5.97 1.02
C LEU A 32 -4.33 -6.67 0.85
N GLY A 33 -4.36 -7.97 1.01
CA GLY A 33 -5.65 -8.71 0.84
C GLY A 33 -6.55 -8.44 2.04
N GLU A 34 -6.25 -9.00 3.18
CA GLU A 34 -7.10 -8.78 4.38
C GLU A 34 -7.53 -7.32 4.47
N ILE A 35 -6.62 -6.41 4.26
CA ILE A 35 -6.98 -4.96 4.34
C ILE A 35 -8.10 -4.64 3.35
N LEU A 36 -7.89 -4.91 2.09
CA LEU A 36 -8.94 -4.61 1.07
C LEU A 36 -10.09 -5.63 1.17
N ARG A 37 -9.79 -6.88 1.31
CA ARG A 37 -10.87 -7.91 1.42
C ARG A 37 -11.76 -7.60 2.63
N ALA A 38 -11.19 -7.13 3.70
CA ALA A 38 -12.02 -6.82 4.91
C ALA A 38 -13.25 -6.01 4.49
N THR A 39 -13.08 -5.07 3.59
CA THR A 39 -14.24 -4.25 3.15
C THR A 39 -15.36 -5.16 2.63
N GLY A 40 -15.02 -6.30 2.12
CA GLY A 40 -16.06 -7.22 1.59
C GLY A 40 -15.88 -7.38 0.07
N GLU A 41 -15.40 -6.36 -0.58
CA GLU A 41 -15.19 -6.45 -2.05
C GLU A 41 -14.42 -7.71 -2.40
N HIS A 42 -14.94 -8.52 -3.28
CA HIS A 42 -14.23 -9.77 -3.67
C HIS A 42 -12.98 -9.46 -4.49
N VAL A 43 -12.04 -8.76 -3.91
CA VAL A 43 -10.79 -8.42 -4.66
C VAL A 43 -10.06 -9.70 -5.05
N ILE A 44 -9.38 -9.69 -6.16
CA ILE A 44 -8.65 -10.93 -6.58
C ILE A 44 -7.15 -10.63 -6.73
N GLU A 45 -6.33 -11.60 -6.46
CA GLU A 45 -4.85 -11.40 -6.57
C GLU A 45 -4.52 -10.55 -7.80
N GLU A 46 -5.23 -10.72 -8.87
CA GLU A 46 -4.94 -9.93 -10.11
C GLU A 46 -4.96 -8.43 -9.80
N ASP A 47 -5.81 -8.00 -8.91
CA ASP A 47 -5.86 -6.55 -8.57
C ASP A 47 -4.83 -6.24 -7.48
N ILE A 48 -4.76 -7.07 -6.49
CA ILE A 48 -3.77 -6.84 -5.39
C ILE A 48 -2.34 -6.98 -5.93
N GLU A 49 -2.13 -7.90 -6.83
CA GLU A 49 -0.76 -8.09 -7.39
C GLU A 49 -0.29 -6.81 -8.07
N ASP A 50 -1.14 -6.18 -8.83
CA ASP A 50 -0.75 -4.92 -9.53
C ASP A 50 -0.20 -3.90 -8.53
N LEU A 51 -0.96 -3.62 -7.50
CA LEU A 51 -0.49 -2.63 -6.48
C LEU A 51 0.96 -2.93 -6.07
N MET A 52 1.28 -4.18 -5.89
CA MET A 52 2.67 -4.54 -5.48
C MET A 52 3.65 -4.32 -6.63
N LYS A 53 3.37 -4.91 -7.76
CA LYS A 53 4.27 -4.75 -8.94
C LYS A 53 4.68 -3.28 -9.11
N ASP A 54 3.73 -2.41 -9.26
CA ASP A 54 4.06 -0.96 -9.44
C ASP A 54 4.84 -0.43 -8.23
N SER A 55 4.46 -0.82 -7.04
CA SER A 55 5.17 -0.33 -5.83
C SER A 55 6.53 -1.03 -5.69
N ASP A 56 6.53 -2.33 -5.67
CA ASP A 56 7.81 -3.08 -5.52
C ASP A 56 8.82 -2.66 -6.59
N LYS A 57 9.52 -1.58 -6.37
CA LYS A 57 10.53 -1.13 -7.37
C LYS A 57 11.71 -2.11 -7.38
N ASN A 58 12.20 -2.47 -6.21
CA ASN A 58 13.33 -3.42 -6.15
C ASN A 58 12.80 -4.86 -6.26
N ASN A 59 11.51 -5.02 -6.23
CA ASN A 59 10.92 -6.39 -6.34
C ASN A 59 11.34 -7.24 -5.13
N ASP A 60 10.65 -7.11 -4.04
CA ASP A 60 11.00 -7.91 -2.83
C ASP A 60 9.74 -8.57 -2.26
N GLY A 61 8.63 -8.45 -2.94
CA GLY A 61 7.38 -9.07 -2.44
C GLY A 61 6.84 -8.25 -1.26
N ARG A 62 7.24 -7.02 -1.13
CA ARG A 62 6.75 -6.18 0.00
C ARG A 62 6.89 -4.69 -0.33
N ILE A 63 5.93 -3.90 0.04
CA ILE A 63 6.02 -2.43 -0.25
C ILE A 63 6.70 -1.72 0.93
N ASP A 64 7.58 -0.80 0.65
CA ASP A 64 8.28 -0.07 1.75
C ASP A 64 7.81 1.38 1.82
N PHE A 65 8.65 2.26 2.28
CA PHE A 65 8.25 3.70 2.37
C PHE A 65 8.24 4.35 0.99
N ASP A 66 9.34 4.29 0.29
CA ASP A 66 9.40 4.92 -1.06
C ASP A 66 8.36 4.29 -1.99
N GLU A 67 8.36 3.00 -2.13
CA GLU A 67 7.37 2.34 -3.02
C GLU A 67 5.94 2.70 -2.59
N PHE A 68 5.61 2.49 -1.34
CA PHE A 68 4.24 2.82 -0.86
C PHE A 68 3.79 4.18 -1.41
N LEU A 69 4.59 5.19 -1.24
CA LEU A 69 4.20 6.54 -1.74
C LEU A 69 4.07 6.53 -3.28
N LYS A 70 5.09 6.10 -3.97
CA LYS A 70 5.01 6.08 -5.46
C LYS A 70 3.69 5.46 -5.93
N MET A 71 3.26 4.40 -5.29
CA MET A 71 1.99 3.76 -5.70
C MET A 71 0.81 4.66 -5.33
N MET A 72 0.79 5.16 -4.13
CA MET A 72 -0.35 6.06 -3.71
C MET A 72 0.07 7.52 -3.82
N GLU A 73 0.75 7.88 -4.88
CA GLU A 73 1.17 9.30 -5.04
C GLU A 73 0.19 10.06 -5.93
N GLY A 74 -0.22 11.22 -5.52
CA GLY A 74 -1.19 12.00 -6.34
C GLY A 74 -2.49 11.21 -6.47
N VAL A 75 -2.81 10.44 -5.47
CA VAL A 75 -4.06 9.63 -5.51
C VAL A 75 -5.24 10.47 -5.99
N GLN A 76 -6.09 9.91 -6.80
CA GLN A 76 -7.27 10.67 -7.32
C GLN A 76 -6.86 12.11 -7.67
N GLU A 2 5.26 15.57 -8.28
CA GLU A 2 5.07 14.57 -7.19
C GLU A 2 4.37 15.19 -5.99
N ASP A 3 4.84 16.34 -5.55
CA ASP A 3 4.19 17.00 -4.38
C ASP A 3 2.68 17.09 -4.59
N ALA A 4 2.25 17.61 -5.71
CA ALA A 4 0.79 17.73 -5.97
C ALA A 4 0.14 18.62 -4.91
N LYS A 5 -1.17 18.71 -4.93
CA LYS A 5 -1.87 19.55 -3.92
C LYS A 5 -3.07 18.80 -3.33
N GLY A 6 -2.81 17.85 -2.47
CA GLY A 6 -3.94 17.08 -1.87
C GLY A 6 -3.49 16.49 -0.52
N LYS A 7 -2.38 15.80 -0.51
CA LYS A 7 -1.89 15.20 0.76
C LYS A 7 -0.36 15.23 0.80
N SER A 8 0.20 15.51 1.95
CA SER A 8 1.69 15.57 2.06
C SER A 8 2.22 14.22 2.55
N GLU A 9 3.50 14.00 2.40
CA GLU A 9 4.08 12.71 2.86
C GLU A 9 3.69 12.42 4.31
N GLU A 10 3.75 13.40 5.15
CA GLU A 10 3.37 13.20 6.58
C GLU A 10 2.08 12.37 6.67
N GLU A 11 1.03 12.82 6.04
CA GLU A 11 -0.26 12.08 6.09
C GLU A 11 -0.04 10.62 5.66
N LEU A 12 0.50 10.41 4.49
CA LEU A 12 0.72 9.01 4.02
C LEU A 12 1.60 8.25 5.02
N ALA A 13 2.78 8.72 5.28
CA ALA A 13 3.68 8.02 6.24
C ALA A 13 2.89 7.51 7.45
N ASN A 14 2.14 8.36 8.08
CA ASN A 14 1.34 7.92 9.27
C ASN A 14 0.49 6.70 8.92
N CYS A 15 -0.31 6.79 7.90
CA CYS A 15 -1.17 5.63 7.52
C CYS A 15 -0.34 4.34 7.46
N PHE A 16 0.95 4.45 7.25
CA PHE A 16 1.79 3.22 7.18
C PHE A 16 1.42 2.26 8.32
N ARG A 17 1.37 2.75 9.52
CA ARG A 17 1.03 1.87 10.67
C ARG A 17 -0.33 1.21 10.45
N ILE A 18 -1.23 1.88 9.78
CA ILE A 18 -2.58 1.29 9.54
C ILE A 18 -2.45 -0.02 8.76
N PHE A 19 -1.57 -0.06 7.80
CA PHE A 19 -1.40 -1.31 6.99
C PHE A 19 -0.58 -2.34 7.77
N ASP A 20 0.42 -1.90 8.49
CA ASP A 20 1.26 -2.86 9.27
C ASP A 20 0.53 -3.26 10.56
N LYS A 21 -0.33 -4.23 10.50
CA LYS A 21 -1.05 -4.66 11.73
C LYS A 21 -0.22 -5.68 12.51
N ASN A 22 0.55 -6.47 11.83
CA ASN A 22 1.40 -7.49 12.53
C ASN A 22 2.84 -7.00 12.64
N ALA A 23 3.06 -5.73 12.42
CA ALA A 23 4.45 -5.18 12.50
C ALA A 23 5.40 -6.02 11.65
N ASP A 24 5.27 -5.95 10.36
CA ASP A 24 6.16 -6.74 9.47
C ASP A 24 7.32 -5.87 8.96
N GLY A 25 7.18 -4.57 9.07
CA GLY A 25 8.27 -3.67 8.59
C GLY A 25 8.06 -3.36 7.11
N PHE A 26 7.28 -4.15 6.43
CA PHE A 26 7.04 -3.91 4.99
C PHE A 26 5.65 -4.42 4.59
N ILE A 27 5.01 -3.76 3.67
CA ILE A 27 3.65 -4.20 3.24
C ILE A 27 3.76 -5.33 2.22
N ASP A 28 3.29 -6.50 2.55
CA ASP A 28 3.36 -7.63 1.58
C ASP A 28 2.03 -7.77 0.84
N ILE A 29 1.93 -8.75 -0.02
CA ILE A 29 0.66 -8.94 -0.78
C ILE A 29 -0.45 -9.39 0.17
N GLU A 30 -0.13 -10.24 1.10
CA GLU A 30 -1.17 -10.72 2.06
C GLU A 30 -1.85 -9.52 2.75
N GLU A 31 -1.08 -8.65 3.34
CA GLU A 31 -1.67 -7.47 4.02
C GLU A 31 -2.68 -6.77 3.11
N LEU A 32 -2.32 -6.55 1.88
CA LEU A 32 -3.25 -5.87 0.93
C LEU A 32 -4.58 -6.63 0.84
N GLY A 33 -4.54 -7.93 0.94
CA GLY A 33 -5.80 -8.72 0.85
C GLY A 33 -6.70 -8.43 2.04
N GLU A 34 -6.35 -8.93 3.19
CA GLU A 34 -7.19 -8.69 4.40
C GLU A 34 -7.66 -7.23 4.45
N ILE A 35 -6.76 -6.31 4.27
CA ILE A 35 -7.16 -4.87 4.30
C ILE A 35 -8.27 -4.60 3.29
N LEU A 36 -8.08 -4.99 2.06
CA LEU A 36 -9.11 -4.76 1.02
C LEU A 36 -10.39 -5.55 1.35
N ARG A 37 -10.29 -6.83 1.51
CA ARG A 37 -11.50 -7.66 1.82
C ARG A 37 -12.17 -7.16 3.10
N ALA A 38 -11.40 -6.73 4.08
CA ALA A 38 -12.01 -6.24 5.34
C ALA A 38 -13.14 -5.26 5.04
N THR A 39 -13.05 -4.52 3.97
CA THR A 39 -14.13 -3.55 3.63
C THR A 39 -15.43 -4.29 3.31
N GLY A 40 -15.33 -5.48 2.80
CA GLY A 40 -16.57 -6.25 2.45
C GLY A 40 -16.60 -6.51 0.94
N GLU A 41 -15.46 -6.56 0.32
CA GLU A 41 -15.43 -6.82 -1.15
C GLU A 41 -14.71 -8.14 -1.46
N HIS A 42 -14.77 -8.59 -2.67
CA HIS A 42 -14.09 -9.86 -3.03
C HIS A 42 -12.93 -9.58 -3.99
N VAL A 43 -11.96 -8.84 -3.54
CA VAL A 43 -10.79 -8.51 -4.42
C VAL A 43 -10.00 -9.77 -4.76
N ILE A 44 -9.78 -10.03 -6.01
CA ILE A 44 -9.00 -11.24 -6.41
C ILE A 44 -7.50 -10.97 -6.27
N GLU A 45 -6.72 -12.00 -6.07
CA GLU A 45 -5.25 -11.80 -5.92
C GLU A 45 -4.65 -11.17 -7.18
N GLU A 46 -5.08 -11.61 -8.33
CA GLU A 46 -4.53 -11.04 -9.61
C GLU A 46 -4.52 -9.51 -9.55
N ASP A 47 -5.48 -8.92 -8.90
CA ASP A 47 -5.52 -7.43 -8.82
C ASP A 47 -4.61 -6.95 -7.69
N ILE A 48 -4.73 -7.56 -6.55
CA ILE A 48 -3.87 -7.17 -5.39
C ILE A 48 -2.40 -7.34 -5.77
N GLU A 49 -2.10 -8.36 -6.52
CA GLU A 49 -0.69 -8.61 -6.95
C GLU A 49 -0.16 -7.43 -7.77
N ASP A 50 -1.01 -6.81 -8.56
CA ASP A 50 -0.55 -5.66 -9.39
C ASP A 50 0.07 -4.57 -8.51
N LEU A 51 -0.64 -4.10 -7.53
CA LEU A 51 -0.10 -3.03 -6.64
C LEU A 51 1.32 -3.37 -6.18
N MET A 52 1.56 -4.59 -5.80
CA MET A 52 2.93 -4.96 -5.34
C MET A 52 3.91 -4.85 -6.50
N LYS A 53 3.61 -5.45 -7.60
CA LYS A 53 4.52 -5.38 -8.77
C LYS A 53 4.67 -3.92 -9.24
N ASP A 54 3.58 -3.19 -9.22
CA ASP A 54 3.63 -1.77 -9.66
C ASP A 54 4.46 -0.94 -8.68
N SER A 55 4.42 -1.29 -7.42
CA SER A 55 5.20 -0.51 -6.42
C SER A 55 6.65 -0.97 -6.39
N ASP A 56 6.89 -2.21 -6.02
CA ASP A 56 8.29 -2.71 -5.98
C ASP A 56 9.06 -2.30 -7.23
N LYS A 57 9.73 -1.19 -7.17
CA LYS A 57 10.51 -0.72 -8.35
C LYS A 57 11.93 -1.29 -8.32
N ASN A 58 12.27 -2.01 -7.29
CA ASN A 58 13.63 -2.60 -7.21
C ASN A 58 13.54 -4.12 -6.99
N ASN A 59 12.37 -4.67 -7.09
CA ASN A 59 12.20 -6.14 -6.91
C ASN A 59 12.68 -6.55 -5.51
N ASP A 60 12.40 -5.77 -4.51
CA ASP A 60 12.84 -6.13 -3.13
C ASP A 60 11.98 -7.28 -2.60
N GLY A 61 10.89 -7.57 -3.25
CA GLY A 61 10.01 -8.67 -2.77
C GLY A 61 8.80 -8.09 -2.05
N ARG A 62 8.84 -6.81 -1.75
CA ARG A 62 7.70 -6.18 -1.03
C ARG A 62 7.72 -4.67 -1.27
N ILE A 63 6.75 -3.96 -0.74
CA ILE A 63 6.72 -2.49 -0.91
C ILE A 63 7.51 -1.81 0.21
N ASP A 64 7.82 -0.55 0.06
CA ASP A 64 8.59 0.15 1.13
C ASP A 64 8.12 1.60 1.25
N PHE A 65 8.90 2.44 1.87
CA PHE A 65 8.49 3.86 2.03
C PHE A 65 8.60 4.61 0.69
N ASP A 66 9.67 4.38 -0.04
CA ASP A 66 9.83 5.08 -1.34
C ASP A 66 8.77 4.60 -2.35
N GLU A 67 8.65 3.32 -2.54
CA GLU A 67 7.63 2.80 -3.50
C GLU A 67 6.22 3.12 -3.02
N PHE A 68 5.97 3.00 -1.75
CA PHE A 68 4.61 3.29 -1.21
C PHE A 68 4.17 4.70 -1.62
N LEU A 69 4.86 5.71 -1.14
CA LEU A 69 4.48 7.10 -1.49
C LEU A 69 4.14 7.20 -2.99
N LYS A 70 5.03 6.74 -3.84
CA LYS A 70 4.75 6.82 -5.31
C LYS A 70 3.47 6.04 -5.65
N MET A 71 3.25 4.93 -4.99
CA MET A 71 2.03 4.12 -5.29
C MET A 71 0.77 4.93 -4.98
N MET A 72 0.72 5.56 -3.85
CA MET A 72 -0.49 6.36 -3.48
C MET A 72 -0.44 7.74 -4.16
N GLU A 73 0.71 8.36 -4.18
CA GLU A 73 0.81 9.70 -4.83
C GLU A 73 0.19 9.66 -6.23
N GLY A 74 -1.01 10.15 -6.37
CA GLY A 74 -1.67 10.13 -7.72
C GLY A 74 -2.42 8.83 -7.90
N VAL A 75 -2.83 8.21 -6.81
CA VAL A 75 -3.57 6.92 -6.92
C VAL A 75 -4.90 7.13 -7.66
N GLN A 76 -5.21 6.24 -8.57
CA GLN A 76 -6.50 6.39 -9.33
C GLN A 76 -7.68 6.40 -8.37
N GLU A 2 -11.53 26.45 1.71
CA GLU A 2 -12.08 25.33 0.89
C GLU A 2 -12.35 24.10 1.77
N ASP A 3 -12.78 23.02 1.17
CA ASP A 3 -13.05 21.79 1.96
C ASP A 3 -12.03 20.70 1.63
N ALA A 4 -11.97 20.27 0.40
CA ALA A 4 -10.99 19.22 0.01
C ALA A 4 -9.59 19.82 -0.15
N LYS A 5 -8.87 19.96 0.94
CA LYS A 5 -7.50 20.54 0.85
C LYS A 5 -6.53 19.49 0.29
N GLY A 6 -5.27 19.58 0.64
CA GLY A 6 -4.28 18.60 0.12
C GLY A 6 -3.41 18.09 1.26
N LYS A 7 -2.24 17.60 0.95
CA LYS A 7 -1.33 17.09 2.02
C LYS A 7 0.06 16.82 1.46
N SER A 8 0.97 16.35 2.27
CA SER A 8 2.34 16.07 1.77
C SER A 8 2.76 14.65 2.18
N GLU A 9 3.98 14.28 1.90
CA GLU A 9 4.43 12.91 2.27
C GLU A 9 4.26 12.71 3.78
N GLU A 10 4.51 13.73 4.56
CA GLU A 10 4.36 13.59 6.04
C GLU A 10 3.07 12.83 6.36
N GLU A 11 1.94 13.36 5.99
CA GLU A 11 0.66 12.66 6.28
C GLU A 11 0.65 11.28 5.61
N LEU A 12 1.27 11.16 4.47
CA LEU A 12 1.29 9.84 3.78
C LEU A 12 2.10 8.82 4.58
N ALA A 13 3.29 9.17 4.99
CA ALA A 13 4.11 8.21 5.78
C ALA A 13 3.27 7.58 6.89
N ASN A 14 2.54 8.38 7.62
CA ASN A 14 1.69 7.83 8.72
C ASN A 14 0.83 6.68 8.20
N CYS A 15 0.25 6.84 7.04
CA CYS A 15 -0.60 5.75 6.48
C CYS A 15 0.19 4.45 6.39
N PHE A 16 1.50 4.52 6.46
CA PHE A 16 2.32 3.29 6.37
C PHE A 16 1.86 2.23 7.38
N ARG A 17 2.00 2.51 8.65
CA ARG A 17 1.58 1.52 9.69
C ARG A 17 0.11 1.13 9.49
N ILE A 18 -0.70 2.03 9.01
CA ILE A 18 -2.14 1.70 8.81
C ILE A 18 -2.30 0.48 7.89
N PHE A 19 -1.53 0.43 6.83
CA PHE A 19 -1.64 -0.73 5.91
C PHE A 19 -0.97 -1.97 6.51
N ASP A 20 0.06 -1.78 7.30
CA ASP A 20 0.74 -2.94 7.92
C ASP A 20 -0.01 -3.40 9.17
N LYS A 21 -0.82 -4.42 9.04
CA LYS A 21 -1.58 -4.91 10.23
C LYS A 21 -0.62 -5.48 11.27
N ASN A 22 0.45 -6.10 10.83
CA ASN A 22 1.44 -6.68 11.80
C ASN A 22 2.57 -5.68 12.06
N ALA A 23 2.65 -4.64 11.28
CA ALA A 23 3.73 -3.64 11.49
C ALA A 23 5.10 -4.34 11.49
N ASP A 24 5.41 -5.05 10.44
CA ASP A 24 6.71 -5.76 10.38
C ASP A 24 7.77 -4.88 9.69
N GLY A 25 7.35 -3.83 9.05
CA GLY A 25 8.33 -2.94 8.37
C GLY A 25 8.08 -2.94 6.85
N PHE A 26 7.41 -3.94 6.35
CA PHE A 26 7.13 -3.98 4.88
C PHE A 26 5.85 -4.75 4.60
N ILE A 27 4.94 -4.16 3.87
CA ILE A 27 3.67 -4.86 3.55
C ILE A 27 3.84 -5.79 2.35
N ASP A 28 3.64 -7.06 2.54
CA ASP A 28 3.79 -8.02 1.41
C ASP A 28 2.45 -8.18 0.69
N ILE A 29 2.36 -9.09 -0.25
CA ILE A 29 1.08 -9.27 -0.98
C ILE A 29 -0.03 -9.72 -0.03
N GLU A 30 0.27 -10.63 0.85
CA GLU A 30 -0.77 -11.11 1.81
C GLU A 30 -1.41 -9.92 2.53
N GLU A 31 -0.62 -9.11 3.17
CA GLU A 31 -1.17 -7.93 3.89
C GLU A 31 -2.12 -7.15 2.97
N LEU A 32 -1.73 -6.93 1.75
CA LEU A 32 -2.59 -6.17 0.81
C LEU A 32 -3.94 -6.87 0.63
N GLY A 33 -3.98 -8.16 0.77
CA GLY A 33 -5.27 -8.89 0.60
C GLY A 33 -6.12 -8.72 1.87
N GLU A 34 -5.63 -9.16 2.99
CA GLU A 34 -6.41 -9.04 4.25
C GLU A 34 -6.88 -7.59 4.46
N ILE A 35 -6.01 -6.64 4.25
CA ILE A 35 -6.41 -5.22 4.43
C ILE A 35 -7.67 -4.91 3.61
N LEU A 36 -7.67 -5.30 2.36
CA LEU A 36 -8.86 -5.04 1.50
C LEU A 36 -9.98 -6.04 1.83
N ARG A 37 -9.65 -7.30 1.88
CA ARG A 37 -10.69 -8.34 2.19
C ARG A 37 -11.49 -7.92 3.43
N ALA A 38 -10.87 -7.25 4.36
CA ALA A 38 -11.59 -6.82 5.58
C ALA A 38 -12.84 -6.02 5.21
N THR A 39 -12.81 -5.35 4.09
CA THR A 39 -13.99 -4.54 3.67
C THR A 39 -14.99 -5.42 2.90
N GLY A 40 -14.93 -6.71 3.08
CA GLY A 40 -15.88 -7.61 2.36
C GLY A 40 -15.64 -7.49 0.85
N GLU A 41 -14.48 -7.03 0.46
CA GLU A 41 -14.19 -6.89 -1.00
C GLU A 41 -13.41 -8.10 -1.50
N HIS A 42 -14.02 -8.89 -2.34
CA HIS A 42 -13.31 -10.10 -2.87
C HIS A 42 -12.26 -9.68 -3.90
N VAL A 43 -11.11 -9.27 -3.45
CA VAL A 43 -10.04 -8.85 -4.41
C VAL A 43 -9.16 -10.04 -4.79
N ILE A 44 -8.81 -10.16 -6.04
CA ILE A 44 -7.96 -11.31 -6.47
C ILE A 44 -6.53 -10.82 -6.72
N GLU A 45 -5.57 -11.70 -6.62
CA GLU A 45 -4.16 -11.29 -6.86
C GLU A 45 -4.07 -10.36 -8.08
N GLU A 46 -4.72 -10.71 -9.15
CA GLU A 46 -4.67 -9.84 -10.36
C GLU A 46 -4.78 -8.36 -9.96
N ASP A 47 -5.59 -8.08 -8.98
CA ASP A 47 -5.72 -6.67 -8.52
C ASP A 47 -4.70 -6.39 -7.42
N ILE A 48 -4.59 -7.26 -6.46
CA ILE A 48 -3.60 -7.06 -5.37
C ILE A 48 -2.19 -6.96 -5.96
N GLU A 49 -1.90 -7.79 -6.94
CA GLU A 49 -0.55 -7.76 -7.56
C GLU A 49 -0.27 -6.37 -8.15
N ASP A 50 -1.17 -5.88 -8.97
CA ASP A 50 -0.96 -4.53 -9.58
C ASP A 50 -0.51 -3.53 -8.51
N LEU A 51 -1.16 -3.52 -7.38
CA LEU A 51 -0.76 -2.57 -6.31
C LEU A 51 0.69 -2.83 -5.87
N MET A 52 0.98 -4.05 -5.50
CA MET A 52 2.37 -4.39 -5.06
C MET A 52 3.34 -4.28 -6.25
N LYS A 53 2.96 -4.79 -7.38
CA LYS A 53 3.86 -4.72 -8.56
C LYS A 53 4.16 -3.27 -8.92
N ASP A 54 3.18 -2.42 -8.90
CA ASP A 54 3.40 -0.98 -9.23
C ASP A 54 4.25 -0.31 -8.14
N SER A 55 4.08 -0.71 -6.91
CA SER A 55 4.87 -0.09 -5.80
C SER A 55 6.21 -0.82 -5.63
N ASP A 56 6.17 -2.08 -5.29
CA ASP A 56 7.44 -2.84 -5.09
C ASP A 56 8.36 -2.68 -6.30
N LYS A 57 9.28 -1.75 -6.23
CA LYS A 57 10.22 -1.56 -7.37
C LYS A 57 11.36 -2.58 -7.30
N ASN A 58 11.66 -3.06 -6.12
CA ASN A 58 12.76 -4.06 -5.98
C ASN A 58 12.21 -5.48 -6.12
N ASN A 59 11.02 -5.61 -6.63
CA ASN A 59 10.43 -6.97 -6.79
C ASN A 59 10.63 -7.79 -5.52
N ASP A 60 10.52 -7.16 -4.38
CA ASP A 60 10.71 -7.90 -3.09
C ASP A 60 9.35 -8.30 -2.52
N GLY A 61 8.32 -8.23 -3.31
CA GLY A 61 6.96 -8.61 -2.82
C GLY A 61 6.66 -7.88 -1.49
N ARG A 62 7.07 -6.64 -1.38
CA ARG A 62 6.80 -5.90 -0.11
C ARG A 62 6.87 -4.38 -0.35
N ILE A 63 5.83 -3.67 0.02
CA ILE A 63 5.84 -2.19 -0.16
C ILE A 63 6.49 -1.54 1.07
N ASP A 64 7.44 -0.68 0.88
CA ASP A 64 8.09 -0.03 2.06
C ASP A 64 7.72 1.47 2.12
N PHE A 65 8.41 2.21 2.94
CA PHE A 65 8.10 3.67 3.07
C PHE A 65 8.12 4.35 1.69
N ASP A 66 9.21 4.26 0.99
CA ASP A 66 9.30 4.93 -0.35
C ASP A 66 8.28 4.33 -1.33
N GLU A 67 8.43 3.08 -1.67
CA GLU A 67 7.48 2.46 -2.65
C GLU A 67 6.03 2.78 -2.28
N PHE A 68 5.73 2.93 -1.02
CA PHE A 68 4.32 3.24 -0.63
C PHE A 68 3.90 4.62 -1.17
N LEU A 69 4.61 5.65 -0.79
CA LEU A 69 4.24 7.01 -1.28
C LEU A 69 4.02 6.99 -2.80
N LYS A 70 4.97 6.52 -3.54
CA LYS A 70 4.80 6.46 -5.02
C LYS A 70 3.57 5.64 -5.37
N MET A 71 3.17 4.75 -4.51
CA MET A 71 1.96 3.93 -4.79
C MET A 71 0.71 4.82 -4.72
N MET A 72 0.69 5.73 -3.80
CA MET A 72 -0.49 6.63 -3.66
C MET A 72 -0.18 8.02 -4.22
N GLU A 73 0.51 8.08 -5.34
CA GLU A 73 0.85 9.40 -5.94
C GLU A 73 -0.05 9.66 -7.15
N GLY A 74 -1.32 9.89 -6.92
CA GLY A 74 -2.26 10.16 -8.04
C GLY A 74 -3.62 9.58 -7.68
N VAL A 75 -3.66 8.66 -6.76
CA VAL A 75 -4.96 8.06 -6.34
C VAL A 75 -5.28 8.45 -4.91
N GLN A 76 -6.53 8.66 -4.60
CA GLN A 76 -6.90 9.05 -3.20
C GLN A 76 -8.12 8.25 -2.74
N GLU A 2 1.04 26.75 -9.49
CA GLU A 2 -0.19 26.48 -8.71
C GLU A 2 0.11 25.55 -7.53
N ASP A 3 -0.49 25.78 -6.40
CA ASP A 3 -0.24 24.90 -5.22
C ASP A 3 -1.55 24.28 -4.73
N ALA A 4 -1.57 22.99 -4.52
CA ALA A 4 -2.81 22.33 -4.05
C ALA A 4 -2.50 21.39 -2.86
N LYS A 5 -2.28 21.95 -1.71
CA LYS A 5 -1.97 21.10 -0.52
C LYS A 5 -3.16 20.18 -0.20
N GLY A 6 -3.05 18.92 -0.49
CA GLY A 6 -4.16 17.98 -0.18
C GLY A 6 -3.63 16.81 0.65
N LYS A 7 -2.44 16.36 0.35
CA LYS A 7 -1.86 15.22 1.13
C LYS A 7 -0.33 15.34 1.13
N SER A 8 0.28 15.05 2.25
CA SER A 8 1.77 15.14 2.31
C SER A 8 2.37 13.83 2.82
N GLU A 9 3.64 13.61 2.58
CA GLU A 9 4.28 12.35 3.05
C GLU A 9 3.84 12.06 4.48
N GLU A 10 3.88 13.05 5.34
CA GLU A 10 3.47 12.84 6.75
C GLU A 10 2.13 12.10 6.78
N GLU A 11 1.14 12.60 6.09
CA GLU A 11 -0.18 11.92 6.07
C GLU A 11 0.00 10.45 5.68
N LEU A 12 0.61 10.20 4.56
CA LEU A 12 0.84 8.80 4.13
C LEU A 12 1.76 8.09 5.13
N ALA A 13 2.87 8.70 5.46
CA ALA A 13 3.80 8.07 6.44
C ALA A 13 3.01 7.44 7.58
N ASN A 14 2.17 8.21 8.22
CA ASN A 14 1.36 7.66 9.34
C ASN A 14 0.64 6.38 8.89
N CYS A 15 0.16 6.36 7.68
CA CYS A 15 -0.55 5.14 7.18
C CYS A 15 0.35 3.91 7.29
N PHE A 16 1.64 4.10 7.27
CA PHE A 16 2.56 2.93 7.37
C PHE A 16 2.17 2.04 8.55
N ARG A 17 2.14 2.58 9.74
CA ARG A 17 1.77 1.76 10.93
C ARG A 17 0.31 1.32 10.86
N ILE A 18 -0.56 2.15 10.34
CA ILE A 18 -1.99 1.77 10.27
C ILE A 18 -2.20 0.62 9.28
N PHE A 19 -1.67 0.73 8.10
CA PHE A 19 -1.86 -0.36 7.10
C PHE A 19 -1.06 -1.61 7.49
N ASP A 20 0.15 -1.45 7.91
CA ASP A 20 0.96 -2.64 8.32
C ASP A 20 0.38 -3.26 9.58
N LYS A 21 -0.78 -3.86 9.49
CA LYS A 21 -1.40 -4.49 10.69
C LYS A 21 -0.49 -5.60 11.25
N ASN A 22 0.18 -6.31 10.39
CA ASN A 22 1.08 -7.39 10.87
C ASN A 22 2.36 -6.79 11.44
N ALA A 23 2.53 -5.51 11.33
CA ALA A 23 3.76 -4.86 11.87
C ALA A 23 4.99 -5.70 11.54
N ASP A 24 5.45 -5.65 10.31
CA ASP A 24 6.64 -6.45 9.93
C ASP A 24 7.72 -5.55 9.33
N GLY A 25 7.44 -4.28 9.20
CA GLY A 25 8.46 -3.35 8.63
C GLY A 25 8.14 -3.09 7.15
N PHE A 26 7.41 -3.97 6.52
CA PHE A 26 7.08 -3.77 5.08
C PHE A 26 5.75 -4.45 4.74
N ILE A 27 4.94 -3.81 3.94
CA ILE A 27 3.63 -4.42 3.56
C ILE A 27 3.82 -5.42 2.42
N ASP A 28 3.68 -6.69 2.70
CA ASP A 28 3.86 -7.71 1.62
C ASP A 28 2.53 -7.95 0.88
N ILE A 29 2.50 -8.88 -0.03
CA ILE A 29 1.24 -9.15 -0.78
C ILE A 29 0.16 -9.70 0.16
N GLU A 30 0.54 -10.40 1.19
CA GLU A 30 -0.48 -10.96 2.13
C GLU A 30 -1.25 -9.83 2.82
N GLU A 31 -0.56 -8.87 3.37
CA GLU A 31 -1.27 -7.74 4.04
C GLU A 31 -2.22 -7.04 3.07
N LEU A 32 -1.78 -6.82 1.85
CA LEU A 32 -2.67 -6.14 0.86
C LEU A 32 -4.01 -6.87 0.78
N GLY A 33 -4.01 -8.17 0.84
CA GLY A 33 -5.29 -8.94 0.76
C GLY A 33 -6.25 -8.47 1.85
N GLU A 34 -5.99 -8.81 3.07
CA GLU A 34 -6.92 -8.38 4.18
C GLU A 34 -7.16 -6.87 4.13
N ILE A 35 -6.13 -6.10 3.95
CA ILE A 35 -6.33 -4.62 3.90
C ILE A 35 -7.49 -4.27 2.95
N LEU A 36 -7.52 -4.85 1.79
CA LEU A 36 -8.62 -4.55 0.84
C LEU A 36 -9.89 -5.29 1.25
N ARG A 37 -9.80 -6.58 1.45
CA ARG A 37 -11.02 -7.34 1.87
C ARG A 37 -11.71 -6.62 3.02
N ALA A 38 -10.96 -6.00 3.88
CA ALA A 38 -11.58 -5.27 5.02
C ALA A 38 -12.71 -4.36 4.52
N THR A 39 -12.51 -3.75 3.38
CA THR A 39 -13.57 -2.85 2.82
C THR A 39 -14.86 -3.63 2.62
N GLY A 40 -14.81 -4.71 1.88
CA GLY A 40 -16.05 -5.52 1.65
C GLY A 40 -16.11 -5.98 0.19
N GLU A 41 -15.01 -6.39 -0.36
CA GLU A 41 -15.03 -6.86 -1.78
C GLU A 41 -14.20 -8.14 -1.92
N HIS A 42 -14.76 -9.17 -2.51
CA HIS A 42 -14.01 -10.44 -2.66
C HIS A 42 -12.82 -10.23 -3.61
N VAL A 43 -11.86 -9.45 -3.20
CA VAL A 43 -10.68 -9.19 -4.08
C VAL A 43 -9.89 -10.48 -4.30
N ILE A 44 -9.15 -10.55 -5.38
CA ILE A 44 -8.35 -11.77 -5.66
C ILE A 44 -6.87 -11.39 -5.84
N GLU A 45 -5.98 -12.24 -5.42
CA GLU A 45 -4.52 -11.93 -5.56
C GLU A 45 -4.23 -11.34 -6.94
N GLU A 46 -4.76 -11.94 -7.98
CA GLU A 46 -4.51 -11.42 -9.36
C GLU A 46 -4.57 -9.89 -9.39
N ASP A 47 -5.55 -9.31 -8.74
CA ASP A 47 -5.66 -7.82 -8.74
C ASP A 47 -4.69 -7.25 -7.71
N ILE A 48 -4.73 -7.79 -6.52
CA ILE A 48 -3.82 -7.31 -5.45
C ILE A 48 -2.37 -7.34 -5.95
N GLU A 49 -2.05 -8.32 -6.75
CA GLU A 49 -0.65 -8.43 -7.28
C GLU A 49 -0.26 -7.13 -8.01
N ASP A 50 -1.06 -6.69 -8.94
CA ASP A 50 -0.72 -5.44 -9.69
C ASP A 50 -0.24 -4.35 -8.72
N LEU A 51 -0.97 -4.12 -7.66
CA LEU A 51 -0.55 -3.06 -6.70
C LEU A 51 0.89 -3.30 -6.23
N MET A 52 1.23 -4.53 -5.93
CA MET A 52 2.62 -4.83 -5.47
C MET A 52 3.61 -4.71 -6.64
N LYS A 53 3.22 -5.18 -7.80
CA LYS A 53 4.14 -5.12 -8.97
C LYS A 53 4.51 -3.66 -9.29
N ASP A 54 3.54 -2.79 -9.36
CA ASP A 54 3.83 -1.37 -9.68
C ASP A 54 4.62 -0.70 -8.54
N SER A 55 4.36 -1.08 -7.32
CA SER A 55 5.08 -0.47 -6.17
C SER A 55 6.49 -1.03 -6.07
N ASP A 56 6.68 -2.28 -6.36
CA ASP A 56 8.04 -2.89 -6.26
C ASP A 56 9.04 -2.08 -7.11
N LYS A 57 9.59 -1.03 -6.56
CA LYS A 57 10.57 -0.22 -7.34
C LYS A 57 11.85 -1.04 -7.56
N ASN A 58 11.96 -2.17 -6.92
CA ASN A 58 13.18 -3.01 -7.10
C ASN A 58 12.81 -4.49 -7.00
N ASN A 59 11.58 -4.83 -7.25
CA ASN A 59 11.16 -6.25 -7.16
C ASN A 59 11.58 -6.88 -5.83
N ASP A 60 11.05 -6.40 -4.74
CA ASP A 60 11.42 -6.98 -3.42
C ASP A 60 10.22 -7.70 -2.80
N GLY A 61 9.14 -7.81 -3.53
CA GLY A 61 7.94 -8.51 -2.99
C GLY A 61 7.45 -7.79 -1.73
N ARG A 62 7.74 -6.53 -1.60
CA ARG A 62 7.30 -5.78 -0.39
C ARG A 62 7.27 -4.28 -0.66
N ILE A 63 6.18 -3.62 -0.33
CA ILE A 63 6.09 -2.16 -0.56
C ILE A 63 6.70 -1.40 0.62
N ASP A 64 7.69 -0.59 0.37
CA ASP A 64 8.33 0.17 1.48
C ASP A 64 7.87 1.63 1.46
N PHE A 65 8.44 2.45 2.29
CA PHE A 65 8.04 3.89 2.32
C PHE A 65 8.14 4.49 0.91
N ASP A 66 9.29 4.43 0.32
CA ASP A 66 9.48 5.01 -1.04
C ASP A 66 8.38 4.51 -1.99
N GLU A 67 8.24 3.22 -2.11
CA GLU A 67 7.20 2.67 -3.03
C GLU A 67 5.80 3.06 -2.55
N PHE A 68 5.45 2.68 -1.34
CA PHE A 68 4.10 3.03 -0.82
C PHE A 68 3.70 4.45 -1.22
N LEU A 69 4.47 5.44 -0.82
CA LEU A 69 4.13 6.84 -1.18
C LEU A 69 3.68 6.92 -2.65
N LYS A 70 4.55 6.64 -3.56
CA LYS A 70 4.18 6.70 -5.01
C LYS A 70 3.02 5.75 -5.30
N MET A 71 3.01 4.60 -4.69
CA MET A 71 1.91 3.63 -4.93
C MET A 71 0.58 4.18 -4.39
N MET A 72 0.63 4.85 -3.27
CA MET A 72 -0.63 5.41 -2.68
C MET A 72 -0.96 6.75 -3.32
N GLU A 73 -0.33 7.09 -4.42
CA GLU A 73 -0.61 8.39 -5.07
C GLU A 73 -1.32 8.15 -6.41
N GLY A 74 -2.24 9.00 -6.77
CA GLY A 74 -2.97 8.82 -8.06
C GLY A 74 -4.25 8.03 -7.81
N VAL A 75 -4.34 7.38 -6.68
CA VAL A 75 -5.57 6.59 -6.38
C VAL A 75 -6.64 7.50 -5.76
N GLN A 76 -7.89 7.23 -6.05
CA GLN A 76 -8.97 8.09 -5.48
C GLN A 76 -9.83 7.26 -4.51
N GLU A 2 -18.38 15.33 -3.41
CA GLU A 2 -18.03 14.01 -4.02
C GLU A 2 -17.15 14.21 -5.26
N ASP A 3 -15.94 14.64 -5.08
CA ASP A 3 -15.04 14.85 -6.25
C ASP A 3 -13.65 15.27 -5.79
N ALA A 4 -12.75 15.47 -6.72
CA ALA A 4 -11.37 15.89 -6.33
C ALA A 4 -10.81 14.97 -5.24
N LYS A 5 -10.51 13.75 -5.57
CA LYS A 5 -9.97 12.81 -4.55
C LYS A 5 -8.44 12.81 -4.60
N GLY A 6 -7.80 13.40 -3.62
CA GLY A 6 -6.31 13.42 -3.61
C GLY A 6 -5.81 13.39 -2.17
N LYS A 7 -4.79 12.62 -1.91
CA LYS A 7 -4.25 12.54 -0.52
C LYS A 7 -2.85 13.15 -0.46
N SER A 8 -2.42 13.58 0.70
CA SER A 8 -1.07 14.18 0.82
C SER A 8 -0.11 13.17 1.47
N GLU A 9 1.15 13.24 1.15
CA GLU A 9 2.12 12.28 1.74
C GLU A 9 1.84 12.09 3.24
N GLU A 10 1.69 13.18 3.96
CA GLU A 10 1.40 13.06 5.42
C GLU A 10 0.33 12.00 5.67
N GLU A 11 -0.82 12.13 5.05
CA GLU A 11 -1.90 11.13 5.25
C GLU A 11 -1.41 9.73 4.87
N LEU A 12 -0.54 9.64 3.91
CA LEU A 12 -0.04 8.30 3.49
C LEU A 12 1.04 7.79 4.46
N ALA A 13 2.02 8.60 4.74
CA ALA A 13 3.10 8.16 5.67
C ALA A 13 2.49 7.60 6.96
N ASN A 14 1.54 8.30 7.53
CA ASN A 14 0.90 7.81 8.77
C ASN A 14 0.11 6.52 8.52
N CYS A 15 -0.45 6.39 7.35
CA CYS A 15 -1.23 5.15 7.03
C CYS A 15 -0.33 3.92 7.01
N PHE A 16 0.94 4.10 6.82
CA PHE A 16 1.85 2.92 6.78
C PHE A 16 1.61 2.02 7.99
N ARG A 17 1.88 2.50 9.17
CA ARG A 17 1.66 1.67 10.39
C ARG A 17 0.28 1.00 10.35
N ILE A 18 -0.69 1.66 9.76
CA ILE A 18 -2.05 1.07 9.70
C ILE A 18 -2.05 -0.15 8.77
N PHE A 19 -1.45 -0.04 7.61
CA PHE A 19 -1.42 -1.19 6.68
C PHE A 19 -0.57 -2.33 7.26
N ASP A 20 0.35 -2.02 8.13
CA ASP A 20 1.21 -3.08 8.72
C ASP A 20 0.56 -3.61 10.01
N LYS A 21 -0.33 -4.55 9.88
CA LYS A 21 -0.99 -5.12 11.10
C LYS A 21 0.01 -5.89 11.94
N ASN A 22 0.98 -6.50 11.33
CA ASN A 22 2.00 -7.27 12.11
C ASN A 22 3.21 -6.40 12.42
N ALA A 23 3.32 -5.27 11.79
CA ALA A 23 4.48 -4.37 12.05
C ALA A 23 5.79 -5.10 11.73
N ASP A 24 6.11 -5.25 10.47
CA ASP A 24 7.37 -5.94 10.10
C ASP A 24 8.32 -4.97 9.40
N GLY A 25 7.86 -3.78 9.13
CA GLY A 25 8.74 -2.79 8.44
C GLY A 25 8.64 -2.99 6.92
N PHE A 26 7.87 -3.94 6.48
CA PHE A 26 7.74 -4.18 5.02
C PHE A 26 6.32 -4.68 4.70
N ILE A 27 5.63 -4.01 3.82
CA ILE A 27 4.25 -4.44 3.47
C ILE A 27 4.30 -5.51 2.36
N ASP A 28 3.72 -6.65 2.58
CA ASP A 28 3.73 -7.71 1.54
C ASP A 28 2.37 -7.78 0.84
N ILE A 29 2.20 -8.72 -0.05
CA ILE A 29 0.89 -8.85 -0.76
C ILE A 29 -0.15 -9.48 0.15
N GLU A 30 0.26 -10.35 1.03
CA GLU A 30 -0.72 -11.00 1.96
C GLU A 30 -1.47 -9.94 2.77
N GLU A 31 -0.77 -8.97 3.29
CA GLU A 31 -1.45 -7.92 4.10
C GLU A 31 -2.49 -7.18 3.24
N LEU A 32 -2.12 -6.76 2.06
CA LEU A 32 -3.09 -6.05 1.19
C LEU A 32 -4.33 -6.92 0.96
N GLY A 33 -4.15 -8.21 0.87
CA GLY A 33 -5.32 -9.11 0.64
C GLY A 33 -6.35 -8.91 1.76
N GLU A 34 -6.05 -9.38 2.94
CA GLU A 34 -7.02 -9.22 4.07
C GLU A 34 -7.35 -7.74 4.28
N ILE A 35 -6.35 -6.89 4.27
CA ILE A 35 -6.62 -5.45 4.47
C ILE A 35 -7.80 -5.00 3.59
N LEU A 36 -7.68 -5.18 2.30
CA LEU A 36 -8.79 -4.78 1.39
C LEU A 36 -10.00 -5.69 1.60
N ARG A 37 -9.80 -6.97 1.60
CA ARG A 37 -10.93 -7.92 1.80
C ARG A 37 -11.69 -7.58 3.09
N ALA A 38 -10.99 -7.17 4.10
CA ALA A 38 -11.66 -6.83 5.39
C ALA A 38 -12.80 -5.82 5.16
N THR A 39 -12.60 -4.87 4.28
CA THR A 39 -13.67 -3.86 4.02
C THR A 39 -14.99 -4.55 3.66
N GLY A 40 -14.92 -5.75 3.16
CA GLY A 40 -16.16 -6.48 2.77
C GLY A 40 -16.13 -6.79 1.28
N GLU A 41 -15.43 -5.99 0.52
CA GLU A 41 -15.35 -6.24 -0.95
C GLU A 41 -14.40 -7.40 -1.23
N HIS A 42 -14.79 -8.31 -2.07
CA HIS A 42 -13.91 -9.47 -2.38
C HIS A 42 -12.96 -9.11 -3.53
N VAL A 43 -12.00 -8.26 -3.27
CA VAL A 43 -11.04 -7.88 -4.34
C VAL A 43 -10.22 -9.10 -4.77
N ILE A 44 -10.00 -9.26 -6.05
CA ILE A 44 -9.21 -10.44 -6.52
C ILE A 44 -7.71 -10.10 -6.51
N GLU A 45 -6.90 -11.01 -6.07
CA GLU A 45 -5.43 -10.76 -6.05
C GLU A 45 -4.98 -10.06 -7.33
N GLU A 46 -5.55 -10.44 -8.45
CA GLU A 46 -5.17 -9.80 -9.74
C GLU A 46 -4.99 -8.29 -9.56
N ASP A 47 -5.83 -7.67 -8.79
CA ASP A 47 -5.71 -6.20 -8.57
C ASP A 47 -4.70 -5.93 -7.46
N ILE A 48 -4.80 -6.67 -6.38
CA ILE A 48 -3.84 -6.47 -5.26
C ILE A 48 -2.41 -6.64 -5.77
N GLU A 49 -2.22 -7.54 -6.71
CA GLU A 49 -0.86 -7.75 -7.26
C GLU A 49 -0.39 -6.51 -8.02
N ASP A 50 -1.27 -5.86 -8.72
CA ASP A 50 -0.87 -4.63 -9.47
C ASP A 50 -0.14 -3.65 -8.55
N LEU A 51 -0.73 -3.29 -7.45
CA LEU A 51 -0.07 -2.34 -6.52
C LEU A 51 1.36 -2.81 -6.21
N MET A 52 1.54 -4.09 -6.04
CA MET A 52 2.91 -4.61 -5.74
C MET A 52 3.86 -4.37 -6.91
N LYS A 53 3.37 -4.53 -8.11
CA LYS A 53 4.25 -4.32 -9.30
C LYS A 53 4.67 -2.86 -9.40
N ASP A 54 3.74 -1.94 -9.36
CA ASP A 54 4.08 -0.50 -9.46
C ASP A 54 4.89 -0.03 -8.24
N SER A 55 4.72 -0.67 -7.11
CA SER A 55 5.46 -0.25 -5.90
C SER A 55 6.80 -0.99 -5.79
N ASP A 56 6.77 -2.28 -5.62
CA ASP A 56 8.05 -3.05 -5.50
C ASP A 56 9.07 -2.55 -6.53
N LYS A 57 9.98 -1.71 -6.10
CA LYS A 57 10.99 -1.16 -7.05
C LYS A 57 12.27 -2.01 -6.99
N ASN A 58 12.59 -2.55 -5.84
CA ASN A 58 13.82 -3.38 -5.72
C ASN A 58 13.47 -4.87 -5.74
N ASN A 59 12.28 -5.19 -6.19
CA ASN A 59 11.87 -6.63 -6.24
C ASN A 59 12.15 -7.32 -4.90
N ASP A 60 11.29 -7.13 -3.94
CA ASP A 60 11.50 -7.79 -2.61
C ASP A 60 10.19 -8.41 -2.14
N GLY A 61 9.21 -8.46 -2.99
CA GLY A 61 7.89 -9.05 -2.59
C GLY A 61 7.28 -8.22 -1.46
N ARG A 62 7.79 -7.03 -1.24
CA ARG A 62 7.24 -6.18 -0.16
C ARG A 62 7.33 -4.70 -0.54
N ILE A 63 6.36 -3.91 -0.16
CA ILE A 63 6.39 -2.46 -0.50
C ILE A 63 7.03 -1.67 0.65
N ASP A 64 8.08 -0.94 0.39
CA ASP A 64 8.74 -0.15 1.46
C ASP A 64 8.13 1.26 1.51
N PHE A 65 8.78 2.18 2.18
CA PHE A 65 8.23 3.56 2.27
C PHE A 65 8.28 4.24 0.90
N ASP A 66 9.43 4.28 0.29
CA ASP A 66 9.54 4.93 -1.05
C ASP A 66 8.58 4.27 -2.05
N GLU A 67 8.71 2.99 -2.23
CA GLU A 67 7.81 2.27 -3.19
C GLU A 67 6.35 2.64 -2.94
N PHE A 68 5.93 2.63 -1.70
CA PHE A 68 4.51 2.98 -1.39
C PHE A 68 4.14 4.34 -1.98
N LEU A 69 4.84 5.37 -1.60
CA LEU A 69 4.53 6.73 -2.14
C LEU A 69 4.46 6.71 -3.67
N LYS A 70 5.53 6.34 -4.31
CA LYS A 70 5.54 6.30 -5.80
C LYS A 70 4.30 5.56 -6.33
N MET A 71 3.96 4.46 -5.73
CA MET A 71 2.77 3.69 -6.23
C MET A 71 1.50 4.51 -6.02
N MET A 72 1.33 5.11 -4.87
CA MET A 72 0.11 5.92 -4.62
C MET A 72 0.29 7.35 -5.12
N GLU A 73 1.41 7.63 -5.74
CA GLU A 73 1.65 9.01 -6.25
C GLU A 73 0.90 9.23 -7.57
N GLY A 74 0.37 10.41 -7.78
CA GLY A 74 -0.36 10.68 -9.05
C GLY A 74 -1.63 9.82 -9.12
N VAL A 75 -2.23 9.52 -8.01
CA VAL A 75 -3.47 8.69 -8.02
C VAL A 75 -4.70 9.58 -7.86
N GLN A 76 -4.98 10.40 -8.83
CA GLN A 76 -6.17 11.29 -8.73
C GLN A 76 -7.16 11.00 -9.86
N GLU A 2 15.85 18.15 -2.46
CA GLU A 2 16.35 17.68 -3.78
C GLU A 2 15.35 18.03 -4.88
N ASP A 3 15.55 17.52 -6.07
CA ASP A 3 14.62 17.82 -7.19
C ASP A 3 13.44 16.85 -7.18
N ALA A 4 12.30 17.27 -6.69
CA ALA A 4 11.12 16.36 -6.66
C ALA A 4 9.87 17.13 -6.21
N LYS A 5 8.70 16.61 -6.51
CA LYS A 5 7.45 17.31 -6.10
C LYS A 5 6.47 16.32 -5.48
N GLY A 6 6.02 16.58 -4.28
CA GLY A 6 5.08 15.63 -3.62
C GLY A 6 4.35 16.36 -2.47
N LYS A 7 3.97 15.63 -1.45
CA LYS A 7 3.27 16.27 -0.30
C LYS A 7 4.21 16.35 0.91
N SER A 8 3.69 16.70 2.05
CA SER A 8 4.54 16.80 3.27
C SER A 8 5.10 15.42 3.63
N GLU A 9 4.56 14.37 3.07
CA GLU A 9 5.04 13.00 3.38
C GLU A 9 4.56 12.57 4.78
N GLU A 10 4.75 13.40 5.77
CA GLU A 10 4.30 13.03 7.14
C GLU A 10 2.92 12.37 7.09
N GLU A 11 1.99 12.98 6.40
CA GLU A 11 0.62 12.41 6.31
C GLU A 11 0.70 10.96 5.82
N LEU A 12 1.30 10.75 4.68
CA LEU A 12 1.42 9.36 4.15
C LEU A 12 2.02 8.43 5.22
N ALA A 13 3.19 8.75 5.69
CA ALA A 13 3.83 7.90 6.74
C ALA A 13 2.82 7.58 7.84
N ASN A 14 2.06 8.56 8.25
CA ASN A 14 1.05 8.33 9.33
C ASN A 14 0.12 7.17 8.94
N CYS A 15 -0.15 7.02 7.68
CA CYS A 15 -1.05 5.91 7.24
C CYS A 15 -0.31 4.58 7.24
N PHE A 16 0.98 4.59 7.46
CA PHE A 16 1.75 3.32 7.47
C PHE A 16 1.23 2.39 8.57
N ARG A 17 1.22 2.85 9.80
CA ARG A 17 0.73 1.98 10.92
C ARG A 17 -0.66 1.42 10.60
N ILE A 18 -1.40 2.05 9.73
CA ILE A 18 -2.75 1.54 9.38
C ILE A 18 -2.64 0.30 8.49
N PHE A 19 -1.83 0.36 7.46
CA PHE A 19 -1.69 -0.81 6.56
C PHE A 19 -0.73 -1.83 7.17
N ASP A 20 0.42 -1.41 7.61
CA ASP A 20 1.39 -2.36 8.22
C ASP A 20 0.85 -2.89 9.55
N LYS A 21 -0.10 -3.78 9.49
CA LYS A 21 -0.68 -4.34 10.75
C LYS A 21 0.42 -4.73 11.73
N ASN A 22 1.49 -5.30 11.23
CA ASN A 22 2.61 -5.71 12.14
C ASN A 22 3.75 -4.71 12.04
N ALA A 23 4.66 -4.74 12.98
CA ALA A 23 5.80 -3.79 12.93
C ALA A 23 6.95 -4.37 12.10
N ASP A 24 6.72 -4.59 10.82
CA ASP A 24 7.80 -5.16 9.96
C ASP A 24 8.42 -4.04 9.11
N GLY A 25 7.74 -2.94 8.97
CA GLY A 25 8.29 -1.82 8.15
C GLY A 25 8.17 -2.16 6.67
N PHE A 26 7.53 -3.26 6.35
CA PHE A 26 7.39 -3.63 4.92
C PHE A 26 6.07 -4.39 4.69
N ILE A 27 5.14 -3.78 4.01
CA ILE A 27 3.84 -4.46 3.76
C ILE A 27 3.97 -5.38 2.54
N ASP A 28 3.29 -6.51 2.56
CA ASP A 28 3.40 -7.44 1.40
C ASP A 28 2.02 -7.66 0.76
N ILE A 29 1.89 -8.69 -0.05
CA ILE A 29 0.59 -8.95 -0.71
C ILE A 29 -0.38 -9.65 0.26
N GLU A 30 0.07 -10.64 0.97
CA GLU A 30 -0.83 -11.34 1.92
C GLU A 30 -1.55 -10.33 2.82
N GLU A 31 -0.94 -9.20 3.05
CA GLU A 31 -1.59 -8.18 3.92
C GLU A 31 -2.70 -7.45 3.14
N LEU A 32 -2.40 -7.01 1.95
CA LEU A 32 -3.42 -6.30 1.14
C LEU A 32 -4.70 -7.16 1.05
N GLY A 33 -4.55 -8.43 0.82
CA GLY A 33 -5.74 -9.32 0.72
C GLY A 33 -6.67 -9.07 1.91
N GLU A 34 -6.41 -9.68 3.02
CA GLU A 34 -7.28 -9.49 4.21
C GLU A 34 -7.64 -8.00 4.37
N ILE A 35 -6.70 -7.13 4.24
CA ILE A 35 -6.99 -5.67 4.38
C ILE A 35 -8.19 -5.31 3.49
N LEU A 36 -8.11 -5.62 2.23
CA LEU A 36 -9.25 -5.31 1.32
C LEU A 36 -10.41 -6.26 1.59
N ARG A 37 -10.14 -7.54 1.68
CA ARG A 37 -11.23 -8.52 1.95
C ARG A 37 -12.06 -8.05 3.14
N ALA A 38 -11.42 -7.49 4.13
CA ALA A 38 -12.17 -7.02 5.33
C ALA A 38 -13.39 -6.20 4.88
N THR A 39 -13.30 -5.53 3.77
CA THR A 39 -14.44 -4.71 3.28
C THR A 39 -15.58 -5.63 2.83
N GLY A 40 -16.33 -5.23 1.84
CA GLY A 40 -17.45 -6.08 1.35
C GLY A 40 -17.33 -6.27 -0.16
N GLU A 41 -16.13 -6.41 -0.66
CA GLU A 41 -15.94 -6.60 -2.12
C GLU A 41 -15.42 -8.01 -2.41
N HIS A 42 -14.79 -8.19 -3.54
CA HIS A 42 -14.26 -9.54 -3.89
C HIS A 42 -12.94 -9.40 -4.67
N VAL A 43 -12.00 -8.68 -4.13
CA VAL A 43 -10.71 -8.48 -4.84
C VAL A 43 -10.01 -9.84 -5.05
N ILE A 44 -9.06 -9.90 -5.94
CA ILE A 44 -8.34 -11.19 -6.18
C ILE A 44 -6.84 -10.94 -6.37
N GLU A 45 -6.03 -11.90 -6.04
CA GLU A 45 -4.56 -11.73 -6.19
C GLU A 45 -4.24 -11.01 -7.51
N GLU A 46 -4.73 -11.52 -8.61
CA GLU A 46 -4.46 -10.86 -9.92
C GLU A 46 -4.61 -9.35 -9.79
N ASP A 47 -5.55 -8.90 -9.00
CA ASP A 47 -5.74 -7.44 -8.82
C ASP A 47 -4.82 -6.93 -7.70
N ILE A 48 -4.76 -7.64 -6.61
CA ILE A 48 -3.87 -7.23 -5.49
C ILE A 48 -2.42 -7.26 -5.95
N GLU A 49 -2.07 -8.24 -6.74
CA GLU A 49 -0.66 -8.33 -7.23
C GLU A 49 -0.29 -7.07 -8.02
N ASP A 50 -1.16 -6.62 -8.88
CA ASP A 50 -0.87 -5.40 -9.68
C ASP A 50 -0.26 -4.32 -8.78
N LEU A 51 -0.88 -4.04 -7.66
CA LEU A 51 -0.34 -2.99 -6.75
C LEU A 51 1.08 -3.36 -6.31
N MET A 52 1.34 -4.60 -6.04
CA MET A 52 2.71 -5.01 -5.61
C MET A 52 3.68 -4.77 -6.76
N LYS A 53 3.34 -5.23 -7.94
CA LYS A 53 4.25 -5.03 -9.10
C LYS A 53 4.36 -3.55 -9.41
N ASP A 54 3.29 -2.82 -9.26
CA ASP A 54 3.33 -1.36 -9.54
C ASP A 54 4.10 -0.64 -8.43
N SER A 55 3.97 -1.08 -7.21
CA SER A 55 4.70 -0.42 -6.09
C SER A 55 6.10 -1.01 -5.97
N ASP A 56 6.21 -2.31 -6.00
CA ASP A 56 7.56 -2.94 -5.89
C ASP A 56 8.45 -2.52 -7.05
N LYS A 57 9.13 -1.42 -6.92
CA LYS A 57 10.03 -0.96 -8.02
C LYS A 57 11.39 -1.63 -7.90
N ASN A 58 11.63 -2.33 -6.82
CA ASN A 58 12.93 -3.02 -6.64
C ASN A 58 12.72 -4.53 -6.52
N ASN A 59 11.60 -5.02 -6.97
CA ASN A 59 11.34 -6.49 -6.87
C ASN A 59 11.68 -7.00 -5.47
N ASP A 60 11.32 -6.26 -4.46
CA ASP A 60 11.63 -6.69 -3.07
C ASP A 60 10.57 -7.68 -2.58
N GLY A 61 9.50 -7.83 -3.32
CA GLY A 61 8.43 -8.78 -2.89
C GLY A 61 7.44 -8.04 -1.98
N ARG A 62 7.80 -6.87 -1.52
CA ARG A 62 6.87 -6.10 -0.63
C ARG A 62 7.03 -4.60 -0.89
N ILE A 63 6.08 -3.82 -0.47
CA ILE A 63 6.18 -2.35 -0.69
C ILE A 63 7.01 -1.69 0.43
N ASP A 64 8.10 -1.08 0.09
CA ASP A 64 8.95 -0.42 1.13
C ASP A 64 8.58 1.05 1.23
N PHE A 65 9.25 1.78 2.09
CA PHE A 65 8.93 3.23 2.23
C PHE A 65 8.98 3.93 0.86
N ASP A 66 10.06 3.78 0.15
CA ASP A 66 10.16 4.43 -1.18
C ASP A 66 8.93 4.09 -2.03
N GLU A 67 8.72 2.83 -2.30
CA GLU A 67 7.54 2.43 -3.12
C GLU A 67 6.25 2.88 -2.44
N PHE A 68 6.14 2.67 -1.16
CA PHE A 68 4.90 3.08 -0.43
C PHE A 68 4.51 4.51 -0.84
N LEU A 69 5.30 5.48 -0.48
CA LEU A 69 4.96 6.88 -0.85
C LEU A 69 4.50 6.95 -2.31
N LYS A 70 5.33 6.50 -3.21
CA LYS A 70 4.94 6.54 -4.66
C LYS A 70 3.63 5.78 -4.89
N MET A 71 3.43 4.69 -4.19
CA MET A 71 2.16 3.92 -4.39
C MET A 71 0.96 4.85 -4.17
N MET A 72 0.95 5.58 -3.09
CA MET A 72 -0.18 6.50 -2.83
C MET A 72 -0.26 7.58 -3.91
N GLU A 73 0.82 7.77 -4.63
CA GLU A 73 0.82 8.80 -5.71
C GLU A 73 -0.04 8.35 -6.88
N GLY A 74 -1.20 8.93 -7.05
CA GLY A 74 -2.09 8.54 -8.17
C GLY A 74 -3.39 7.97 -7.62
N VAL A 75 -3.36 7.44 -6.43
CA VAL A 75 -4.59 6.86 -5.82
C VAL A 75 -4.90 7.55 -4.49
N GLN A 76 -6.14 7.49 -4.04
CA GLN A 76 -6.50 8.14 -2.76
C GLN A 76 -5.88 7.37 -1.58
N GLU A 2 0.75 23.87 -10.51
CA GLU A 2 0.11 24.42 -9.29
C GLU A 2 -1.41 24.25 -9.37
N ASP A 3 -1.87 23.09 -9.77
CA ASP A 3 -3.33 22.87 -9.87
C ASP A 3 -3.83 22.09 -8.64
N ALA A 4 -3.24 20.97 -8.36
CA ALA A 4 -3.68 20.16 -7.18
C ALA A 4 -2.55 19.25 -6.71
N LYS A 5 -2.29 19.22 -5.43
CA LYS A 5 -1.21 18.35 -4.90
C LYS A 5 -1.80 17.17 -4.13
N GLY A 6 -3.11 17.08 -4.08
CA GLY A 6 -3.75 15.95 -3.34
C GLY A 6 -3.40 16.08 -1.85
N LYS A 7 -3.35 14.98 -1.15
CA LYS A 7 -3.00 15.04 0.30
C LYS A 7 -1.51 15.32 0.47
N SER A 8 -1.07 15.50 1.68
CA SER A 8 0.38 15.78 1.91
C SER A 8 1.12 14.47 2.25
N GLU A 9 2.32 14.32 1.76
CA GLU A 9 3.11 13.09 2.06
C GLU A 9 2.95 12.70 3.53
N GLU A 10 2.99 13.67 4.41
CA GLU A 10 2.85 13.36 5.86
C GLU A 10 1.76 12.33 6.11
N GLU A 11 0.62 12.49 5.48
CA GLU A 11 -0.50 11.52 5.68
C GLU A 11 -0.07 10.11 5.28
N LEU A 12 0.48 9.95 4.10
CA LEU A 12 0.92 8.60 3.66
C LEU A 12 1.71 7.91 4.78
N ALA A 13 2.76 8.52 5.24
CA ALA A 13 3.57 7.90 6.32
C ALA A 13 2.65 7.35 7.42
N ASN A 14 1.80 8.17 7.96
CA ASN A 14 0.88 7.70 9.03
C ASN A 14 0.13 6.44 8.57
N CYS A 15 -0.35 6.43 7.36
CA CYS A 15 -1.08 5.23 6.85
C CYS A 15 -0.19 3.98 6.93
N PHE A 16 1.09 4.15 6.92
CA PHE A 16 1.99 2.97 6.99
C PHE A 16 1.64 2.12 8.21
N ARG A 17 1.76 2.67 9.39
CA ARG A 17 1.41 1.89 10.61
C ARG A 17 -0.01 1.34 10.50
N ILE A 18 -0.91 2.11 9.94
CA ILE A 18 -2.31 1.64 9.79
C ILE A 18 -2.36 0.40 8.89
N PHE A 19 -1.58 0.41 7.84
CA PHE A 19 -1.57 -0.77 6.92
C PHE A 19 -0.62 -1.85 7.45
N ASP A 20 0.55 -1.47 7.86
CA ASP A 20 1.52 -2.46 8.39
C ASP A 20 1.22 -2.76 9.86
N LYS A 21 0.49 -3.81 10.13
CA LYS A 21 0.14 -4.14 11.54
C LYS A 21 0.96 -5.34 12.04
N ASN A 22 1.36 -6.21 11.15
CA ASN A 22 2.15 -7.40 11.60
C ASN A 22 3.63 -7.22 11.25
N ALA A 23 3.93 -6.78 10.06
CA ALA A 23 5.36 -6.59 9.67
C ALA A 23 5.84 -5.21 10.11
N ASP A 24 5.01 -4.21 9.98
CA ASP A 24 5.41 -2.83 10.38
C ASP A 24 6.82 -2.53 9.88
N GLY A 25 7.21 -3.16 8.81
CA GLY A 25 8.56 -2.92 8.24
C GLY A 25 8.53 -3.18 6.74
N PHE A 26 7.78 -4.16 6.31
CA PHE A 26 7.69 -4.47 4.86
C PHE A 26 6.32 -5.10 4.56
N ILE A 27 5.49 -4.41 3.84
CA ILE A 27 4.14 -4.96 3.53
C ILE A 27 4.22 -5.90 2.32
N ASP A 28 3.87 -7.15 2.52
CA ASP A 28 3.91 -8.12 1.39
C ASP A 28 2.54 -8.18 0.71
N ILE A 29 2.23 -9.26 0.05
CA ILE A 29 0.91 -9.36 -0.62
C ILE A 29 -0.20 -9.68 0.39
N GLU A 30 0.12 -10.44 1.41
CA GLU A 30 -0.90 -10.78 2.43
C GLU A 30 -1.50 -9.52 3.05
N GLU A 31 -0.67 -8.69 3.64
CA GLU A 31 -1.19 -7.44 4.26
C GLU A 31 -2.17 -6.76 3.31
N LEU A 32 -1.81 -6.61 2.07
CA LEU A 32 -2.73 -5.96 1.08
C LEU A 32 -4.05 -6.73 1.01
N GLY A 33 -4.00 -8.03 1.20
CA GLY A 33 -5.25 -8.83 1.13
C GLY A 33 -6.24 -8.36 2.19
N GLU A 34 -6.01 -8.70 3.43
CA GLU A 34 -6.94 -8.27 4.52
C GLU A 34 -7.36 -6.81 4.32
N ILE A 35 -6.42 -5.96 4.03
CA ILE A 35 -6.77 -4.52 3.83
C ILE A 35 -7.98 -4.40 2.89
N LEU A 36 -7.91 -5.00 1.74
CA LEU A 36 -9.04 -4.91 0.78
C LEU A 36 -10.19 -5.82 1.25
N ARG A 37 -9.87 -6.96 1.79
CA ARG A 37 -10.96 -7.87 2.27
C ARG A 37 -11.77 -7.21 3.38
N ALA A 38 -11.12 -6.45 4.22
CA ALA A 38 -11.86 -5.76 5.33
C ALA A 38 -13.09 -5.04 4.78
N THR A 39 -12.95 -4.41 3.64
CA THR A 39 -14.12 -3.67 3.06
C THR A 39 -15.25 -4.65 2.75
N GLY A 40 -14.93 -5.83 2.32
CA GLY A 40 -16.00 -6.83 2.01
C GLY A 40 -16.12 -6.99 0.49
N GLU A 41 -15.19 -6.46 -0.24
CA GLU A 41 -15.25 -6.58 -1.72
C GLU A 41 -14.51 -7.85 -2.18
N HIS A 42 -14.97 -8.45 -3.25
CA HIS A 42 -14.29 -9.69 -3.75
C HIS A 42 -13.12 -9.31 -4.66
N VAL A 43 -11.98 -9.02 -4.08
CA VAL A 43 -10.80 -8.64 -4.91
C VAL A 43 -9.94 -9.87 -5.21
N ILE A 44 -9.85 -10.27 -6.44
CA ILE A 44 -9.03 -11.47 -6.78
C ILE A 44 -7.54 -11.12 -6.69
N GLU A 45 -6.73 -12.06 -6.29
CA GLU A 45 -5.26 -11.79 -6.18
C GLU A 45 -4.78 -10.95 -7.37
N GLU A 46 -5.12 -11.36 -8.56
CA GLU A 46 -4.68 -10.59 -9.76
C GLU A 46 -4.88 -9.09 -9.53
N ASP A 47 -5.80 -8.72 -8.69
CA ASP A 47 -6.02 -7.27 -8.42
C ASP A 47 -5.00 -6.78 -7.41
N ILE A 48 -4.85 -7.48 -6.32
CA ILE A 48 -3.86 -7.08 -5.29
C ILE A 48 -2.45 -7.22 -5.87
N GLU A 49 -2.20 -8.30 -6.57
CA GLU A 49 -0.85 -8.50 -7.17
C GLU A 49 -0.37 -7.21 -7.84
N ASP A 50 -1.24 -6.55 -8.55
CA ASP A 50 -0.84 -5.29 -9.23
C ASP A 50 -0.32 -4.28 -8.21
N LEU A 51 -1.07 -4.02 -7.18
CA LEU A 51 -0.61 -3.04 -6.15
C LEU A 51 0.83 -3.34 -5.73
N MET A 52 1.14 -4.59 -5.49
CA MET A 52 2.53 -4.94 -5.08
C MET A 52 3.50 -4.61 -6.22
N LYS A 53 3.17 -4.99 -7.42
CA LYS A 53 4.07 -4.71 -8.56
C LYS A 53 4.14 -3.20 -8.82
N ASP A 54 3.01 -2.54 -8.84
CA ASP A 54 3.02 -1.07 -9.09
C ASP A 54 3.85 -0.35 -8.02
N SER A 55 3.87 -0.86 -6.82
CA SER A 55 4.65 -0.20 -5.73
C SER A 55 6.09 -0.72 -5.72
N ASP A 56 6.25 -1.98 -5.43
CA ASP A 56 7.62 -2.57 -5.37
C ASP A 56 8.44 -2.17 -6.60
N LYS A 57 9.17 -1.10 -6.51
CA LYS A 57 10.01 -0.67 -7.66
C LYS A 57 11.35 -1.42 -7.61
N ASN A 58 11.76 -1.82 -6.44
CA ASN A 58 13.04 -2.56 -6.31
C ASN A 58 12.79 -4.06 -6.53
N ASN A 59 11.56 -4.45 -6.71
CA ASN A 59 11.24 -5.89 -6.94
C ASN A 59 11.54 -6.70 -5.67
N ASP A 60 11.70 -6.05 -4.56
CA ASP A 60 11.99 -6.78 -3.30
C ASP A 60 10.83 -7.74 -2.97
N GLY A 61 9.71 -7.55 -3.60
CA GLY A 61 8.55 -8.45 -3.33
C GLY A 61 7.70 -7.89 -2.19
N ARG A 62 8.15 -6.83 -1.57
CA ARG A 62 7.37 -6.24 -0.45
C ARG A 62 7.36 -4.71 -0.55
N ILE A 63 6.29 -4.08 -0.14
CA ILE A 63 6.23 -2.59 -0.21
C ILE A 63 6.89 -1.97 1.03
N ASP A 64 7.66 -0.94 0.84
CA ASP A 64 8.33 -0.28 2.00
C ASP A 64 7.91 1.18 2.07
N PHE A 65 8.66 2.00 2.77
CA PHE A 65 8.30 3.45 2.86
C PHE A 65 8.46 4.13 1.50
N ASP A 66 9.51 3.83 0.79
CA ASP A 66 9.72 4.47 -0.53
C ASP A 66 8.68 3.99 -1.54
N GLU A 67 8.58 2.71 -1.74
CA GLU A 67 7.59 2.17 -2.72
C GLU A 67 6.17 2.59 -2.31
N PHE A 68 5.82 2.41 -1.06
CA PHE A 68 4.45 2.81 -0.63
C PHE A 68 4.12 4.20 -1.15
N LEU A 69 4.95 5.17 -0.87
CA LEU A 69 4.69 6.55 -1.35
C LEU A 69 4.78 6.59 -2.87
N LYS A 70 5.81 6.03 -3.44
CA LYS A 70 5.97 6.03 -4.91
C LYS A 70 4.65 5.60 -5.59
N MET A 71 4.15 4.45 -5.24
CA MET A 71 2.88 3.98 -5.86
C MET A 71 1.77 5.00 -5.58
N MET A 72 1.58 5.37 -4.34
CA MET A 72 0.51 6.36 -4.02
C MET A 72 1.09 7.78 -4.06
N GLU A 73 1.93 8.06 -5.02
CA GLU A 73 2.54 9.42 -5.12
C GLU A 73 1.76 10.26 -6.14
N GLY A 74 0.96 11.18 -5.67
CA GLY A 74 0.18 12.04 -6.60
C GLY A 74 -0.42 11.17 -7.70
N VAL A 75 -1.17 10.17 -7.33
CA VAL A 75 -1.80 9.28 -8.36
C VAL A 75 -2.60 10.11 -9.36
N GLN A 76 -3.01 9.51 -10.44
CA GLN A 76 -3.80 10.27 -11.46
C GLN A 76 -5.05 9.46 -11.86
N GLU A 2 -10.66 18.67 8.21
CA GLU A 2 -11.20 18.46 6.83
C GLU A 2 -10.23 17.62 6.00
N ASP A 3 -10.37 17.62 4.71
CA ASP A 3 -9.45 16.81 3.86
C ASP A 3 -9.58 17.20 2.39
N ALA A 4 -8.76 18.11 1.93
CA ALA A 4 -8.85 18.52 0.50
C ALA A 4 -8.13 17.49 -0.38
N LYS A 5 -8.05 17.74 -1.66
CA LYS A 5 -7.36 16.76 -2.56
C LYS A 5 -5.87 17.10 -2.67
N GLY A 6 -5.20 17.21 -1.55
CA GLY A 6 -3.75 17.54 -1.58
C GLY A 6 -3.13 17.26 -0.22
N LYS A 7 -2.06 16.50 -0.19
CA LYS A 7 -1.41 16.18 1.11
C LYS A 7 0.08 15.89 0.89
N SER A 8 0.87 15.94 1.93
CA SER A 8 2.33 15.68 1.77
C SER A 8 2.71 14.32 2.35
N GLU A 9 3.98 14.06 2.47
CA GLU A 9 4.44 12.75 3.01
C GLU A 9 3.78 12.45 4.35
N GLU A 10 3.75 13.42 5.24
CA GLU A 10 3.13 13.20 6.58
C GLU A 10 1.87 12.34 6.46
N GLU A 11 0.86 12.81 5.80
CA GLU A 11 -0.39 12.01 5.65
C GLU A 11 -0.06 10.61 5.13
N LEU A 12 0.60 10.53 4.01
CA LEU A 12 0.94 9.20 3.44
C LEU A 12 1.79 8.40 4.44
N ALA A 13 2.86 8.96 4.91
CA ALA A 13 3.74 8.24 5.88
C ALA A 13 2.89 7.66 7.02
N ASN A 14 2.07 8.46 7.64
CA ASN A 14 1.22 7.95 8.76
C ASN A 14 0.45 6.70 8.31
N CYS A 15 -0.21 6.77 7.19
CA CYS A 15 -0.98 5.59 6.71
C CYS A 15 -0.09 4.35 6.65
N PHE A 16 1.12 4.49 6.19
CA PHE A 16 2.03 3.31 6.11
C PHE A 16 1.93 2.45 7.36
N ARG A 17 2.31 2.97 8.50
CA ARG A 17 2.23 2.19 9.75
C ARG A 17 0.80 1.67 9.98
N ILE A 18 -0.18 2.48 9.69
CA ILE A 18 -1.60 2.05 9.90
C ILE A 18 -1.91 0.81 9.03
N PHE A 19 -1.30 0.71 7.88
CA PHE A 19 -1.58 -0.46 7.00
C PHE A 19 -0.87 -1.71 7.54
N ASP A 20 0.39 -1.60 7.86
CA ASP A 20 1.13 -2.79 8.38
C ASP A 20 0.54 -3.22 9.73
N LYS A 21 -0.26 -4.26 9.72
CA LYS A 21 -0.87 -4.73 11.00
C LYS A 21 0.17 -5.48 11.84
N ASN A 22 0.92 -6.36 11.23
CA ASN A 22 1.95 -7.11 11.99
C ASN A 22 3.08 -6.18 12.41
N ALA A 23 3.16 -5.02 11.82
CA ALA A 23 4.24 -4.06 12.19
C ALA A 23 5.62 -4.68 11.92
N ASP A 24 5.77 -5.36 10.82
CA ASP A 24 7.09 -5.99 10.52
C ASP A 24 8.03 -4.97 9.88
N GLY A 25 7.50 -3.88 9.40
CA GLY A 25 8.37 -2.84 8.76
C GLY A 25 8.07 -2.75 7.26
N PHE A 26 7.41 -3.73 6.71
CA PHE A 26 7.09 -3.69 5.25
C PHE A 26 5.77 -4.39 4.96
N ILE A 27 4.93 -3.80 4.16
CA ILE A 27 3.63 -4.44 3.83
C ILE A 27 3.81 -5.42 2.67
N ASP A 28 3.53 -6.68 2.89
CA ASP A 28 3.70 -7.67 1.80
C ASP A 28 2.39 -7.81 1.00
N ILE A 29 2.36 -8.72 0.06
CA ILE A 29 1.12 -8.92 -0.75
C ILE A 29 0.01 -9.49 0.12
N GLU A 30 0.32 -10.40 1.01
CA GLU A 30 -0.73 -11.00 1.87
C GLU A 30 -1.45 -9.91 2.66
N GLU A 31 -0.73 -9.12 3.40
CA GLU A 31 -1.38 -8.03 4.20
C GLU A 31 -2.39 -7.28 3.31
N LEU A 32 -2.05 -7.04 2.08
CA LEU A 32 -2.98 -6.31 1.18
C LEU A 32 -4.28 -7.12 1.02
N GLY A 33 -4.16 -8.39 0.72
CA GLY A 33 -5.38 -9.23 0.54
C GLY A 33 -6.30 -9.07 1.76
N GLU A 34 -5.89 -9.58 2.89
CA GLU A 34 -6.76 -9.46 4.10
C GLU A 34 -7.25 -8.02 4.25
N ILE A 35 -6.37 -7.06 4.10
CA ILE A 35 -6.79 -5.64 4.24
C ILE A 35 -8.05 -5.38 3.41
N LEU A 36 -7.95 -5.49 2.12
CA LEU A 36 -9.14 -5.25 1.26
C LEU A 36 -10.26 -6.25 1.58
N ARG A 37 -9.91 -7.50 1.72
CA ARG A 37 -10.95 -8.53 2.03
C ARG A 37 -11.74 -8.15 3.29
N ALA A 38 -11.08 -7.57 4.26
CA ALA A 38 -11.80 -7.18 5.51
C ALA A 38 -13.10 -6.45 5.16
N THR A 39 -13.13 -5.79 4.03
CA THR A 39 -14.37 -5.06 3.64
C THR A 39 -15.38 -6.03 3.03
N GLY A 40 -14.94 -6.85 2.12
CA GLY A 40 -15.88 -7.83 1.48
C GLY A 40 -16.03 -7.49 -0.01
N GLU A 41 -14.97 -7.04 -0.63
CA GLU A 41 -15.06 -6.69 -2.08
C GLU A 41 -14.48 -7.84 -2.92
N HIS A 42 -14.34 -9.00 -2.33
CA HIS A 42 -13.78 -10.17 -3.09
C HIS A 42 -12.65 -9.70 -4.03
N VAL A 43 -11.78 -8.86 -3.55
CA VAL A 43 -10.66 -8.38 -4.41
C VAL A 43 -9.79 -9.56 -4.85
N ILE A 44 -9.72 -9.81 -6.13
CA ILE A 44 -8.88 -10.95 -6.62
C ILE A 44 -7.41 -10.55 -6.62
N GLU A 45 -6.53 -11.49 -6.41
CA GLU A 45 -5.07 -11.17 -6.40
C GLU A 45 -4.72 -10.28 -7.60
N GLU A 46 -5.17 -10.63 -8.77
CA GLU A 46 -4.86 -9.80 -9.97
C GLU A 46 -4.96 -8.32 -9.63
N ASP A 47 -5.90 -7.95 -8.81
CA ASP A 47 -6.04 -6.51 -8.44
C ASP A 47 -5.07 -6.17 -7.31
N ILE A 48 -4.98 -7.04 -6.33
CA ILE A 48 -4.03 -6.78 -5.21
C ILE A 48 -2.60 -6.79 -5.74
N GLU A 49 -2.31 -7.67 -6.66
CA GLU A 49 -0.93 -7.73 -7.21
C GLU A 49 -0.55 -6.39 -7.85
N ASP A 50 -1.40 -5.87 -8.70
CA ASP A 50 -1.09 -4.57 -9.35
C ASP A 50 -0.57 -3.56 -8.32
N LEU A 51 -1.26 -3.43 -7.22
CA LEU A 51 -0.81 -2.47 -6.17
C LEU A 51 0.67 -2.73 -5.82
N MET A 52 1.06 -3.98 -5.76
CA MET A 52 2.47 -4.29 -5.42
C MET A 52 3.38 -3.95 -6.60
N LYS A 53 3.13 -4.53 -7.74
CA LYS A 53 3.99 -4.23 -8.93
C LYS A 53 4.28 -2.73 -9.02
N ASP A 54 3.26 -1.93 -9.21
CA ASP A 54 3.47 -0.47 -9.31
C ASP A 54 4.25 0.07 -8.10
N SER A 55 4.26 -0.65 -7.03
CA SER A 55 5.00 -0.19 -5.82
C SER A 55 6.34 -0.91 -5.70
N ASP A 56 6.31 -2.21 -5.53
CA ASP A 56 7.57 -2.98 -5.39
C ASP A 56 8.48 -2.75 -6.60
N LYS A 57 9.20 -1.67 -6.62
CA LYS A 57 10.10 -1.39 -7.76
C LYS A 57 11.48 -2.00 -7.49
N ASN A 58 11.51 -3.08 -6.76
CA ASN A 58 12.82 -3.74 -6.45
C ASN A 58 12.63 -5.25 -6.32
N ASN A 59 11.54 -5.77 -6.82
CA ASN A 59 11.29 -7.23 -6.72
C ASN A 59 11.36 -7.69 -5.26
N ASP A 60 11.17 -6.78 -4.35
CA ASP A 60 11.22 -7.16 -2.90
C ASP A 60 9.84 -7.66 -2.45
N GLY A 61 8.91 -7.77 -3.35
CA GLY A 61 7.55 -8.25 -2.98
C GLY A 61 7.12 -7.62 -1.66
N ARG A 62 7.43 -6.36 -1.45
CA ARG A 62 7.03 -5.70 -0.18
C ARG A 62 7.00 -4.18 -0.36
N ILE A 63 5.90 -3.55 -0.08
CA ILE A 63 5.81 -2.08 -0.23
C ILE A 63 6.39 -1.39 1.02
N ASP A 64 7.56 -0.81 0.91
CA ASP A 64 8.16 -0.14 2.09
C ASP A 64 7.95 1.38 2.00
N PHE A 65 8.94 2.14 2.39
CA PHE A 65 8.81 3.63 2.33
C PHE A 65 8.95 4.14 0.89
N ASP A 66 10.09 3.92 0.29
CA ASP A 66 10.29 4.39 -1.11
C ASP A 66 9.14 3.95 -2.01
N GLU A 67 8.86 2.68 -2.07
CA GLU A 67 7.75 2.18 -2.92
C GLU A 67 6.42 2.80 -2.49
N PHE A 68 6.08 2.67 -1.23
CA PHE A 68 4.78 3.25 -0.75
C PHE A 68 4.58 4.65 -1.32
N LEU A 69 5.56 5.49 -1.21
CA LEU A 69 5.43 6.89 -1.74
C LEU A 69 5.26 6.85 -3.26
N LYS A 70 5.94 5.96 -3.93
CA LYS A 70 5.82 5.88 -5.41
C LYS A 70 4.41 5.38 -5.79
N MET A 71 3.95 4.35 -5.14
CA MET A 71 2.59 3.82 -5.46
C MET A 71 1.55 4.89 -5.17
N MET A 72 1.69 5.59 -4.08
CA MET A 72 0.72 6.67 -3.74
C MET A 72 1.37 8.04 -3.91
N GLU A 73 2.12 8.23 -4.97
CA GLU A 73 2.78 9.54 -5.19
C GLU A 73 1.86 10.47 -6.00
N GLY A 74 1.11 11.30 -5.32
CA GLY A 74 0.19 12.22 -6.06
C GLY A 74 -0.53 11.47 -7.17
N VAL A 75 -0.97 10.28 -6.90
CA VAL A 75 -1.69 9.49 -7.93
C VAL A 75 -2.75 10.36 -8.62
N GLN A 76 -2.81 10.32 -9.93
CA GLN A 76 -3.82 11.14 -10.65
C GLN A 76 -3.91 12.53 -10.03
N GLU A 2 -5.95 24.60 13.69
CA GLU A 2 -5.90 23.11 13.81
C GLU A 2 -5.62 22.49 12.44
N ASP A 3 -5.54 21.19 12.38
CA ASP A 3 -5.27 20.50 11.08
C ASP A 3 -6.07 19.19 11.01
N ALA A 4 -7.37 19.28 11.08
CA ALA A 4 -8.20 18.03 11.04
C ALA A 4 -8.83 17.86 9.65
N LYS A 5 -8.04 17.74 8.62
CA LYS A 5 -8.60 17.55 7.26
C LYS A 5 -7.49 17.39 6.22
N GLY A 6 -7.85 17.13 4.99
CA GLY A 6 -6.82 16.96 3.92
C GLY A 6 -5.90 15.80 4.27
N LYS A 7 -5.47 15.06 3.27
CA LYS A 7 -4.56 13.91 3.52
C LYS A 7 -3.12 14.28 3.15
N SER A 8 -2.82 14.32 1.88
CA SER A 8 -1.44 14.69 1.46
C SER A 8 -0.40 13.74 2.07
N GLU A 9 0.77 13.69 1.48
CA GLU A 9 1.84 12.78 2.02
C GLU A 9 1.84 12.79 3.55
N GLU A 10 1.65 13.93 4.15
CA GLU A 10 1.65 14.00 5.64
C GLU A 10 0.80 12.86 6.23
N GLU A 11 -0.49 12.93 6.10
CA GLU A 11 -1.35 11.86 6.65
C GLU A 11 -0.94 10.51 6.08
N LEU A 12 -0.58 10.47 4.82
CA LEU A 12 -0.16 9.18 4.20
C LEU A 12 1.01 8.58 4.98
N ALA A 13 2.06 9.34 5.16
CA ALA A 13 3.23 8.80 5.92
C ALA A 13 2.74 8.06 7.17
N ASN A 14 2.16 8.79 8.09
CA ASN A 14 1.66 8.13 9.34
C ASN A 14 0.76 6.94 9.00
N CYS A 15 0.06 7.00 7.90
CA CYS A 15 -0.83 5.87 7.52
C CYS A 15 0.00 4.66 7.07
N PHE A 16 1.28 4.84 6.90
CA PHE A 16 2.14 3.71 6.45
C PHE A 16 2.05 2.54 7.45
N ARG A 17 2.32 2.80 8.70
CA ARG A 17 2.27 1.70 9.72
C ARG A 17 0.86 1.13 9.83
N ILE A 18 -0.15 1.93 9.62
CA ILE A 18 -1.54 1.42 9.72
C ILE A 18 -1.75 0.24 8.76
N PHE A 19 -1.03 0.22 7.67
CA PHE A 19 -1.17 -0.90 6.69
C PHE A 19 -0.37 -2.12 7.16
N ASP A 20 0.74 -1.89 7.82
CA ASP A 20 1.56 -3.05 8.29
C ASP A 20 0.93 -3.66 9.55
N LYS A 21 -0.07 -4.47 9.38
CA LYS A 21 -0.72 -5.10 10.57
C LYS A 21 0.00 -6.40 10.96
N ASN A 22 1.30 -6.43 10.88
CA ASN A 22 2.03 -7.66 11.25
C ASN A 22 3.14 -7.34 12.26
N ALA A 23 4.37 -7.20 11.80
CA ALA A 23 5.48 -6.89 12.75
C ALA A 23 6.83 -6.90 12.03
N ASP A 24 6.85 -6.60 10.76
CA ASP A 24 8.15 -6.58 10.03
C ASP A 24 8.48 -5.16 9.59
N GLY A 25 7.54 -4.26 9.70
CA GLY A 25 7.80 -2.85 9.30
C GLY A 25 7.68 -2.72 7.78
N PHE A 26 7.13 -3.71 7.14
CA PHE A 26 6.99 -3.64 5.65
C PHE A 26 5.66 -4.25 5.21
N ILE A 27 5.03 -3.62 4.25
CA ILE A 27 3.73 -4.16 3.75
C ILE A 27 3.99 -5.22 2.68
N ASP A 28 3.45 -6.40 2.84
CA ASP A 28 3.69 -7.47 1.82
C ASP A 28 2.43 -7.77 1.02
N ILE A 29 2.50 -8.70 0.11
CA ILE A 29 1.32 -9.05 -0.73
C ILE A 29 0.21 -9.65 0.15
N GLU A 30 0.54 -10.54 1.04
CA GLU A 30 -0.50 -11.15 1.91
C GLU A 30 -1.19 -10.05 2.74
N GLU A 31 -0.42 -9.23 3.40
CA GLU A 31 -1.03 -8.15 4.21
C GLU A 31 -2.06 -7.37 3.38
N LEU A 32 -1.79 -7.19 2.11
CA LEU A 32 -2.75 -6.45 1.24
C LEU A 32 -4.11 -7.17 1.20
N GLY A 33 -4.10 -8.44 0.92
CA GLY A 33 -5.38 -9.20 0.84
C GLY A 33 -6.29 -8.81 1.99
N GLU A 34 -6.05 -9.32 3.17
CA GLU A 34 -6.92 -8.99 4.33
C GLU A 34 -7.27 -7.50 4.33
N ILE A 35 -6.30 -6.65 4.13
CA ILE A 35 -6.60 -5.19 4.11
C ILE A 35 -7.67 -4.88 3.07
N LEU A 36 -7.43 -5.21 1.83
CA LEU A 36 -8.46 -4.95 0.77
C LEU A 36 -9.75 -5.71 1.09
N ARG A 37 -9.64 -6.96 1.48
CA ARG A 37 -10.86 -7.75 1.80
C ARG A 37 -11.64 -7.08 2.94
N ALA A 38 -10.95 -6.54 3.91
CA ALA A 38 -11.65 -5.87 5.04
C ALA A 38 -12.66 -4.85 4.50
N THR A 39 -12.26 -4.09 3.52
CA THR A 39 -13.20 -3.06 2.96
C THR A 39 -14.43 -3.75 2.35
N GLY A 40 -14.30 -5.00 1.99
CA GLY A 40 -15.47 -5.71 1.39
C GLY A 40 -15.68 -5.23 -0.05
N GLU A 41 -14.62 -5.16 -0.82
CA GLU A 41 -14.75 -4.68 -2.23
C GLU A 41 -14.47 -5.82 -3.20
N HIS A 42 -14.44 -7.04 -2.73
CA HIS A 42 -14.17 -8.20 -3.63
C HIS A 42 -12.85 -7.99 -4.37
N VAL A 43 -11.82 -7.62 -3.67
CA VAL A 43 -10.50 -7.41 -4.34
C VAL A 43 -9.81 -8.75 -4.57
N ILE A 44 -10.10 -9.40 -5.67
CA ILE A 44 -9.45 -10.71 -5.96
C ILE A 44 -7.93 -10.55 -5.98
N GLU A 45 -7.22 -11.58 -5.61
CA GLU A 45 -5.72 -11.50 -5.59
C GLU A 45 -5.18 -10.94 -6.91
N GLU A 46 -5.69 -11.42 -8.01
CA GLU A 46 -5.19 -10.93 -9.34
C GLU A 46 -4.92 -9.42 -9.30
N ASP A 47 -5.78 -8.67 -8.66
CA ASP A 47 -5.58 -7.20 -8.57
C ASP A 47 -4.49 -6.90 -7.55
N ILE A 48 -4.59 -7.51 -6.40
CA ILE A 48 -3.56 -7.28 -5.34
C ILE A 48 -2.19 -7.70 -5.87
N GLU A 49 -2.14 -8.78 -6.61
CA GLU A 49 -0.83 -9.23 -7.15
C GLU A 49 -0.18 -8.09 -7.94
N ASP A 50 -0.95 -7.40 -8.73
CA ASP A 50 -0.39 -6.27 -9.53
C ASP A 50 0.05 -5.14 -8.60
N LEU A 51 -0.71 -4.90 -7.57
CA LEU A 51 -0.35 -3.81 -6.62
C LEU A 51 1.12 -3.92 -6.17
N MET A 52 1.58 -5.10 -5.89
CA MET A 52 3.01 -5.26 -5.46
C MET A 52 3.95 -4.98 -6.64
N LYS A 53 3.64 -5.50 -7.79
CA LYS A 53 4.52 -5.27 -8.97
C LYS A 53 4.55 -3.77 -9.32
N ASP A 54 3.42 -3.12 -9.30
CA ASP A 54 3.38 -1.67 -9.61
C ASP A 54 4.08 -0.87 -8.51
N SER A 55 4.26 -1.45 -7.36
CA SER A 55 4.93 -0.71 -6.25
C SER A 55 6.40 -1.11 -6.15
N ASP A 56 6.67 -2.36 -5.85
CA ASP A 56 8.09 -2.82 -5.72
C ASP A 56 8.96 -2.19 -6.82
N LYS A 57 9.55 -1.07 -6.54
CA LYS A 57 10.43 -0.43 -7.58
C LYS A 57 11.80 -1.11 -7.61
N ASN A 58 11.97 -2.15 -6.84
CA ASN A 58 13.28 -2.86 -6.82
C ASN A 58 13.06 -4.37 -6.71
N ASN A 59 11.83 -4.80 -6.81
CA ASN A 59 11.55 -6.27 -6.71
C ASN A 59 12.05 -6.81 -5.37
N ASP A 60 11.51 -6.32 -4.28
CA ASP A 60 11.95 -6.80 -2.95
C ASP A 60 10.93 -7.79 -2.38
N GLY A 61 9.83 -7.97 -3.06
CA GLY A 61 8.79 -8.92 -2.57
C GLY A 61 7.83 -8.20 -1.62
N ARG A 62 8.09 -6.96 -1.30
CA ARG A 62 7.19 -6.22 -0.37
C ARG A 62 7.24 -4.72 -0.65
N ILE A 63 6.21 -4.00 -0.26
CA ILE A 63 6.19 -2.53 -0.49
C ILE A 63 6.81 -1.81 0.72
N ASP A 64 7.50 -0.73 0.49
CA ASP A 64 8.13 0.00 1.63
C ASP A 64 7.61 1.43 1.70
N PHE A 65 8.30 2.29 2.41
CA PHE A 65 7.83 3.71 2.52
C PHE A 65 7.87 4.41 1.16
N ASP A 66 8.97 4.38 0.48
CA ASP A 66 9.05 5.07 -0.85
C ASP A 66 8.03 4.48 -1.82
N GLU A 67 8.08 3.20 -2.06
CA GLU A 67 7.11 2.57 -3.00
C GLU A 67 5.68 2.82 -2.53
N PHE A 68 5.41 2.66 -1.26
CA PHE A 68 4.04 2.91 -0.73
C PHE A 68 3.53 4.27 -1.24
N LEU A 69 4.26 5.31 -0.99
CA LEU A 69 3.83 6.66 -1.44
C LEU A 69 3.49 6.62 -2.94
N LYS A 70 4.37 6.13 -3.75
CA LYS A 70 4.10 6.08 -5.22
C LYS A 70 2.70 5.52 -5.49
N MET A 71 2.41 4.33 -5.03
CA MET A 71 1.06 3.75 -5.28
C MET A 71 -0.03 4.77 -4.95
N MET A 72 0.02 5.34 -3.78
CA MET A 72 -1.01 6.33 -3.39
C MET A 72 -1.00 7.52 -4.35
N GLU A 73 0.16 7.92 -4.80
CA GLU A 73 0.25 9.07 -5.76
C GLU A 73 -0.73 10.19 -5.39
N GLY A 74 -0.92 10.43 -4.11
CA GLY A 74 -1.86 11.52 -3.69
C GLY A 74 -3.11 11.49 -4.56
N VAL A 75 -3.63 10.32 -4.84
CA VAL A 75 -4.84 10.23 -5.68
C VAL A 75 -5.98 11.07 -5.08
N GLN A 76 -6.53 11.96 -5.86
CA GLN A 76 -7.65 12.81 -5.34
C GLN A 76 -7.35 13.29 -3.91
N GLU A 2 -11.93 9.31 3.99
CA GLU A 2 -11.34 8.27 3.11
C GLU A 2 -10.31 8.90 2.17
N ASP A 3 -10.75 9.71 1.24
CA ASP A 3 -9.80 10.35 0.30
C ASP A 3 -10.36 11.68 -0.21
N ALA A 4 -9.53 12.70 -0.28
CA ALA A 4 -10.02 14.02 -0.76
C ALA A 4 -9.07 14.57 -1.82
N LYS A 5 -9.19 15.84 -2.12
CA LYS A 5 -8.29 16.45 -3.15
C LYS A 5 -7.15 17.22 -2.47
N GLY A 6 -5.93 16.91 -2.81
CA GLY A 6 -4.78 17.61 -2.17
C GLY A 6 -4.52 17.02 -0.80
N LYS A 7 -4.28 15.72 -0.73
CA LYS A 7 -4.03 15.08 0.59
C LYS A 7 -2.59 15.31 1.03
N SER A 8 -2.39 15.65 2.27
CA SER A 8 -1.00 15.87 2.78
C SER A 8 -0.31 14.52 2.99
N GLU A 9 0.94 14.42 2.63
CA GLU A 9 1.66 13.12 2.81
C GLU A 9 1.42 12.58 4.22
N GLU A 10 1.28 13.44 5.19
CA GLU A 10 1.06 12.97 6.59
C GLU A 10 0.06 11.81 6.60
N GLU A 11 -1.08 11.98 5.98
CA GLU A 11 -2.09 10.89 5.96
C GLU A 11 -1.43 9.57 5.57
N LEU A 12 -1.00 9.45 4.35
CA LEU A 12 -0.34 8.18 3.89
C LEU A 12 0.72 7.75 4.92
N ALA A 13 1.72 8.56 5.12
CA ALA A 13 2.78 8.20 6.10
C ALA A 13 2.17 7.59 7.36
N ASN A 14 1.10 8.15 7.84
CA ASN A 14 0.44 7.61 9.07
C ASN A 14 -0.30 6.31 8.75
N CYS A 15 -1.23 6.36 7.84
CA CYS A 15 -2.00 5.12 7.48
C CYS A 15 -1.06 3.94 7.23
N PHE A 16 0.15 4.21 6.81
CA PHE A 16 1.09 3.08 6.56
C PHE A 16 1.06 2.09 7.72
N ARG A 17 1.18 2.57 8.92
CA ARG A 17 1.16 1.67 10.11
C ARG A 17 -0.13 0.84 10.14
N ILE A 18 -1.25 1.47 9.85
CA ILE A 18 -2.54 0.72 9.88
C ILE A 18 -2.48 -0.49 8.93
N PHE A 19 -1.95 -0.31 7.76
CA PHE A 19 -1.87 -1.44 6.79
C PHE A 19 -0.93 -2.53 7.33
N ASP A 20 0.15 -2.13 7.94
CA ASP A 20 1.10 -3.14 8.48
C ASP A 20 0.45 -3.92 9.64
N LYS A 21 -0.22 -5.00 9.35
CA LYS A 21 -0.86 -5.79 10.43
C LYS A 21 0.20 -6.33 11.38
N ASN A 22 1.40 -6.53 10.88
CA ASN A 22 2.49 -7.06 11.75
C ASN A 22 3.46 -5.92 12.08
N ALA A 23 4.60 -6.25 12.65
CA ALA A 23 5.58 -5.18 13.01
C ALA A 23 6.90 -5.41 12.27
N ASP A 24 6.90 -5.32 10.97
CA ASP A 24 8.18 -5.54 10.21
C ASP A 24 8.60 -4.24 9.52
N GLY A 25 7.67 -3.43 9.13
CA GLY A 25 8.03 -2.15 8.46
C GLY A 25 7.84 -2.29 6.95
N PHE A 26 7.28 -3.38 6.51
CA PHE A 26 7.05 -3.58 5.05
C PHE A 26 5.84 -4.50 4.82
N ILE A 27 4.91 -4.07 4.01
CA ILE A 27 3.71 -4.93 3.75
C ILE A 27 4.01 -5.98 2.67
N ASP A 28 3.50 -7.17 2.84
CA ASP A 28 3.76 -8.24 1.83
C ASP A 28 2.49 -8.50 1.01
N ILE A 29 2.58 -9.31 -0.01
CA ILE A 29 1.37 -9.59 -0.84
C ILE A 29 0.24 -10.14 0.04
N GLU A 30 0.56 -11.02 0.95
CA GLU A 30 -0.49 -11.59 1.84
C GLU A 30 -1.23 -10.46 2.56
N GLU A 31 -0.51 -9.67 3.31
CA GLU A 31 -1.18 -8.54 4.04
C GLU A 31 -2.08 -7.76 3.06
N LEU A 32 -1.60 -7.51 1.89
CA LEU A 32 -2.40 -6.77 0.88
C LEU A 32 -3.84 -7.30 0.84
N GLY A 33 -4.02 -8.57 1.08
CA GLY A 33 -5.38 -9.17 1.03
C GLY A 33 -6.20 -8.71 2.25
N GLU A 34 -5.92 -9.26 3.40
CA GLU A 34 -6.69 -8.87 4.61
C GLU A 34 -6.90 -7.35 4.65
N ILE A 35 -5.86 -6.60 4.47
CA ILE A 35 -6.00 -5.11 4.48
C ILE A 35 -7.18 -4.69 3.59
N LEU A 36 -7.07 -4.91 2.31
CA LEU A 36 -8.18 -4.51 1.39
C LEU A 36 -9.48 -5.24 1.79
N ARG A 37 -9.45 -6.55 1.83
CA ARG A 37 -10.68 -7.30 2.20
C ARG A 37 -11.31 -6.71 3.47
N ALA A 38 -10.50 -6.17 4.35
CA ALA A 38 -11.05 -5.58 5.61
C ALA A 38 -12.13 -4.55 5.28
N THR A 39 -11.81 -3.58 4.46
CA THR A 39 -12.82 -2.54 4.12
C THR A 39 -13.95 -3.17 3.29
N GLY A 40 -14.43 -2.49 2.29
CA GLY A 40 -15.53 -3.04 1.45
C GLY A 40 -15.03 -3.19 0.01
N GLU A 41 -13.75 -3.05 -0.19
CA GLU A 41 -13.20 -3.17 -1.57
C GLU A 41 -12.99 -4.64 -1.96
N HIS A 42 -13.94 -5.20 -2.67
CA HIS A 42 -13.78 -6.63 -3.10
C HIS A 42 -12.61 -6.74 -4.08
N VAL A 43 -11.44 -7.04 -3.60
CA VAL A 43 -10.26 -7.14 -4.50
C VAL A 43 -9.89 -8.60 -4.76
N ILE A 44 -9.40 -8.90 -5.94
CA ILE A 44 -9.01 -10.31 -6.25
C ILE A 44 -7.49 -10.41 -6.43
N GLU A 45 -6.96 -11.59 -6.29
CA GLU A 45 -5.48 -11.77 -6.44
C GLU A 45 -4.96 -10.97 -7.63
N GLU A 46 -5.59 -11.09 -8.77
CA GLU A 46 -5.11 -10.35 -9.96
C GLU A 46 -4.83 -8.88 -9.60
N ASP A 47 -5.57 -8.32 -8.68
CA ASP A 47 -5.33 -6.90 -8.30
C ASP A 47 -4.25 -6.85 -7.21
N ILE A 48 -4.40 -7.65 -6.20
CA ILE A 48 -3.38 -7.66 -5.12
C ILE A 48 -2.02 -8.04 -5.69
N GLU A 49 -1.99 -9.01 -6.55
CA GLU A 49 -0.70 -9.42 -7.17
C GLU A 49 -0.07 -8.25 -7.91
N ASP A 50 -0.75 -7.72 -8.89
CA ASP A 50 -0.21 -6.56 -9.65
C ASP A 50 0.24 -5.46 -8.70
N LEU A 51 -0.57 -5.14 -7.72
CA LEU A 51 -0.19 -4.07 -6.75
C LEU A 51 1.24 -4.27 -6.25
N MET A 52 1.60 -5.48 -5.91
CA MET A 52 2.98 -5.72 -5.41
C MET A 52 3.98 -5.37 -6.49
N LYS A 53 3.78 -5.85 -7.68
CA LYS A 53 4.72 -5.54 -8.79
C LYS A 53 4.58 -4.08 -9.21
N ASP A 54 3.38 -3.57 -9.19
CA ASP A 54 3.17 -2.15 -9.59
C ASP A 54 3.82 -1.20 -8.59
N SER A 55 4.14 -1.68 -7.42
CA SER A 55 4.77 -0.80 -6.39
C SER A 55 6.27 -1.08 -6.31
N ASP A 56 6.63 -2.28 -5.92
CA ASP A 56 8.08 -2.62 -5.79
C ASP A 56 8.90 -1.96 -6.90
N LYS A 57 9.69 -0.98 -6.55
CA LYS A 57 10.52 -0.30 -7.59
C LYS A 57 11.81 -1.09 -7.82
N ASN A 58 12.09 -2.05 -6.98
CA ASN A 58 13.33 -2.86 -7.17
C ASN A 58 13.00 -4.36 -7.06
N ASN A 59 11.74 -4.68 -6.92
CA ASN A 59 11.35 -6.12 -6.82
C ASN A 59 11.99 -6.76 -5.59
N ASP A 60 11.90 -6.13 -4.45
CA ASP A 60 12.49 -6.73 -3.22
C ASP A 60 11.54 -7.77 -2.63
N GLY A 61 10.33 -7.82 -3.12
CA GLY A 61 9.36 -8.82 -2.59
C GLY A 61 8.50 -8.17 -1.49
N ARG A 62 8.62 -6.88 -1.32
CA ARG A 62 7.81 -6.20 -0.27
C ARG A 62 7.69 -4.70 -0.57
N ILE A 63 6.54 -4.13 -0.34
CA ILE A 63 6.35 -2.68 -0.64
C ILE A 63 6.85 -1.83 0.54
N ASP A 64 7.78 -0.95 0.30
CA ASP A 64 8.30 -0.10 1.41
C ASP A 64 7.67 1.30 1.35
N PHE A 65 8.12 2.19 2.18
CA PHE A 65 7.54 3.58 2.19
C PHE A 65 7.60 4.20 0.79
N ASP A 66 8.75 4.27 0.20
CA ASP A 66 8.87 4.88 -1.15
C ASP A 66 7.84 4.28 -2.10
N GLU A 67 7.92 3.00 -2.37
CA GLU A 67 6.95 2.37 -3.30
C GLU A 67 5.51 2.60 -2.83
N PHE A 68 5.27 2.59 -1.54
CA PHE A 68 3.88 2.83 -1.05
C PHE A 68 3.42 4.23 -1.44
N LEU A 69 4.16 5.24 -1.07
CA LEU A 69 3.76 6.63 -1.42
C LEU A 69 3.55 6.76 -2.93
N LYS A 70 4.42 6.18 -3.71
CA LYS A 70 4.28 6.28 -5.19
C LYS A 70 2.92 5.72 -5.65
N MET A 71 2.69 4.45 -5.43
CA MET A 71 1.40 3.83 -5.86
C MET A 71 0.22 4.55 -5.21
N MET A 72 0.24 4.74 -3.92
CA MET A 72 -0.89 5.44 -3.24
C MET A 72 -1.03 6.88 -3.76
N GLU A 73 0.06 7.48 -4.14
CA GLU A 73 0.00 8.88 -4.65
C GLU A 73 -0.77 8.93 -5.98
N GLY A 74 -2.07 8.86 -5.93
CA GLY A 74 -2.87 8.90 -7.18
C GLY A 74 -3.50 7.53 -7.43
N VAL A 75 -3.89 6.86 -6.38
CA VAL A 75 -4.50 5.51 -6.54
C VAL A 75 -5.92 5.61 -7.11
N GLN A 76 -6.44 4.53 -7.61
CA GLN A 76 -7.82 4.55 -8.20
C GLN A 76 -8.75 3.63 -7.40
N GLU A 2 -9.48 28.96 -4.73
CA GLU A 2 -8.05 28.53 -4.81
C GLU A 2 -7.91 27.06 -4.41
N ASP A 3 -7.02 26.35 -5.05
CA ASP A 3 -6.84 24.91 -4.71
C ASP A 3 -5.40 24.66 -4.24
N ALA A 4 -5.23 24.10 -3.08
CA ALA A 4 -3.84 23.83 -2.58
C ALA A 4 -3.90 23.05 -1.26
N LYS A 5 -2.76 22.76 -0.69
CA LYS A 5 -2.73 22.01 0.59
C LYS A 5 -3.32 20.61 0.40
N GLY A 6 -2.50 19.65 0.04
CA GLY A 6 -3.01 18.27 -0.17
C GLY A 6 -2.35 17.34 0.85
N LYS A 7 -2.03 16.14 0.45
CA LYS A 7 -1.38 15.19 1.41
C LYS A 7 0.14 15.29 1.29
N SER A 8 0.81 15.61 2.37
CA SER A 8 2.30 15.72 2.32
C SER A 8 2.94 14.39 2.70
N GLU A 9 4.16 14.16 2.29
CA GLU A 9 4.84 12.89 2.64
C GLU A 9 4.60 12.53 4.10
N GLU A 10 4.82 13.45 4.99
CA GLU A 10 4.60 13.17 6.44
C GLU A 10 3.26 12.45 6.63
N GLU A 11 2.19 13.04 6.20
CA GLU A 11 0.86 12.38 6.36
C GLU A 11 0.93 10.92 5.90
N LEU A 12 1.27 10.69 4.66
CA LEU A 12 1.34 9.29 4.16
C LEU A 12 2.35 8.48 5.00
N ALA A 13 3.50 9.04 5.26
CA ALA A 13 4.51 8.31 6.07
C ALA A 13 3.84 7.61 7.26
N ASN A 14 3.19 8.36 8.11
CA ASN A 14 2.52 7.73 9.28
C ASN A 14 1.64 6.55 8.82
N CYS A 15 0.76 6.78 7.89
CA CYS A 15 -0.11 5.67 7.40
C CYS A 15 0.73 4.41 7.19
N PHE A 16 1.97 4.57 6.82
CA PHE A 16 2.85 3.38 6.61
C PHE A 16 2.64 2.36 7.73
N ARG A 17 2.97 2.72 8.94
CA ARG A 17 2.80 1.77 10.07
C ARG A 17 1.32 1.43 10.28
N ILE A 18 0.44 2.34 9.95
CA ILE A 18 -1.01 2.08 10.13
C ILE A 18 -1.45 0.87 9.29
N PHE A 19 -1.12 0.86 8.03
CA PHE A 19 -1.52 -0.28 7.17
C PHE A 19 -0.91 -1.59 7.70
N ASP A 20 0.04 -1.49 8.59
CA ASP A 20 0.66 -2.72 9.14
C ASP A 20 -0.11 -3.19 10.38
N LYS A 21 -0.66 -4.37 10.33
CA LYS A 21 -1.43 -4.89 11.49
C LYS A 21 -0.67 -6.05 12.15
N ASN A 22 0.33 -6.55 11.50
CA ASN A 22 1.09 -7.69 12.07
C ASN A 22 2.49 -7.25 12.50
N ALA A 23 2.70 -5.96 12.60
CA ALA A 23 4.05 -5.46 13.03
C ALA A 23 5.16 -6.20 12.27
N ASP A 24 5.44 -5.79 11.06
CA ASP A 24 6.51 -6.47 10.28
C ASP A 24 7.55 -5.45 9.78
N GLY A 25 7.14 -4.23 9.59
CA GLY A 25 8.10 -3.19 9.12
C GLY A 25 7.89 -2.95 7.61
N PHE A 26 7.27 -3.88 6.94
CA PHE A 26 7.03 -3.70 5.48
C PHE A 26 5.78 -4.50 5.06
N ILE A 27 4.86 -3.85 4.39
CA ILE A 27 3.62 -4.56 3.95
C ILE A 27 3.90 -5.33 2.65
N ASP A 28 3.66 -6.62 2.65
CA ASP A 28 3.89 -7.43 1.43
C ASP A 28 2.57 -7.72 0.72
N ILE A 29 2.58 -8.60 -0.25
CA ILE A 29 1.32 -8.94 -0.97
C ILE A 29 0.32 -9.60 -0.03
N GLU A 30 0.79 -10.47 0.83
CA GLU A 30 -0.13 -11.16 1.77
C GLU A 30 -1.01 -10.15 2.51
N GLU A 31 -0.40 -9.15 3.11
CA GLU A 31 -1.19 -8.14 3.85
C GLU A 31 -2.22 -7.48 2.92
N LEU A 32 -1.81 -7.12 1.74
CA LEU A 32 -2.77 -6.48 0.78
C LEU A 32 -4.07 -7.29 0.72
N GLY A 33 -3.99 -8.58 0.84
CA GLY A 33 -5.22 -9.42 0.78
C GLY A 33 -6.19 -8.97 1.87
N GLU A 34 -6.03 -9.49 3.06
CA GLU A 34 -6.95 -9.10 4.18
C GLU A 34 -7.20 -7.59 4.14
N ILE A 35 -6.17 -6.81 3.95
CA ILE A 35 -6.35 -5.33 3.91
C ILE A 35 -7.44 -4.97 2.90
N LEU A 36 -7.37 -5.51 1.72
CA LEU A 36 -8.41 -5.20 0.69
C LEU A 36 -9.74 -5.84 1.09
N ARG A 37 -9.72 -7.10 1.46
CA ARG A 37 -10.98 -7.79 1.85
C ARG A 37 -11.73 -6.96 2.91
N ALA A 38 -11.02 -6.43 3.86
CA ALA A 38 -11.68 -5.62 4.93
C ALA A 38 -12.63 -4.60 4.31
N THR A 39 -12.33 -4.12 3.14
CA THR A 39 -13.22 -3.12 2.48
C THR A 39 -14.54 -3.77 2.08
N GLY A 40 -14.50 -5.00 1.64
CA GLY A 40 -15.76 -5.69 1.23
C GLY A 40 -15.93 -5.55 -0.28
N GLU A 41 -14.92 -5.85 -1.04
CA GLU A 41 -15.03 -5.74 -2.52
C GLU A 41 -14.69 -7.08 -3.18
N HIS A 42 -14.23 -8.03 -2.42
CA HIS A 42 -13.88 -9.36 -2.99
C HIS A 42 -12.81 -9.19 -4.08
N VAL A 43 -11.57 -9.14 -3.69
CA VAL A 43 -10.47 -8.98 -4.69
C VAL A 43 -9.68 -10.27 -4.83
N ILE A 44 -9.15 -10.54 -5.99
CA ILE A 44 -8.36 -11.78 -6.19
C ILE A 44 -6.89 -11.45 -6.44
N GLU A 45 -6.00 -12.35 -6.14
CA GLU A 45 -4.55 -12.09 -6.35
C GLU A 45 -4.31 -11.32 -7.65
N GLU A 46 -4.86 -11.80 -8.74
CA GLU A 46 -4.66 -11.09 -10.04
C GLU A 46 -4.79 -9.58 -9.84
N ASP A 47 -5.66 -9.16 -8.96
CA ASP A 47 -5.83 -7.70 -8.70
C ASP A 47 -4.83 -7.25 -7.62
N ILE A 48 -4.73 -8.02 -6.57
CA ILE A 48 -3.77 -7.65 -5.48
C ILE A 48 -2.34 -7.66 -6.02
N GLU A 49 -2.03 -8.60 -6.87
CA GLU A 49 -0.65 -8.67 -7.44
C GLU A 49 -0.28 -7.33 -8.06
N ASP A 50 -1.10 -6.83 -8.95
CA ASP A 50 -0.80 -5.53 -9.60
C ASP A 50 -0.35 -4.51 -8.55
N LEU A 51 -1.09 -4.39 -7.48
CA LEU A 51 -0.71 -3.43 -6.41
C LEU A 51 0.73 -3.65 -5.96
N MET A 52 1.09 -4.88 -5.69
CA MET A 52 2.49 -5.17 -5.25
C MET A 52 3.45 -4.88 -6.40
N LYS A 53 3.17 -5.42 -7.56
CA LYS A 53 4.07 -5.18 -8.73
C LYS A 53 4.15 -3.68 -9.04
N ASP A 54 3.03 -3.00 -8.98
CA ASP A 54 3.04 -1.54 -9.26
C ASP A 54 3.82 -0.79 -8.18
N SER A 55 3.72 -1.24 -6.95
CA SER A 55 4.47 -0.55 -5.85
C SER A 55 5.93 -0.99 -5.85
N ASP A 56 6.18 -2.27 -5.90
CA ASP A 56 7.59 -2.76 -5.88
C ASP A 56 8.43 -2.00 -6.91
N LYS A 57 9.04 -0.92 -6.52
CA LYS A 57 9.88 -0.15 -7.47
C LYS A 57 11.25 -0.83 -7.61
N ASN A 58 11.61 -1.65 -6.66
CA ASN A 58 12.92 -2.35 -6.73
C ASN A 58 12.70 -3.86 -6.69
N ASN A 59 11.47 -4.30 -6.62
CA ASN A 59 11.19 -5.76 -6.58
C ASN A 59 11.74 -6.38 -5.30
N ASP A 60 11.41 -5.82 -4.17
CA ASP A 60 11.91 -6.40 -2.89
C ASP A 60 10.90 -7.38 -2.31
N GLY A 61 9.79 -7.57 -2.99
CA GLY A 61 8.76 -8.51 -2.49
C GLY A 61 7.99 -7.88 -1.33
N ARG A 62 8.17 -6.60 -1.11
CA ARG A 62 7.45 -5.93 0.01
C ARG A 62 7.24 -4.44 -0.30
N ILE A 63 6.09 -3.92 0.00
CA ILE A 63 5.84 -2.47 -0.26
C ILE A 63 6.40 -1.61 0.88
N ASP A 64 7.08 -0.56 0.56
CA ASP A 64 7.65 0.32 1.62
C ASP A 64 7.06 1.73 1.53
N PHE A 65 7.66 2.67 2.20
CA PHE A 65 7.12 4.06 2.16
C PHE A 65 7.37 4.67 0.77
N ASP A 66 8.47 4.34 0.15
CA ASP A 66 8.75 4.91 -1.20
C ASP A 66 7.74 4.39 -2.22
N GLU A 67 7.51 3.12 -2.26
CA GLU A 67 6.54 2.55 -3.24
C GLU A 67 5.10 2.93 -2.83
N PHE A 68 4.70 2.57 -1.64
CA PHE A 68 3.31 2.89 -1.20
C PHE A 68 2.98 4.35 -1.55
N LEU A 69 3.88 5.26 -1.30
CA LEU A 69 3.61 6.69 -1.62
C LEU A 69 3.25 6.83 -3.10
N LYS A 70 3.94 6.13 -3.96
CA LYS A 70 3.63 6.23 -5.41
C LYS A 70 2.19 5.79 -5.69
N MET A 71 1.82 4.61 -5.27
CA MET A 71 0.43 4.13 -5.50
C MET A 71 -0.55 5.24 -5.10
N MET A 72 -0.40 5.78 -3.93
CA MET A 72 -1.31 6.86 -3.47
C MET A 72 -1.14 8.11 -4.32
N GLU A 73 0.04 8.33 -4.84
CA GLU A 73 0.28 9.54 -5.68
C GLU A 73 -0.39 10.77 -5.05
N GLY A 74 -0.82 11.70 -5.86
CA GLY A 74 -1.48 12.92 -5.31
C GLY A 74 -2.97 12.89 -5.65
N VAL A 75 -3.59 11.73 -5.60
CA VAL A 75 -5.04 11.64 -5.92
C VAL A 75 -5.81 12.77 -5.22
N GLN A 76 -6.90 13.20 -5.78
CA GLN A 76 -7.69 14.28 -5.14
C GLN A 76 -6.79 15.47 -4.82
N GLU A 2 -0.10 21.83 8.20
CA GLU A 2 0.41 22.12 6.82
C GLU A 2 0.02 20.98 5.88
N ASP A 3 -0.29 21.31 4.65
CA ASP A 3 -0.68 20.23 3.68
C ASP A 3 0.14 20.37 2.39
N ALA A 4 0.03 19.42 1.51
CA ALA A 4 0.80 19.49 0.23
C ALA A 4 -0.15 19.40 -0.95
N LYS A 5 -1.33 19.95 -0.84
CA LYS A 5 -2.30 19.90 -1.97
C LYS A 5 -2.82 18.48 -2.16
N GLY A 6 -3.60 17.99 -1.24
CA GLY A 6 -4.15 16.61 -1.39
C GLY A 6 -3.46 15.66 -0.41
N LYS A 7 -3.64 15.88 0.87
CA LYS A 7 -3.00 14.99 1.88
C LYS A 7 -1.48 15.10 1.80
N SER A 8 -0.87 15.63 2.82
CA SER A 8 0.62 15.76 2.81
C SER A 8 1.27 14.40 3.02
N GLU A 9 2.36 14.12 2.35
CA GLU A 9 3.04 12.81 2.52
C GLU A 9 3.05 12.40 4.00
N GLU A 10 3.38 13.31 4.87
CA GLU A 10 3.40 12.97 6.32
C GLU A 10 2.12 12.23 6.70
N GLU A 11 0.98 12.70 6.25
CA GLU A 11 -0.30 12.02 6.60
C GLU A 11 -0.25 10.55 6.20
N LEU A 12 -0.06 10.27 4.94
CA LEU A 12 0.00 8.85 4.49
C LEU A 12 0.99 8.05 5.33
N ALA A 13 2.21 8.51 5.42
CA ALA A 13 3.22 7.78 6.24
C ALA A 13 2.59 7.29 7.55
N ASN A 14 1.90 8.15 8.24
CA ASN A 14 1.26 7.74 9.52
C ASN A 14 0.37 6.50 9.29
N CYS A 15 -0.39 6.51 8.23
CA CYS A 15 -1.28 5.34 7.95
C CYS A 15 -0.44 4.08 7.70
N PHE A 16 0.82 4.26 7.39
CA PHE A 16 1.69 3.07 7.12
C PHE A 16 1.61 2.09 8.30
N ARG A 17 1.90 2.55 9.48
CA ARG A 17 1.83 1.64 10.66
C ARG A 17 0.45 1.01 10.77
N ILE A 18 -0.57 1.73 10.38
CA ILE A 18 -1.95 1.17 10.45
C ILE A 18 -2.10 0.02 9.44
N PHE A 19 -1.53 0.17 8.28
CA PHE A 19 -1.64 -0.93 7.27
C PHE A 19 -0.89 -2.17 7.74
N ASP A 20 0.35 -2.02 8.13
CA ASP A 20 1.13 -3.19 8.62
C ASP A 20 0.62 -3.63 10.00
N LYS A 21 0.23 -4.86 10.13
CA LYS A 21 -0.27 -5.35 11.44
C LYS A 21 0.87 -6.01 12.23
N ASN A 22 2.09 -5.74 11.85
CA ASN A 22 3.23 -6.37 12.58
C ASN A 22 4.45 -5.43 12.55
N ALA A 23 5.49 -5.78 13.26
CA ALA A 23 6.70 -4.92 13.27
C ALA A 23 7.65 -5.30 12.14
N ASP A 24 7.12 -5.59 10.98
CA ASP A 24 8.00 -5.97 9.84
C ASP A 24 8.44 -4.72 9.07
N GLY A 25 7.70 -3.65 9.18
CA GLY A 25 8.07 -2.40 8.46
C GLY A 25 8.02 -2.64 6.96
N PHE A 26 7.33 -3.66 6.52
CA PHE A 26 7.24 -3.94 5.06
C PHE A 26 5.96 -4.70 4.74
N ILE A 27 5.09 -4.10 3.95
CA ILE A 27 3.82 -4.78 3.60
C ILE A 27 4.02 -5.73 2.42
N ASP A 28 3.55 -6.95 2.52
CA ASP A 28 3.72 -7.92 1.41
C ASP A 28 2.39 -8.13 0.68
N ILE A 29 2.28 -9.16 -0.11
CA ILE A 29 1.01 -9.42 -0.83
C ILE A 29 -0.01 -10.07 0.10
N GLU A 30 0.40 -11.03 0.89
CA GLU A 30 -0.55 -11.69 1.82
C GLU A 30 -1.29 -10.63 2.65
N GLU A 31 -0.55 -9.76 3.29
CA GLU A 31 -1.21 -8.70 4.11
C GLU A 31 -2.16 -7.88 3.24
N LEU A 32 -1.72 -7.51 2.06
CA LEU A 32 -2.59 -6.71 1.16
C LEU A 32 -3.96 -7.37 1.02
N GLY A 33 -4.00 -8.66 0.83
CA GLY A 33 -5.30 -9.37 0.68
C GLY A 33 -6.30 -8.84 1.72
N GLU A 34 -6.25 -9.34 2.92
CA GLU A 34 -7.20 -8.87 3.96
C GLU A 34 -7.26 -7.35 3.99
N ILE A 35 -6.13 -6.69 3.92
CA ILE A 35 -6.13 -5.21 3.93
C ILE A 35 -7.16 -4.68 2.92
N LEU A 36 -7.03 -5.04 1.67
CA LEU A 36 -8.00 -4.57 0.66
C LEU A 36 -9.37 -5.21 0.90
N ARG A 37 -9.41 -6.50 1.10
CA ARG A 37 -10.70 -7.19 1.35
C ARG A 37 -11.49 -6.44 2.43
N ALA A 38 -10.82 -5.95 3.43
CA ALA A 38 -11.53 -5.21 4.52
C ALA A 38 -12.40 -4.10 3.92
N THR A 39 -11.99 -3.52 2.84
CA THR A 39 -12.80 -2.44 2.21
C THR A 39 -14.24 -2.90 2.01
N GLY A 40 -14.43 -4.15 1.71
CA GLY A 40 -15.82 -4.67 1.50
C GLY A 40 -16.03 -4.97 0.01
N GLU A 41 -14.97 -5.24 -0.70
CA GLU A 41 -15.11 -5.54 -2.15
C GLU A 41 -14.54 -6.94 -2.45
N HIS A 42 -14.77 -7.43 -3.64
CA HIS A 42 -14.25 -8.79 -3.99
C HIS A 42 -12.87 -8.66 -4.65
N VAL A 43 -11.86 -8.41 -3.88
CA VAL A 43 -10.48 -8.27 -4.46
C VAL A 43 -9.79 -9.64 -4.51
N ILE A 44 -8.95 -9.85 -5.49
CA ILE A 44 -8.24 -11.16 -5.59
C ILE A 44 -6.74 -10.92 -5.84
N GLU A 45 -5.91 -11.81 -5.37
CA GLU A 45 -4.44 -11.65 -5.56
C GLU A 45 -4.14 -11.15 -6.98
N GLU A 46 -4.71 -11.79 -7.97
CA GLU A 46 -4.45 -11.36 -9.37
C GLU A 46 -4.50 -9.84 -9.46
N ASP A 47 -5.42 -9.21 -8.78
CA ASP A 47 -5.50 -7.73 -8.82
C ASP A 47 -4.53 -7.14 -7.79
N ILE A 48 -4.55 -7.65 -6.59
CA ILE A 48 -3.62 -7.15 -5.55
C ILE A 48 -2.18 -7.25 -6.07
N GLU A 49 -1.88 -8.30 -6.77
CA GLU A 49 -0.50 -8.47 -7.31
C GLU A 49 -0.13 -7.24 -8.15
N ASP A 50 -1.04 -6.76 -8.95
CA ASP A 50 -0.74 -5.56 -9.79
C ASP A 50 -0.30 -4.39 -8.90
N LEU A 51 -1.05 -4.08 -7.89
CA LEU A 51 -0.68 -2.95 -6.99
C LEU A 51 0.75 -3.15 -6.46
N MET A 52 1.13 -4.36 -6.20
CA MET A 52 2.51 -4.61 -5.68
C MET A 52 3.55 -4.45 -6.80
N LYS A 53 3.39 -5.17 -7.87
CA LYS A 53 4.36 -5.06 -8.99
C LYS A 53 4.63 -3.58 -9.32
N ASP A 54 3.60 -2.84 -9.61
CA ASP A 54 3.80 -1.39 -9.93
C ASP A 54 4.49 -0.68 -8.77
N SER A 55 4.21 -1.08 -7.56
CA SER A 55 4.85 -0.42 -6.38
C SER A 55 6.23 -1.02 -6.11
N ASP A 56 6.27 -2.29 -5.79
CA ASP A 56 7.59 -2.95 -5.51
C ASP A 56 8.66 -2.46 -6.48
N LYS A 57 9.43 -1.48 -6.10
CA LYS A 57 10.49 -0.97 -7.00
C LYS A 57 11.68 -1.93 -6.98
N ASN A 58 11.86 -2.64 -5.89
CA ASN A 58 12.99 -3.61 -5.81
C ASN A 58 12.45 -5.04 -5.96
N ASN A 59 11.17 -5.19 -6.17
CA ASN A 59 10.59 -6.54 -6.33
C ASN A 59 10.84 -7.38 -5.07
N ASP A 60 11.17 -6.75 -3.98
CA ASP A 60 11.41 -7.51 -2.72
C ASP A 60 10.16 -8.29 -2.33
N GLY A 61 9.05 -7.97 -2.92
CA GLY A 61 7.78 -8.70 -2.58
C GLY A 61 6.98 -7.90 -1.55
N ARG A 62 7.38 -6.69 -1.28
CA ARG A 62 6.63 -5.86 -0.28
C ARG A 62 6.75 -4.37 -0.62
N ILE A 63 5.70 -3.62 -0.42
CA ILE A 63 5.77 -2.16 -0.73
C ILE A 63 6.38 -1.40 0.44
N ASP A 64 7.24 -0.46 0.17
CA ASP A 64 7.87 0.32 1.29
C ASP A 64 7.37 1.77 1.26
N PHE A 65 7.84 2.58 2.17
CA PHE A 65 7.39 4.00 2.20
C PHE A 65 7.57 4.66 0.82
N ASP A 66 8.67 4.40 0.17
CA ASP A 66 8.90 5.00 -1.17
C ASP A 66 7.91 4.46 -2.20
N GLU A 67 7.90 3.17 -2.40
CA GLU A 67 6.97 2.58 -3.41
C GLU A 67 5.51 2.89 -3.06
N PHE A 68 5.16 2.88 -1.79
CA PHE A 68 3.76 3.16 -1.41
C PHE A 68 3.34 4.56 -1.89
N LEU A 69 4.04 5.58 -1.49
CA LEU A 69 3.69 6.96 -1.92
C LEU A 69 3.28 6.96 -3.40
N LYS A 70 4.08 6.38 -4.25
CA LYS A 70 3.72 6.35 -5.70
C LYS A 70 2.42 5.58 -5.90
N MET A 71 2.22 4.52 -5.17
CA MET A 71 0.97 3.72 -5.31
C MET A 71 -0.24 4.63 -5.08
N MET A 72 -0.21 5.42 -4.04
CA MET A 72 -1.35 6.34 -3.75
C MET A 72 -1.44 7.44 -4.82
N GLU A 73 -0.41 7.60 -5.60
CA GLU A 73 -0.43 8.66 -6.65
C GLU A 73 -1.12 8.14 -7.91
N GLY A 74 -1.14 6.84 -8.09
CA GLY A 74 -1.79 6.27 -9.30
C GLY A 74 -2.62 5.04 -8.90
N VAL A 75 -3.37 5.13 -7.84
CA VAL A 75 -4.19 3.97 -7.41
C VAL A 75 -5.04 3.46 -8.57
N GLN A 76 -4.74 2.29 -9.08
CA GLN A 76 -5.53 1.75 -10.22
C GLN A 76 -4.87 0.48 -10.76
N GLU A 2 -8.47 27.31 4.37
CA GLU A 2 -7.46 26.51 3.62
C GLU A 2 -7.99 25.09 3.37
N ASP A 3 -7.71 24.54 2.23
CA ASP A 3 -8.21 23.17 1.93
C ASP A 3 -7.31 22.12 2.58
N ALA A 4 -7.88 21.13 3.21
CA ALA A 4 -7.05 20.08 3.86
C ALA A 4 -7.83 18.78 3.96
N LYS A 5 -8.66 18.50 2.98
CA LYS A 5 -9.46 17.24 3.01
C LYS A 5 -8.82 16.19 2.10
N GLY A 6 -7.52 16.10 2.11
CA GLY A 6 -6.84 15.09 1.24
C GLY A 6 -5.70 14.43 2.03
N LYS A 7 -4.99 13.54 1.40
CA LYS A 7 -3.87 12.86 2.11
C LYS A 7 -2.53 13.46 1.70
N SER A 8 -1.97 14.31 2.53
CA SER A 8 -0.67 14.93 2.19
C SER A 8 0.47 13.93 2.40
N GLU A 9 1.60 14.14 1.77
CA GLU A 9 2.73 13.20 1.93
C GLU A 9 2.88 12.80 3.40
N GLU A 10 2.79 13.74 4.30
CA GLU A 10 2.93 13.41 5.75
C GLU A 10 1.85 12.41 6.18
N GLU A 11 0.63 12.60 5.76
CA GLU A 11 -0.46 11.67 6.14
C GLU A 11 -0.09 10.22 5.77
N LEU A 12 0.09 9.95 4.50
CA LEU A 12 0.44 8.56 4.09
C LEU A 12 1.56 8.00 4.97
N ALA A 13 2.65 8.71 5.09
CA ALA A 13 3.79 8.22 5.93
C ALA A 13 3.24 7.64 7.25
N ASN A 14 2.23 8.24 7.80
CA ASN A 14 1.67 7.72 9.09
C ASN A 14 0.84 6.45 8.84
N CYS A 15 0.04 6.44 7.81
CA CYS A 15 -0.79 5.23 7.53
C CYS A 15 0.09 3.99 7.42
N PHE A 16 1.34 4.15 7.09
CA PHE A 16 2.25 2.97 6.97
C PHE A 16 2.01 1.99 8.12
N ARG A 17 2.10 2.46 9.34
CA ARG A 17 1.88 1.57 10.50
C ARG A 17 0.42 1.11 10.55
N ILE A 18 -0.50 1.98 10.22
CA ILE A 18 -1.94 1.59 10.23
C ILE A 18 -2.18 0.38 9.33
N PHE A 19 -1.54 0.34 8.19
CA PHE A 19 -1.73 -0.81 7.26
C PHE A 19 -0.82 -1.97 7.66
N ASP A 20 0.28 -1.68 8.30
CA ASP A 20 1.21 -2.77 8.72
C ASP A 20 0.71 -3.43 10.01
N LYS A 21 0.05 -4.55 9.89
CA LYS A 21 -0.48 -5.24 11.10
C LYS A 21 0.67 -5.96 11.83
N ASN A 22 1.86 -5.84 11.33
CA ASN A 22 3.02 -6.53 11.99
C ASN A 22 4.18 -5.55 12.14
N ALA A 23 5.17 -5.91 12.92
CA ALA A 23 6.34 -5.00 13.10
C ALA A 23 7.40 -5.25 12.03
N ASP A 24 6.98 -5.68 10.86
CA ASP A 24 7.96 -5.94 9.78
C ASP A 24 8.42 -4.63 9.15
N GLY A 25 7.64 -3.60 9.25
CA GLY A 25 8.03 -2.28 8.66
C GLY A 25 7.77 -2.29 7.16
N PHE A 26 7.12 -3.30 6.66
CA PHE A 26 6.83 -3.35 5.20
C PHE A 26 5.57 -4.18 4.94
N ILE A 27 4.68 -3.70 4.11
CA ILE A 27 3.44 -4.47 3.82
C ILE A 27 3.66 -5.42 2.64
N ASP A 28 3.33 -6.66 2.79
CA ASP A 28 3.52 -7.64 1.68
C ASP A 28 2.19 -7.90 0.97
N ILE A 29 2.19 -8.75 -0.02
CA ILE A 29 0.92 -9.05 -0.74
C ILE A 29 -0.13 -9.60 0.24
N GLU A 30 0.27 -10.49 1.11
CA GLU A 30 -0.68 -11.06 2.09
C GLU A 30 -1.42 -9.94 2.83
N GLU A 31 -0.68 -9.00 3.38
CA GLU A 31 -1.33 -7.88 4.12
C GLU A 31 -2.30 -7.13 3.19
N LEU A 32 -1.92 -6.94 1.95
CA LEU A 32 -2.82 -6.21 1.00
C LEU A 32 -4.17 -6.94 0.86
N GLY A 33 -4.14 -8.22 0.60
CA GLY A 33 -5.41 -8.98 0.44
C GLY A 33 -6.34 -8.69 1.64
N GLU A 34 -6.04 -9.24 2.78
CA GLU A 34 -6.90 -9.00 3.97
C GLU A 34 -7.31 -7.52 4.04
N ILE A 35 -6.37 -6.63 3.90
CA ILE A 35 -6.71 -5.19 3.96
C ILE A 35 -7.87 -4.88 3.00
N LEU A 36 -7.69 -5.15 1.74
CA LEU A 36 -8.78 -4.87 0.76
C LEU A 36 -10.04 -5.67 1.11
N ARG A 37 -9.90 -6.93 1.40
CA ARG A 37 -11.09 -7.76 1.76
C ARG A 37 -11.84 -7.13 2.93
N ALA A 38 -11.13 -6.55 3.86
CA ALA A 38 -11.81 -5.92 5.03
C ALA A 38 -12.96 -5.02 4.57
N THR A 39 -12.75 -4.26 3.53
CA THR A 39 -13.83 -3.36 3.04
C THR A 39 -15.10 -4.17 2.75
N GLY A 40 -14.98 -5.26 2.05
CA GLY A 40 -16.19 -6.08 1.75
C GLY A 40 -16.27 -6.31 0.24
N GLU A 41 -15.16 -6.47 -0.42
CA GLU A 41 -15.18 -6.69 -1.89
C GLU A 41 -14.42 -7.98 -2.23
N HIS A 42 -14.83 -8.67 -3.26
CA HIS A 42 -14.13 -9.92 -3.64
C HIS A 42 -12.90 -9.61 -4.49
N VAL A 43 -11.97 -8.86 -3.96
CA VAL A 43 -10.75 -8.52 -4.74
C VAL A 43 -9.97 -9.79 -5.09
N ILE A 44 -9.17 -9.75 -6.11
CA ILE A 44 -8.39 -10.96 -6.50
C ILE A 44 -6.89 -10.64 -6.58
N GLU A 45 -6.06 -11.58 -6.27
CA GLU A 45 -4.59 -11.32 -6.33
C GLU A 45 -4.24 -10.59 -7.64
N GLU A 46 -4.74 -11.07 -8.74
CA GLU A 46 -4.43 -10.40 -10.05
C GLU A 46 -4.53 -8.88 -9.88
N ASP A 47 -5.43 -8.43 -9.06
CA ASP A 47 -5.57 -6.96 -8.85
C ASP A 47 -4.62 -6.52 -7.73
N ILE A 48 -4.55 -7.27 -6.68
CA ILE A 48 -3.63 -6.92 -5.56
C ILE A 48 -2.19 -6.98 -6.05
N GLU A 49 -1.87 -7.97 -6.85
CA GLU A 49 -0.48 -8.08 -7.36
C GLU A 49 -0.06 -6.78 -8.05
N ASP A 50 -0.90 -6.27 -8.91
CA ASP A 50 -0.55 -4.99 -9.61
C ASP A 50 -0.06 -3.96 -8.58
N LEU A 51 -0.85 -3.72 -7.57
CA LEU A 51 -0.43 -2.73 -6.53
C LEU A 51 0.99 -3.04 -6.05
N MET A 52 1.28 -4.31 -5.82
CA MET A 52 2.64 -4.68 -5.36
C MET A 52 3.64 -4.47 -6.49
N LYS A 53 3.38 -5.03 -7.64
CA LYS A 53 4.32 -4.86 -8.78
C LYS A 53 4.58 -3.37 -9.03
N ASP A 54 3.52 -2.61 -9.19
CA ASP A 54 3.71 -1.14 -9.44
C ASP A 54 4.50 -0.51 -8.29
N SER A 55 4.22 -0.91 -7.07
CA SER A 55 4.95 -0.33 -5.90
C SER A 55 6.35 -0.94 -5.82
N ASP A 56 6.46 -2.23 -5.68
CA ASP A 56 7.79 -2.88 -5.59
C ASP A 56 8.68 -2.45 -6.75
N LYS A 57 9.38 -1.35 -6.61
CA LYS A 57 10.28 -0.89 -7.70
C LYS A 57 11.45 -1.86 -7.84
N ASN A 58 11.70 -2.65 -6.83
CA ASN A 58 12.82 -3.63 -6.90
C ASN A 58 12.28 -5.04 -6.69
N ASN A 59 10.98 -5.20 -6.72
CA ASN A 59 10.40 -6.55 -6.52
C ASN A 59 10.93 -7.20 -5.25
N ASP A 60 10.33 -6.92 -4.13
CA ASP A 60 10.81 -7.52 -2.85
C ASP A 60 9.63 -8.13 -2.09
N GLY A 61 8.50 -8.28 -2.73
CA GLY A 61 7.31 -8.85 -2.06
C GLY A 61 6.95 -8.01 -0.84
N ARG A 62 7.35 -6.76 -0.83
CA ARG A 62 7.03 -5.89 0.33
C ARG A 62 7.10 -4.41 -0.08
N ILE A 63 6.03 -3.68 0.13
CA ILE A 63 6.02 -2.24 -0.25
C ILE A 63 6.65 -1.41 0.88
N ASP A 64 7.68 -0.68 0.61
CA ASP A 64 8.31 0.15 1.67
C ASP A 64 7.89 1.62 1.55
N PHE A 65 8.45 2.47 2.36
CA PHE A 65 8.08 3.91 2.30
C PHE A 65 8.14 4.43 0.86
N ASP A 66 9.27 4.31 0.22
CA ASP A 66 9.40 4.80 -1.18
C ASP A 66 8.35 4.14 -2.08
N GLU A 67 8.39 2.84 -2.21
CA GLU A 67 7.40 2.13 -3.08
C GLU A 67 5.97 2.46 -2.63
N PHE A 68 5.76 2.65 -1.36
CA PHE A 68 4.38 2.96 -0.87
C PHE A 68 3.87 4.26 -1.50
N LEU A 69 4.50 5.36 -1.22
CA LEU A 69 4.04 6.65 -1.79
C LEU A 69 3.78 6.51 -3.30
N LYS A 70 4.77 6.11 -4.05
CA LYS A 70 4.58 5.96 -5.52
C LYS A 70 3.29 5.18 -5.81
N MET A 71 2.99 4.19 -5.02
CA MET A 71 1.74 3.41 -5.25
C MET A 71 0.51 4.28 -4.97
N MET A 72 0.49 4.95 -3.86
CA MET A 72 -0.69 5.81 -3.52
C MET A 72 -0.51 7.21 -4.11
N GLU A 73 0.34 7.35 -5.10
CA GLU A 73 0.56 8.69 -5.70
C GLU A 73 -0.31 8.85 -6.96
N GLY A 74 -1.11 9.88 -7.02
CA GLY A 74 -1.98 10.08 -8.22
C GLY A 74 -3.14 9.11 -8.17
N VAL A 75 -3.90 9.13 -7.09
CA VAL A 75 -5.06 8.20 -6.98
C VAL A 75 -6.22 8.68 -7.84
N GLN A 76 -6.76 7.82 -8.66
CA GLN A 76 -7.91 8.24 -9.53
C GLN A 76 -8.52 7.01 -10.21
#